data_4MX8
#
_entry.id   4MX8
#
_cell.length_a   201.663
_cell.length_b   116.547
_cell.length_c   177.158
_cell.angle_alpha   90.00
_cell.angle_beta   112.19
_cell.angle_gamma   90.00
#
_symmetry.space_group_name_H-M   'C 1 2 1'
#
loop_
_entity.id
_entity.type
_entity.pdbx_description
1 polymer 'Periplasmic binding protein'
2 water water
#
_entity_poly.entity_id   1
_entity_poly.type   'polypeptide(L)'
_entity_poly.pdbx_seq_one_letter_code
;SNAGTADDSAETTPATASYTWDRNTATEEGADPVYEETTVEVPVDPQRIVVFD(MSE)AALDTIGALGGEIAGAPLDSVP
DYLEEYLADDAFNAGTLFEADLIAIEAQQPDLIVVGGRSSGLWADLNEIAPTIDLSLRGSYLDTLEQNTTFLGKVLGAEA
EAESVLAELEAGIAEAKAAVTEASGTGLGI(MSE)VSGGQLSALSPNTGNDPRGARGGLIYDVFGVQPVLEDIKAATHGE
PISFEFLLEHDPQWLWVVDRDAATGAEGAQAAKVVLDNEIVNRTTAATEDHVLYLNPTAWYIVFGGVETTRI(MSE)IDD
VLQVAAR
;
_entity_poly.pdbx_strand_id   A,B,C,D,E,F
#
# COMPACT_ATOMS: atom_id res chain seq x y z
N PRO A 14 -23.76 -10.55 -62.11
CA PRO A 14 -23.23 -9.24 -61.71
C PRO A 14 -23.76 -8.74 -60.34
N ALA A 15 -23.79 -9.63 -59.35
CA ALA A 15 -24.46 -9.38 -58.07
C ALA A 15 -23.73 -8.43 -57.11
N THR A 16 -24.44 -8.02 -56.06
CA THR A 16 -23.82 -7.39 -54.91
C THR A 16 -24.12 -8.18 -53.65
N ALA A 17 -23.36 -7.91 -52.59
CA ALA A 17 -23.55 -8.52 -51.29
C ALA A 17 -23.69 -7.39 -50.29
N SER A 18 -24.69 -7.48 -49.41
CA SER A 18 -24.97 -6.42 -48.46
C SER A 18 -24.16 -6.64 -47.19
N TYR A 19 -23.43 -5.61 -46.76
CA TYR A 19 -22.63 -5.71 -45.53
C TYR A 19 -23.08 -4.66 -44.50
N THR A 20 -23.54 -5.14 -43.35
CA THR A 20 -24.08 -4.26 -42.31
C THR A 20 -23.40 -4.51 -40.98
N TRP A 21 -22.85 -3.45 -40.40
CA TRP A 21 -22.12 -3.56 -39.16
C TRP A 21 -22.31 -2.32 -38.28
N ASP A 22 -21.95 -2.46 -37.01
CA ASP A 22 -22.00 -1.31 -36.10
C ASP A 22 -20.67 -0.55 -36.16
N ARG A 23 -20.65 0.50 -36.97
CA ARG A 23 -19.44 1.27 -37.25
C ARG A 23 -19.04 2.19 -36.11
N ASN A 24 -17.77 2.15 -35.73
CA ASN A 24 -17.28 3.15 -34.81
C ASN A 24 -17.11 4.46 -35.59
N THR A 25 -17.93 5.45 -35.25
CA THR A 25 -17.94 6.71 -35.98
C THR A 25 -16.79 7.61 -35.56
N ALA A 26 -16.07 7.22 -34.51
CA ALA A 26 -14.92 8.00 -34.08
C ALA A 26 -13.77 7.74 -35.05
N THR A 27 -13.03 8.81 -35.35
CA THR A 27 -11.89 8.69 -36.23
C THR A 27 -10.54 8.53 -35.49
N GLU A 28 -10.33 9.24 -34.38
CA GLU A 28 -9.22 8.93 -33.47
C GLU A 28 -9.44 7.53 -32.93
N GLU A 29 -8.38 6.74 -32.76
CA GLU A 29 -8.56 5.41 -32.16
C GLU A 29 -8.33 5.48 -30.65
N GLY A 30 -8.15 6.68 -30.14
CA GLY A 30 -8.00 6.84 -28.70
C GLY A 30 -9.27 7.38 -28.08
N ALA A 31 -10.26 7.64 -28.94
CA ALA A 31 -11.48 8.28 -28.50
C ALA A 31 -12.53 7.25 -28.10
N ASP A 32 -13.40 7.62 -27.15
CA ASP A 32 -14.53 6.75 -26.80
C ASP A 32 -15.39 6.55 -28.03
N PRO A 33 -15.56 5.28 -28.45
CA PRO A 33 -16.31 4.97 -29.67
C PRO A 33 -17.77 5.33 -29.52
N VAL A 34 -18.40 5.62 -30.66
CA VAL A 34 -19.83 5.86 -30.72
C VAL A 34 -20.28 5.08 -31.94
N TYR A 35 -21.05 4.02 -31.73
CA TYR A 35 -21.33 3.09 -32.82
C TYR A 35 -22.64 3.43 -33.51
N GLU A 36 -22.64 3.29 -34.84
CA GLU A 36 -23.80 3.62 -35.66
C GLU A 36 -23.88 2.60 -36.78
N GLU A 37 -25.03 1.96 -36.91
CA GLU A 37 -25.17 0.90 -37.90
C GLU A 37 -25.05 1.48 -39.31
N THR A 38 -24.32 0.76 -40.15
CA THR A 38 -24.05 1.23 -41.50
C THR A 38 -24.19 0.05 -42.48
N THR A 39 -24.75 0.31 -43.66
CA THR A 39 -24.80 -0.73 -44.69
C THR A 39 -24.06 -0.29 -45.95
N VAL A 40 -23.32 -1.21 -46.55
CA VAL A 40 -22.63 -0.94 -47.80
C VAL A 40 -22.90 -2.08 -48.77
N GLU A 41 -23.19 -1.76 -50.03
CA GLU A 41 -23.37 -2.79 -51.04
C GLU A 41 -22.04 -3.08 -51.74
N VAL A 42 -21.47 -4.23 -51.43
CA VAL A 42 -20.18 -4.67 -51.95
C VAL A 42 -20.40 -5.47 -53.22
N PRO A 43 -19.63 -5.17 -54.28
CA PRO A 43 -19.74 -5.98 -55.49
C PRO A 43 -19.14 -7.39 -55.30
N VAL A 44 -19.83 -8.41 -55.81
CA VAL A 44 -19.30 -9.77 -55.80
C VAL A 44 -18.30 -10.00 -56.94
N ASP A 45 -17.26 -10.79 -56.68
CA ASP A 45 -16.15 -10.98 -57.61
C ASP A 45 -15.54 -9.63 -58.04
N PRO A 46 -15.09 -8.81 -57.07
CA PRO A 46 -14.56 -7.49 -57.46
C PRO A 46 -13.20 -7.61 -58.14
N GLN A 47 -12.92 -6.67 -59.03
CA GLN A 47 -11.78 -6.78 -59.95
C GLN A 47 -10.57 -5.88 -59.58
N ARG A 48 -10.79 -4.91 -58.70
CA ARG A 48 -9.74 -4.00 -58.22
C ARG A 48 -9.94 -3.68 -56.76
N ILE A 49 -9.39 -4.51 -55.87
CA ILE A 49 -9.58 -4.33 -54.43
C ILE A 49 -8.44 -3.53 -53.83
N VAL A 50 -8.77 -2.52 -53.04
CA VAL A 50 -7.75 -1.77 -52.30
C VAL A 50 -7.95 -2.08 -50.82
N VAL A 51 -6.89 -2.50 -50.14
CA VAL A 51 -6.99 -2.95 -48.75
C VAL A 51 -6.01 -2.19 -47.85
N PHE A 52 -6.51 -1.59 -46.77
CA PHE A 52 -5.64 -0.92 -45.79
C PHE A 52 -5.37 -1.76 -44.53
N ASP A 53 -6.23 -2.73 -44.24
CA ASP A 53 -6.14 -3.57 -43.03
C ASP A 53 -5.44 -4.89 -43.40
N MSE A 54 -4.24 -5.09 -42.87
CA MSE A 54 -3.42 -6.25 -43.25
C MSE A 54 -4.14 -7.58 -43.01
O MSE A 54 -3.87 -8.58 -43.68
CB MSE A 54 -2.05 -6.21 -42.56
CG MSE A 54 -1.15 -5.02 -42.92
SE MSE A 54 -0.91 -4.74 -44.83
CE MSE A 54 -2.47 -3.69 -45.25
N ALA A 55 -5.06 -7.60 -42.06
CA ALA A 55 -5.72 -8.85 -41.76
C ALA A 55 -6.73 -9.16 -42.85
N ALA A 56 -7.38 -8.14 -43.40
CA ALA A 56 -8.22 -8.36 -44.57
C ALA A 56 -7.39 -8.72 -45.79
N LEU A 57 -6.22 -8.09 -45.92
CA LEU A 57 -5.31 -8.42 -47.02
C LEU A 57 -4.97 -9.90 -46.93
N ASP A 58 -4.56 -10.32 -45.73
CA ASP A 58 -4.25 -11.71 -45.43
C ASP A 58 -5.35 -12.65 -45.93
N THR A 59 -6.55 -12.49 -45.40
CA THR A 59 -7.64 -13.40 -45.75
C THR A 59 -7.98 -13.37 -47.24
N ILE A 60 -8.04 -12.18 -47.83
CA ILE A 60 -8.31 -12.09 -49.26
C ILE A 60 -7.30 -12.93 -50.07
N GLY A 61 -6.04 -12.87 -49.71
CA GLY A 61 -5.04 -13.67 -50.37
C GLY A 61 -5.29 -15.16 -50.18
N ALA A 62 -5.60 -15.54 -48.95
CA ALA A 62 -5.77 -16.94 -48.57
C ALA A 62 -6.98 -17.59 -49.24
N LEU A 63 -7.92 -16.78 -49.72
CA LEU A 63 -9.10 -17.30 -50.39
C LEU A 63 -8.92 -17.18 -51.91
N GLY A 64 -7.75 -16.71 -52.31
CA GLY A 64 -7.39 -16.74 -53.72
C GLY A 64 -7.41 -15.40 -54.41
N GLY A 65 -7.65 -14.35 -53.63
CA GLY A 65 -7.78 -13.02 -54.19
C GLY A 65 -6.45 -12.38 -54.50
N GLU A 66 -6.52 -11.13 -54.95
CA GLU A 66 -5.32 -10.38 -55.27
C GLU A 66 -5.61 -8.95 -54.88
N ILE A 67 -4.60 -8.28 -54.34
CA ILE A 67 -4.79 -6.93 -53.90
C ILE A 67 -4.24 -5.97 -54.94
N ALA A 68 -5.02 -4.96 -55.30
CA ALA A 68 -4.67 -4.06 -56.38
C ALA A 68 -3.94 -2.85 -55.82
N GLY A 69 -4.27 -2.49 -54.59
CA GLY A 69 -3.70 -1.32 -53.96
C GLY A 69 -3.65 -1.52 -52.46
N ALA A 70 -2.62 -0.98 -51.83
CA ALA A 70 -2.33 -1.23 -50.41
C ALA A 70 -1.26 -0.27 -49.95
N PRO A 71 -1.22 -0.02 -48.64
CA PRO A 71 -0.07 0.71 -48.08
C PRO A 71 1.18 -0.15 -48.20
N LEU A 72 1.86 -0.08 -49.34
CA LEU A 72 2.91 -1.06 -49.67
C LEU A 72 4.02 -1.14 -48.64
N ASP A 73 4.43 0.01 -48.11
CA ASP A 73 5.56 0.07 -47.18
C ASP A 73 5.25 -0.64 -45.87
N SER A 74 4.00 -1.08 -45.69
CA SER A 74 3.55 -1.73 -44.45
C SER A 74 3.19 -3.20 -44.62
N VAL A 75 3.10 -3.67 -45.87
CA VAL A 75 2.70 -5.06 -46.10
C VAL A 75 3.81 -5.95 -45.62
N PRO A 76 3.50 -6.85 -44.67
CA PRO A 76 4.46 -7.81 -44.09
C PRO A 76 4.95 -8.72 -45.18
N ASP A 77 6.18 -9.19 -45.08
CA ASP A 77 6.76 -10.01 -46.14
C ASP A 77 5.91 -11.25 -46.42
N TYR A 78 5.32 -11.84 -45.38
CA TYR A 78 4.55 -13.06 -45.59
C TYR A 78 3.23 -12.85 -46.34
N LEU A 79 2.84 -11.59 -46.50
CA LEU A 79 1.62 -11.26 -47.26
C LEU A 79 1.95 -10.59 -48.59
N GLU A 80 3.23 -10.29 -48.80
CA GLU A 80 3.66 -9.57 -50.00
C GLU A 80 3.21 -10.26 -51.27
N GLU A 81 3.18 -11.60 -51.23
CA GLU A 81 2.84 -12.40 -52.41
C GLU A 81 1.43 -12.18 -52.94
N TYR A 82 0.53 -11.68 -52.10
CA TYR A 82 -0.84 -11.50 -52.51
C TYR A 82 -1.10 -10.15 -53.22
N LEU A 83 -0.05 -9.36 -53.42
CA LEU A 83 -0.22 -8.12 -54.17
C LEU A 83 -0.21 -8.37 -55.68
N ALA A 84 -0.99 -7.58 -56.39
CA ALA A 84 -0.96 -7.53 -57.84
C ALA A 84 0.45 -7.14 -58.26
N ASP A 85 0.92 -7.66 -59.39
CA ASP A 85 2.29 -7.37 -59.85
C ASP A 85 2.52 -5.88 -60.05
N ASP A 86 1.43 -5.13 -60.24
CA ASP A 86 1.52 -3.71 -60.49
C ASP A 86 0.76 -2.95 -59.42
N ALA A 87 0.61 -3.58 -58.25
CA ALA A 87 -0.14 -2.98 -57.15
C ALA A 87 0.40 -1.58 -56.87
N PHE A 88 -0.52 -0.66 -56.56
CA PHE A 88 -0.17 0.73 -56.37
C PHE A 88 -0.23 1.07 -54.88
N ASN A 89 0.52 2.10 -54.48
CA ASN A 89 0.57 2.48 -53.07
C ASN A 89 -0.63 3.38 -52.69
N ALA A 90 -1.45 2.89 -51.76
CA ALA A 90 -2.72 3.58 -51.43
C ALA A 90 -2.59 4.56 -50.28
N GLY A 91 -1.43 4.55 -49.61
CA GLY A 91 -1.26 5.38 -48.43
C GLY A 91 -0.39 4.71 -47.38
N THR A 92 -0.82 4.77 -46.12
CA THR A 92 -0.19 4.04 -45.03
C THR A 92 -1.29 3.36 -44.21
N LEU A 93 -0.94 2.73 -43.09
CA LEU A 93 -1.92 2.02 -42.28
C LEU A 93 -2.96 2.97 -41.67
N PHE A 94 -2.65 4.27 -41.70
CA PHE A 94 -3.43 5.28 -41.00
C PHE A 94 -4.06 6.32 -41.93
N GLU A 95 -3.57 6.37 -43.16
CA GLU A 95 -3.86 7.51 -44.00
C GLU A 95 -3.98 7.11 -45.46
N ALA A 96 -4.94 7.70 -46.16
CA ALA A 96 -5.18 7.36 -47.57
C ALA A 96 -4.74 8.46 -48.54
N ASP A 97 -4.11 8.05 -49.64
CA ASP A 97 -3.85 8.92 -50.78
C ASP A 97 -5.12 8.96 -51.65
N LEU A 98 -6.09 9.78 -51.25
CA LEU A 98 -7.39 9.81 -51.92
C LEU A 98 -7.33 10.23 -53.39
N ILE A 99 -6.33 11.01 -53.79
CA ILE A 99 -6.24 11.38 -55.21
C ILE A 99 -5.73 10.20 -56.03
N ALA A 100 -4.75 9.49 -55.50
CA ALA A 100 -4.23 8.31 -56.16
C ALA A 100 -5.34 7.29 -56.30
N ILE A 101 -5.97 6.97 -55.18
CA ILE A 101 -7.03 5.97 -55.16
C ILE A 101 -8.14 6.30 -56.14
N GLU A 102 -8.65 7.53 -56.08
CA GLU A 102 -9.70 7.99 -56.99
C GLU A 102 -9.30 7.71 -58.44
N ALA A 103 -8.10 8.13 -58.82
CA ALA A 103 -7.56 7.86 -60.16
C ALA A 103 -7.54 6.37 -60.50
N GLN A 104 -7.29 5.53 -59.52
CA GLN A 104 -7.13 4.12 -59.78
C GLN A 104 -8.44 3.36 -59.94
N GLN A 105 -9.54 4.05 -59.62
CA GLN A 105 -10.90 3.54 -59.79
C GLN A 105 -11.13 2.11 -59.25
N PRO A 106 -10.82 1.85 -57.97
CA PRO A 106 -11.05 0.52 -57.40
C PRO A 106 -12.54 0.22 -57.34
N ASP A 107 -12.92 -1.05 -57.24
CA ASP A 107 -14.34 -1.36 -57.08
C ASP A 107 -14.71 -1.87 -55.70
N LEU A 108 -13.70 -2.12 -54.86
CA LEU A 108 -13.93 -2.44 -53.45
C LEU A 108 -12.75 -1.93 -52.62
N ILE A 109 -13.04 -1.29 -51.51
CA ILE A 109 -12.00 -0.82 -50.61
C ILE A 109 -12.23 -1.42 -49.23
N VAL A 110 -11.17 -1.96 -48.62
CA VAL A 110 -11.34 -2.60 -47.33
C VAL A 110 -10.47 -1.93 -46.29
N VAL A 111 -11.11 -1.56 -45.20
CA VAL A 111 -10.46 -0.75 -44.18
C VAL A 111 -10.66 -1.44 -42.83
N GLY A 112 -9.85 -1.10 -41.84
CA GLY A 112 -10.07 -1.65 -40.52
C GLY A 112 -9.00 -1.23 -39.54
N GLY A 113 -9.32 -1.34 -38.25
CA GLY A 113 -8.37 -1.00 -37.21
C GLY A 113 -7.85 0.41 -37.31
N ARG A 114 -6.55 0.49 -37.58
CA ARG A 114 -5.86 1.78 -37.71
C ARG A 114 -6.47 2.61 -38.81
N SER A 115 -7.06 1.95 -39.79
CA SER A 115 -7.62 2.68 -40.93
C SER A 115 -9.14 2.82 -40.84
N SER A 116 -9.71 2.41 -39.70
CA SER A 116 -11.16 2.42 -39.52
C SER A 116 -11.72 3.81 -39.84
N GLY A 117 -11.09 4.85 -39.30
CA GLY A 117 -11.56 6.21 -39.47
C GLY A 117 -11.59 6.74 -40.89
N LEU A 118 -10.77 6.14 -41.77
CA LEU A 118 -10.74 6.52 -43.19
C LEU A 118 -11.99 6.09 -43.93
N TRP A 119 -12.93 5.42 -43.26
CA TRP A 119 -14.04 4.82 -43.94
C TRP A 119 -14.85 5.79 -44.80
N ALA A 120 -15.31 6.88 -44.20
CA ALA A 120 -16.20 7.80 -44.91
C ALA A 120 -15.57 8.43 -46.19
N ASP A 121 -14.29 8.82 -46.10
CA ASP A 121 -13.60 9.39 -47.25
C ASP A 121 -13.46 8.38 -48.37
N LEU A 122 -13.07 7.16 -48.01
CA LEU A 122 -12.90 6.11 -49.00
C LEU A 122 -14.21 5.74 -49.67
N ASN A 123 -15.26 5.60 -48.87
CA ASN A 123 -16.58 5.24 -49.39
C ASN A 123 -17.14 6.22 -50.45
N GLU A 124 -16.62 7.46 -50.48
CA GLU A 124 -16.99 8.43 -51.52
C GLU A 124 -16.40 8.07 -52.88
N ILE A 125 -15.39 7.20 -52.87
CA ILE A 125 -14.65 6.81 -54.07
C ILE A 125 -15.14 5.47 -54.63
N ALA A 126 -15.35 4.51 -53.74
CA ALA A 126 -15.90 3.19 -54.09
C ALA A 126 -16.40 2.53 -52.81
N PRO A 127 -17.40 1.65 -52.92
CA PRO A 127 -17.92 0.95 -51.74
C PRO A 127 -16.81 0.40 -50.87
N THR A 128 -16.82 0.84 -49.62
CA THR A 128 -15.79 0.50 -48.65
C THR A 128 -16.42 -0.22 -47.46
N ILE A 129 -15.78 -1.29 -47.00
CA ILE A 129 -16.25 -1.94 -45.80
C ILE A 129 -15.17 -1.87 -44.75
N ASP A 130 -15.61 -1.93 -43.50
CA ASP A 130 -14.75 -1.81 -42.34
C ASP A 130 -14.81 -3.15 -41.60
N LEU A 131 -13.73 -3.89 -41.66
CA LEU A 131 -13.70 -5.20 -41.03
C LEU A 131 -12.91 -5.16 -39.72
N SER A 132 -13.02 -4.05 -39.00
CA SER A 132 -12.44 -3.91 -37.66
C SER A 132 -12.82 -5.09 -36.76
N LEU A 133 -12.01 -5.36 -35.75
CA LEU A 133 -12.33 -6.44 -34.83
C LEU A 133 -13.60 -6.11 -34.04
N ARG A 134 -14.52 -7.07 -33.96
CA ARG A 134 -15.77 -6.88 -33.23
C ARG A 134 -16.02 -7.97 -32.20
N GLY A 135 -15.91 -7.62 -30.93
CA GLY A 135 -16.15 -8.59 -29.89
C GLY A 135 -14.99 -9.54 -29.75
N SER A 136 -15.20 -10.77 -30.20
CA SER A 136 -14.26 -11.88 -30.05
C SER A 136 -13.26 -11.87 -31.20
N TYR A 137 -12.00 -12.16 -30.91
CA TYR A 137 -11.05 -12.41 -31.98
C TYR A 137 -11.61 -13.54 -32.83
N LEU A 138 -12.02 -14.61 -32.16
CA LEU A 138 -12.60 -15.75 -32.85
C LEU A 138 -13.88 -15.46 -33.66
N ASP A 139 -14.79 -14.66 -33.11
CA ASP A 139 -15.98 -14.26 -33.87
C ASP A 139 -15.59 -13.47 -35.11
N THR A 140 -14.65 -12.55 -34.95
CA THR A 140 -14.17 -11.77 -36.08
C THR A 140 -13.57 -12.63 -37.18
N LEU A 141 -12.71 -13.58 -36.79
CA LEU A 141 -12.09 -14.51 -37.74
C LEU A 141 -13.16 -15.22 -38.57
N GLU A 142 -14.18 -15.71 -37.90
CA GLU A 142 -15.23 -16.47 -38.58
C GLU A 142 -16.09 -15.59 -39.50
N GLN A 143 -16.55 -14.45 -38.98
CA GLN A 143 -17.39 -13.59 -39.78
C GLN A 143 -16.67 -12.98 -40.97
N ASN A 144 -15.54 -12.34 -40.73
CA ASN A 144 -14.77 -11.78 -41.83
C ASN A 144 -14.38 -12.79 -42.94
N THR A 145 -14.01 -13.99 -42.52
CA THR A 145 -13.58 -14.97 -43.49
C THR A 145 -14.76 -15.49 -44.31
N THR A 146 -15.87 -15.72 -43.65
CA THR A 146 -17.07 -16.12 -44.38
C THR A 146 -17.51 -15.02 -45.33
N PHE A 147 -17.57 -13.78 -44.85
CA PHE A 147 -18.03 -12.70 -45.69
C PHE A 147 -17.16 -12.51 -46.92
N LEU A 148 -15.86 -12.37 -46.69
CA LEU A 148 -14.92 -12.28 -47.79
C LEU A 148 -15.10 -13.48 -48.75
N GLY A 149 -15.32 -14.66 -48.20
CA GLY A 149 -15.68 -15.80 -49.01
C GLY A 149 -16.82 -15.53 -50.00
N LYS A 150 -17.90 -14.93 -49.52
CA LYS A 150 -19.01 -14.55 -50.37
C LYS A 150 -18.61 -13.50 -51.42
N VAL A 151 -17.86 -12.48 -50.99
CA VAL A 151 -17.39 -11.45 -51.92
C VAL A 151 -16.55 -12.04 -53.04
N LEU A 152 -15.63 -12.94 -52.70
CA LEU A 152 -14.69 -13.47 -53.67
C LEU A 152 -15.20 -14.68 -54.43
N GLY A 153 -16.40 -15.14 -54.12
CA GLY A 153 -16.92 -16.37 -54.70
C GLY A 153 -16.03 -17.54 -54.34
N ALA A 154 -15.70 -17.59 -53.05
CA ALA A 154 -14.76 -18.56 -52.50
C ALA A 154 -15.35 -19.15 -51.24
N GLU A 155 -16.65 -19.42 -51.27
CA GLU A 155 -17.34 -19.89 -50.07
C GLU A 155 -16.75 -21.22 -49.59
N ALA A 156 -16.53 -22.15 -50.51
CA ALA A 156 -15.93 -23.43 -50.17
C ALA A 156 -14.55 -23.31 -49.53
N GLU A 157 -13.70 -22.41 -50.05
CA GLU A 157 -12.37 -22.23 -49.48
C GLU A 157 -12.43 -21.65 -48.08
N ALA A 158 -13.42 -20.79 -47.86
CA ALA A 158 -13.57 -20.15 -46.56
C ALA A 158 -13.98 -21.17 -45.51
N GLU A 159 -14.94 -22.01 -45.88
CA GLU A 159 -15.38 -23.12 -45.03
C GLU A 159 -14.18 -23.97 -44.68
N SER A 160 -13.32 -24.18 -45.68
CA SER A 160 -12.15 -25.03 -45.49
C SER A 160 -11.09 -24.45 -44.57
N VAL A 161 -10.72 -23.18 -44.75
CA VAL A 161 -9.67 -22.62 -43.89
C VAL A 161 -10.13 -22.48 -42.44
N LEU A 162 -11.40 -22.15 -42.25
CA LEU A 162 -11.95 -22.08 -40.89
C LEU A 162 -11.88 -23.45 -40.19
N ALA A 163 -12.29 -24.50 -40.88
CA ALA A 163 -12.08 -25.87 -40.40
C ALA A 163 -10.62 -26.13 -40.01
N GLU A 164 -9.69 -25.73 -40.88
CA GLU A 164 -8.28 -25.91 -40.61
C GLU A 164 -7.88 -25.11 -39.37
N LEU A 165 -8.28 -23.84 -39.32
CA LEU A 165 -7.92 -22.98 -38.20
C LEU A 165 -8.52 -23.44 -36.87
N GLU A 166 -9.73 -23.99 -36.91
CA GLU A 166 -10.35 -24.45 -35.68
C GLU A 166 -9.56 -25.64 -35.14
N ALA A 167 -9.17 -26.55 -36.03
CA ALA A 167 -8.34 -27.68 -35.65
C ALA A 167 -6.96 -27.25 -35.14
N GLY A 168 -6.37 -26.24 -35.77
CA GLY A 168 -5.07 -25.76 -35.34
C GLY A 168 -5.12 -25.08 -33.98
N ILE A 169 -6.13 -24.23 -33.79
CA ILE A 169 -6.34 -23.58 -32.52
C ILE A 169 -6.55 -24.60 -31.39
N ALA A 170 -7.38 -25.61 -31.66
CA ALA A 170 -7.61 -26.65 -30.67
C ALA A 170 -6.34 -27.41 -30.37
N GLU A 171 -5.50 -27.60 -31.39
CA GLU A 171 -4.22 -28.26 -31.22
C GLU A 171 -3.34 -27.49 -30.24
N ALA A 172 -3.25 -26.17 -30.44
CA ALA A 172 -2.46 -25.32 -29.57
C ALA A 172 -3.03 -25.26 -28.15
N LYS A 173 -4.33 -25.04 -28.01
CA LYS A 173 -4.97 -25.08 -26.68
C LYS A 173 -4.62 -26.36 -25.93
N ALA A 174 -4.65 -27.49 -26.63
CA ALA A 174 -4.23 -28.74 -26.04
C ALA A 174 -2.76 -28.66 -25.57
N ALA A 175 -1.87 -28.15 -26.43
CA ALA A 175 -0.46 -28.00 -26.07
C ALA A 175 -0.26 -27.13 -24.81
N VAL A 176 -0.98 -26.01 -24.75
CA VAL A 176 -0.94 -25.11 -23.61
C VAL A 176 -1.42 -25.76 -22.31
N THR A 177 -2.54 -26.48 -22.41
CA THR A 177 -3.10 -27.24 -21.30
C THR A 177 -2.11 -28.27 -20.80
N GLU A 178 -1.38 -28.90 -21.73
CA GLU A 178 -0.49 -29.99 -21.36
C GLU A 178 0.78 -29.46 -20.70
N ALA A 179 1.18 -28.25 -21.09
CA ALA A 179 2.26 -27.52 -20.41
C ALA A 179 1.82 -27.16 -19.00
N SER A 180 0.51 -27.06 -18.84
CA SER A 180 -0.12 -26.52 -17.64
C SER A 180 0.55 -25.24 -17.17
N GLY A 181 0.52 -25.08 -15.85
CA GLY A 181 1.10 -23.94 -15.22
C GLY A 181 0.32 -22.69 -15.46
N THR A 182 0.90 -21.61 -14.95
CA THR A 182 0.37 -20.28 -15.08
C THR A 182 1.24 -19.51 -16.10
N GLY A 183 0.65 -18.52 -16.77
CA GLY A 183 1.42 -17.73 -17.74
C GLY A 183 1.19 -16.23 -17.65
N LEU A 184 2.09 -15.45 -18.24
CA LEU A 184 1.89 -14.00 -18.34
C LEU A 184 2.36 -13.52 -19.70
N GLY A 185 1.52 -12.75 -20.37
CA GLY A 185 1.91 -12.14 -21.63
C GLY A 185 2.45 -10.74 -21.39
N ILE A 186 3.60 -10.45 -21.97
CA ILE A 186 4.14 -9.10 -21.87
C ILE A 186 4.41 -8.53 -23.24
N MSE A 187 4.45 -7.21 -23.29
CA MSE A 187 4.77 -6.50 -24.51
C MSE A 187 5.89 -5.53 -24.19
O MSE A 187 5.74 -4.64 -23.35
CB MSE A 187 3.54 -5.74 -25.01
CG MSE A 187 3.66 -5.30 -26.44
SE MSE A 187 1.94 -4.73 -27.09
CE MSE A 187 1.14 -6.49 -27.40
N VAL A 188 7.02 -5.71 -24.85
CA VAL A 188 8.19 -4.88 -24.59
C VAL A 188 8.25 -3.71 -25.56
N SER A 189 8.42 -2.51 -25.04
CA SER A 189 8.47 -1.33 -25.88
C SER A 189 9.36 -0.26 -25.29
N GLY A 190 10.54 -0.08 -25.86
CA GLY A 190 11.40 1.00 -25.42
C GLY A 190 11.94 0.67 -24.06
N GLY A 191 12.26 -0.62 -23.89
CA GLY A 191 12.93 -1.10 -22.70
C GLY A 191 11.97 -1.26 -21.54
N GLN A 192 10.71 -0.93 -21.80
CA GLN A 192 9.65 -0.99 -20.80
C GLN A 192 8.88 -2.30 -20.94
N LEU A 193 8.17 -2.69 -19.87
CA LEU A 193 7.32 -3.89 -19.92
C LEU A 193 5.84 -3.52 -19.67
N SER A 194 4.94 -4.04 -20.50
CA SER A 194 3.51 -3.86 -20.25
C SER A 194 2.86 -5.23 -20.08
N ALA A 195 2.07 -5.41 -19.04
CA ALA A 195 1.40 -6.68 -18.81
C ALA A 195 0.17 -6.81 -19.72
N LEU A 196 0.09 -7.92 -20.44
CA LEU A 196 -1.13 -8.25 -21.19
C LEU A 196 -2.16 -8.92 -20.28
N SER A 197 -3.43 -8.67 -20.56
CA SER A 197 -4.47 -9.04 -19.64
C SER A 197 -5.59 -9.70 -20.41
N PRO A 198 -6.21 -10.74 -19.84
CA PRO A 198 -7.42 -11.30 -20.48
C PRO A 198 -8.42 -10.18 -20.74
N ASN A 199 -9.08 -10.24 -21.88
CA ASN A 199 -10.06 -9.23 -22.24
C ASN A 199 -11.29 -9.35 -21.36
N THR A 200 -11.64 -8.27 -20.69
CA THR A 200 -12.87 -8.21 -19.92
C THR A 200 -13.86 -7.29 -20.65
N GLY A 201 -15.09 -7.77 -20.81
CA GLY A 201 -16.08 -7.05 -21.57
C GLY A 201 -16.01 -7.36 -23.06
N ASN A 202 -16.76 -6.59 -23.84
CA ASN A 202 -16.76 -6.76 -25.28
C ASN A 202 -15.86 -5.68 -25.88
N ASP A 203 -15.22 -4.90 -25.02
CA ASP A 203 -14.33 -3.82 -25.46
C ASP A 203 -13.25 -4.38 -26.37
N PRO A 204 -13.23 -3.93 -27.64
CA PRO A 204 -12.37 -4.55 -28.64
C PRO A 204 -10.99 -3.90 -28.68
N ARG A 205 -10.82 -2.84 -27.91
CA ARG A 205 -9.50 -2.26 -27.73
C ARG A 205 -8.55 -3.28 -27.05
N GLY A 206 -9.09 -4.16 -26.22
CA GLY A 206 -8.27 -5.00 -25.38
C GLY A 206 -8.25 -6.45 -25.79
N ALA A 207 -8.89 -6.75 -26.91
CA ALA A 207 -8.98 -8.11 -27.43
C ALA A 207 -7.60 -8.62 -27.79
N ARG A 208 -6.79 -7.74 -28.35
CA ARG A 208 -5.45 -8.10 -28.81
C ARG A 208 -4.54 -8.55 -27.68
N GLY A 209 -4.55 -7.80 -26.59
CA GLY A 209 -3.72 -8.16 -25.46
C GLY A 209 -4.14 -9.49 -24.91
N GLY A 210 -5.45 -9.71 -24.83
CA GLY A 210 -5.98 -10.91 -24.21
C GLY A 210 -5.89 -12.19 -25.02
N LEU A 211 -5.49 -12.07 -26.29
CA LEU A 211 -5.44 -13.20 -27.22
C LEU A 211 -4.81 -14.47 -26.65
N ILE A 212 -3.63 -14.31 -26.09
CA ILE A 212 -2.88 -15.41 -25.51
C ILE A 212 -3.70 -16.16 -24.43
N TYR A 213 -4.55 -15.45 -23.70
CA TYR A 213 -5.35 -16.05 -22.64
C TYR A 213 -6.71 -16.47 -23.16
N ASP A 214 -7.28 -15.64 -24.03
CA ASP A 214 -8.69 -15.75 -24.44
C ASP A 214 -8.97 -16.81 -25.51
N VAL A 215 -8.06 -16.88 -26.48
CA VAL A 215 -8.11 -17.86 -27.55
C VAL A 215 -7.34 -19.15 -27.23
N PHE A 216 -6.10 -19.01 -26.77
CA PHE A 216 -5.23 -20.15 -26.55
C PHE A 216 -5.26 -20.77 -25.15
N GLY A 217 -5.85 -20.06 -24.19
CA GLY A 217 -6.16 -20.66 -22.91
C GLY A 217 -5.07 -20.72 -21.86
N VAL A 218 -4.02 -19.94 -22.02
CA VAL A 218 -3.03 -19.78 -20.97
C VAL A 218 -3.73 -19.24 -19.72
N GLN A 219 -3.54 -19.91 -18.58
CA GLN A 219 -4.06 -19.41 -17.30
C GLN A 219 -3.23 -18.22 -16.80
N PRO A 220 -3.89 -17.08 -16.54
CA PRO A 220 -3.16 -15.88 -16.11
C PRO A 220 -2.51 -16.05 -14.74
N VAL A 221 -1.32 -15.48 -14.59
CA VAL A 221 -0.59 -15.53 -13.32
C VAL A 221 -1.37 -14.90 -12.16
N LEU A 222 -2.25 -13.95 -12.47
CA LEU A 222 -3.11 -13.31 -11.50
C LEU A 222 -4.55 -13.34 -12.04
N GLU A 223 -5.51 -13.58 -11.16
CA GLU A 223 -6.92 -13.67 -11.56
C GLU A 223 -7.43 -12.33 -12.06
N ASP A 224 -6.77 -11.24 -11.63
CA ASP A 224 -7.04 -9.91 -12.16
C ASP A 224 -5.74 -9.12 -12.41
N ILE A 225 -5.12 -9.34 -13.56
CA ILE A 225 -3.85 -8.68 -13.89
C ILE A 225 -4.01 -7.18 -14.03
N LYS A 226 -5.04 -6.79 -14.77
CA LYS A 226 -5.31 -5.37 -15.06
C LYS A 226 -5.29 -4.56 -13.77
N ALA A 227 -5.95 -5.12 -12.75
CA ALA A 227 -6.04 -4.51 -11.44
C ALA A 227 -4.65 -4.25 -10.83
N ALA A 228 -3.85 -5.30 -10.71
CA ALA A 228 -2.53 -5.24 -10.08
C ALA A 228 -1.58 -4.34 -10.84
N THR A 229 -1.89 -4.13 -12.11
CA THR A 229 -1.04 -3.43 -13.04
C THR A 229 -1.22 -1.92 -12.97
N HIS A 230 -2.44 -1.50 -12.65
CA HIS A 230 -2.88 -0.10 -12.61
C HIS A 230 -3.05 0.49 -14.01
N GLY A 231 -2.68 -0.29 -15.03
CA GLY A 231 -2.65 0.21 -16.39
C GLY A 231 -1.27 0.75 -16.72
N GLU A 232 -0.46 0.86 -15.67
CA GLU A 232 0.92 1.37 -15.76
C GLU A 232 1.88 0.21 -16.10
N PRO A 233 3.00 0.51 -16.78
CA PRO A 233 4.05 -0.48 -17.03
C PRO A 233 4.52 -1.21 -15.76
N ILE A 234 4.97 -2.45 -15.92
CA ILE A 234 5.42 -3.25 -14.80
C ILE A 234 6.95 -3.31 -14.77
N SER A 235 7.51 -3.48 -13.57
CA SER A 235 8.95 -3.57 -13.39
C SER A 235 9.41 -5.00 -13.62
N PHE A 236 10.72 -5.20 -13.73
CA PHE A 236 11.23 -6.57 -13.76
C PHE A 236 10.88 -7.29 -12.47
N GLU A 237 10.89 -6.54 -11.37
CA GLU A 237 10.53 -7.10 -10.07
C GLU A 237 9.10 -7.68 -10.02
N PHE A 238 8.21 -7.14 -10.85
CA PHE A 238 6.85 -7.67 -10.99
C PHE A 238 6.91 -9.12 -11.47
N LEU A 239 7.77 -9.39 -12.45
CA LEU A 239 7.89 -10.74 -12.98
C LEU A 239 8.33 -11.66 -11.87
N LEU A 240 9.36 -11.24 -11.15
CA LEU A 240 9.95 -12.04 -10.09
C LEU A 240 8.99 -12.27 -8.94
N GLU A 241 8.21 -11.25 -8.59
CA GLU A 241 7.23 -11.36 -7.52
C GLU A 241 6.19 -12.43 -7.78
N HIS A 242 5.46 -12.27 -8.90
CA HIS A 242 4.35 -13.14 -9.27
C HIS A 242 4.81 -14.39 -9.99
N ASP A 243 6.05 -14.33 -10.49
CA ASP A 243 6.76 -15.47 -11.07
C ASP A 243 5.89 -16.46 -11.85
N PRO A 244 5.51 -16.10 -13.07
CA PRO A 244 4.72 -16.98 -13.93
C PRO A 244 5.58 -18.13 -14.43
N GLN A 245 4.96 -19.29 -14.61
CA GLN A 245 5.64 -20.48 -15.12
C GLN A 245 6.09 -20.28 -16.57
N TRP A 246 5.25 -19.65 -17.37
CA TRP A 246 5.56 -19.38 -18.76
C TRP A 246 5.44 -17.89 -19.01
N LEU A 247 6.40 -17.33 -19.73
CA LEU A 247 6.39 -15.90 -20.09
C LEU A 247 6.30 -15.79 -21.59
N TRP A 248 5.23 -15.14 -22.08
CA TRP A 248 4.98 -14.98 -23.51
C TRP A 248 5.25 -13.55 -23.95
N VAL A 249 6.24 -13.36 -24.81
CA VAL A 249 6.76 -12.02 -25.11
C VAL A 249 6.47 -11.55 -26.52
N VAL A 250 5.89 -10.34 -26.62
CA VAL A 250 5.69 -9.64 -27.90
C VAL A 250 6.60 -8.41 -27.94
N ASP A 251 7.57 -8.40 -28.85
CA ASP A 251 8.49 -7.26 -28.96
C ASP A 251 7.85 -6.17 -29.82
N ARG A 252 7.19 -5.21 -29.20
CA ARG A 252 6.41 -4.23 -29.97
C ARG A 252 7.32 -3.32 -30.79
N ASP A 253 8.51 -3.02 -30.28
CA ASP A 253 9.44 -2.16 -30.99
C ASP A 253 9.97 -2.82 -32.26
N ALA A 254 10.00 -4.16 -32.26
CA ALA A 254 10.43 -4.89 -33.43
C ALA A 254 9.46 -4.68 -34.58
N ALA A 255 8.18 -4.57 -34.24
CA ALA A 255 7.09 -4.58 -35.21
C ALA A 255 6.83 -3.22 -35.82
N THR A 256 7.17 -2.17 -35.08
CA THR A 256 6.80 -0.82 -35.46
C THR A 256 7.95 -0.06 -36.09
N GLY A 257 9.15 -0.64 -36.06
CA GLY A 257 10.29 0.00 -36.68
C GLY A 257 10.86 1.11 -35.83
N ALA A 258 10.66 0.98 -34.52
CA ALA A 258 11.22 1.89 -33.53
C ALA A 258 12.73 1.87 -33.58
N GLU A 259 13.32 3.05 -33.76
CA GLU A 259 14.78 3.17 -33.84
C GLU A 259 15.43 3.18 -32.46
N GLY A 260 16.64 2.63 -32.38
CA GLY A 260 17.43 2.68 -31.17
C GLY A 260 16.86 1.84 -30.05
N ALA A 261 16.04 0.87 -30.44
CA ALA A 261 15.40 -0.03 -29.50
C ALA A 261 16.21 -1.31 -29.45
N GLN A 262 16.40 -1.87 -28.26
CA GLN A 262 17.10 -3.14 -28.15
C GLN A 262 16.12 -4.30 -28.08
N ALA A 263 16.50 -5.44 -28.66
CA ALA A 263 15.61 -6.59 -28.78
C ALA A 263 15.03 -7.05 -27.46
N ALA A 264 13.78 -7.50 -27.49
CA ALA A 264 13.10 -7.99 -26.29
C ALA A 264 13.99 -8.96 -25.51
N LYS A 265 14.60 -9.90 -26.22
CA LYS A 265 15.54 -10.84 -25.63
C LYS A 265 16.59 -10.17 -24.74
N VAL A 266 17.30 -9.18 -25.26
CA VAL A 266 18.34 -8.55 -24.44
C VAL A 266 17.78 -7.68 -23.33
N VAL A 267 16.63 -7.06 -23.55
CA VAL A 267 15.95 -6.30 -22.50
C VAL A 267 15.63 -7.18 -21.30
N LEU A 268 15.23 -8.42 -21.58
CA LEU A 268 14.89 -9.39 -20.54
C LEU A 268 16.12 -10.15 -20.02
N ASP A 269 17.29 -9.79 -20.51
CA ASP A 269 18.53 -10.38 -20.00
C ASP A 269 19.10 -9.50 -18.89
N ASN A 270 18.52 -9.61 -17.70
CA ASN A 270 18.98 -8.86 -16.53
C ASN A 270 18.93 -9.70 -15.25
N GLU A 271 19.85 -9.43 -14.33
CA GLU A 271 19.95 -10.19 -13.06
C GLU A 271 18.61 -10.59 -12.41
N ILE A 272 17.59 -9.73 -12.53
CA ILE A 272 16.29 -9.97 -11.92
C ILE A 272 15.49 -11.02 -12.69
N VAL A 273 15.23 -10.75 -13.97
CA VAL A 273 14.52 -11.69 -14.81
C VAL A 273 15.21 -13.06 -14.88
N ASN A 274 16.54 -13.10 -14.84
CA ASN A 274 17.21 -14.41 -14.90
C ASN A 274 17.00 -15.29 -13.68
N ARG A 275 16.40 -14.72 -12.62
CA ARG A 275 16.12 -15.44 -11.37
C ARG A 275 14.71 -16.00 -11.41
N THR A 276 13.93 -15.44 -12.33
CA THR A 276 12.57 -15.83 -12.61
C THR A 276 12.46 -17.32 -12.98
N THR A 277 11.38 -17.97 -12.58
CA THR A 277 11.19 -19.39 -12.92
C THR A 277 11.16 -19.58 -14.43
N ALA A 278 10.34 -18.75 -15.09
CA ALA A 278 10.22 -18.80 -16.54
C ALA A 278 11.60 -18.79 -17.23
N ALA A 279 12.49 -17.91 -16.80
CA ALA A 279 13.80 -17.84 -17.41
C ALA A 279 14.67 -19.07 -17.09
N THR A 280 14.70 -19.49 -15.83
CA THR A 280 15.59 -20.58 -15.46
C THR A 280 15.17 -21.92 -16.04
N GLU A 281 13.90 -22.02 -16.43
CA GLU A 281 13.37 -23.27 -16.94
C GLU A 281 13.17 -23.23 -18.47
N ASP A 282 13.66 -22.17 -19.11
CA ASP A 282 13.60 -22.04 -20.57
C ASP A 282 12.12 -22.04 -21.03
N HIS A 283 11.34 -21.20 -20.37
CA HIS A 283 9.91 -21.12 -20.57
C HIS A 283 9.54 -19.72 -21.03
N VAL A 284 10.50 -19.01 -21.63
CA VAL A 284 10.21 -17.72 -22.28
C VAL A 284 9.98 -17.94 -23.77
N LEU A 285 8.77 -17.66 -24.22
CA LEU A 285 8.43 -17.86 -25.63
C LEU A 285 8.20 -16.53 -26.31
N TYR A 286 8.84 -16.33 -27.46
CA TYR A 286 8.66 -15.08 -28.19
C TYR A 286 7.64 -15.20 -29.33
N LEU A 287 6.68 -14.29 -29.35
CA LEU A 287 5.63 -14.33 -30.36
C LEU A 287 5.99 -13.42 -31.54
N ASN A 288 5.45 -13.70 -32.72
CA ASN A 288 5.80 -12.94 -33.93
C ASN A 288 5.16 -11.56 -33.87
N PRO A 289 5.99 -10.52 -33.66
CA PRO A 289 5.59 -9.13 -33.45
C PRO A 289 4.65 -8.66 -34.54
N THR A 290 5.06 -8.74 -35.80
CA THR A 290 4.19 -8.38 -36.92
C THR A 290 2.85 -9.10 -36.87
N ALA A 291 2.87 -10.42 -36.70
CA ALA A 291 1.60 -11.14 -36.63
C ALA A 291 0.76 -10.73 -35.39
N TRP A 292 1.33 -10.84 -34.19
CA TRP A 292 0.56 -10.55 -33.00
C TRP A 292 0.24 -9.07 -32.76
N TYR A 293 1.02 -8.15 -33.32
CA TYR A 293 0.76 -6.75 -33.01
C TYR A 293 0.31 -5.89 -34.19
N ILE A 294 0.88 -6.09 -35.38
CA ILE A 294 0.51 -5.24 -36.52
C ILE A 294 -0.72 -5.75 -37.26
N VAL A 295 -0.68 -7.00 -37.68
CA VAL A 295 -1.76 -7.61 -38.43
C VAL A 295 -2.94 -8.02 -37.56
N PHE A 296 -2.66 -8.86 -36.56
N PHE A 296 -2.68 -8.96 -36.65
CA PHE A 296 -3.63 -9.41 -35.59
CA PHE A 296 -3.63 -9.37 -35.63
C PHE A 296 -5.01 -9.81 -36.15
C PHE A 296 -5.00 -9.75 -36.21
N GLY A 297 -5.01 -10.83 -37.00
CA GLY A 297 -6.22 -11.28 -37.64
C GLY A 297 -5.83 -11.78 -39.02
N GLY A 298 -6.70 -12.55 -39.66
CA GLY A 298 -6.37 -13.07 -40.97
C GLY A 298 -5.98 -14.54 -40.90
N VAL A 299 -6.16 -15.24 -42.02
CA VAL A 299 -5.90 -16.67 -42.09
C VAL A 299 -4.43 -17.05 -41.87
N GLU A 300 -3.53 -16.52 -42.71
N GLU A 300 -3.52 -16.53 -42.69
CA GLU A 300 -2.11 -16.81 -42.59
CA GLU A 300 -2.11 -16.88 -42.54
C GLU A 300 -1.57 -16.42 -41.22
C GLU A 300 -1.53 -16.41 -41.20
N THR A 301 -1.98 -15.25 -40.76
CA THR A 301 -1.58 -14.72 -39.46
C THR A 301 -1.97 -15.66 -38.31
N THR A 302 -3.20 -16.17 -38.36
CA THR A 302 -3.67 -17.08 -37.30
C THR A 302 -2.84 -18.37 -37.31
N ARG A 303 -2.43 -18.81 -38.49
CA ARG A 303 -1.55 -19.98 -38.55
C ARG A 303 -0.22 -19.64 -37.87
N ILE A 304 0.33 -18.45 -38.14
CA ILE A 304 1.57 -18.03 -37.50
C ILE A 304 1.39 -18.01 -35.98
N MSE A 305 0.28 -17.48 -35.51
CA MSE A 305 -0.03 -17.54 -34.08
C MSE A 305 -0.04 -18.97 -33.54
O MSE A 305 0.62 -19.27 -32.55
CB MSE A 305 -1.37 -16.87 -33.82
CG MSE A 305 -1.39 -15.41 -34.18
SE MSE A 305 -3.12 -14.60 -33.88
CE MSE A 305 -2.61 -12.77 -34.05
N ILE A 306 -0.78 -19.84 -34.22
CA ILE A 306 -0.83 -21.26 -33.85
C ILE A 306 0.56 -21.89 -33.74
N ASP A 307 1.46 -21.61 -34.67
CA ASP A 307 2.81 -22.16 -34.59
C ASP A 307 3.55 -21.56 -33.41
N ASP A 308 3.30 -20.29 -33.16
CA ASP A 308 3.95 -19.59 -32.06
C ASP A 308 3.55 -20.22 -30.74
N VAL A 309 2.24 -20.40 -30.53
CA VAL A 309 1.78 -20.98 -29.28
C VAL A 309 2.31 -22.41 -29.15
N LEU A 310 2.31 -23.18 -30.25
CA LEU A 310 2.75 -24.58 -30.20
C LEU A 310 4.19 -24.79 -29.75
N GLN A 311 4.97 -23.71 -29.64
CA GLN A 311 6.32 -23.79 -29.09
C GLN A 311 6.35 -24.35 -27.67
N VAL A 312 5.31 -24.14 -26.85
CA VAL A 312 5.35 -24.67 -25.47
C VAL A 312 5.57 -26.16 -25.46
N ALA A 313 5.06 -26.84 -26.48
CA ALA A 313 5.18 -28.29 -26.57
C ALA A 313 6.65 -28.70 -26.53
N ALA A 314 7.52 -27.83 -27.03
CA ALA A 314 8.92 -28.19 -27.21
C ALA A 314 9.82 -27.90 -25.99
N ARG A 315 9.33 -27.14 -25.03
CA ARG A 315 10.16 -26.69 -23.90
C ARG A 315 10.18 -27.64 -22.70
N PRO B 14 21.67 25.38 -58.41
CA PRO B 14 20.26 24.98 -58.32
C PRO B 14 20.07 23.60 -57.65
N ALA B 15 20.79 23.36 -56.55
CA ALA B 15 20.92 22.01 -56.01
C ALA B 15 19.73 21.47 -55.19
N THR B 16 19.96 20.30 -54.60
CA THR B 16 18.93 19.54 -53.92
C THR B 16 19.64 18.81 -52.78
N ALA B 17 18.90 18.49 -51.72
CA ALA B 17 19.46 17.72 -50.60
C ALA B 17 18.46 16.65 -50.16
N SER B 18 18.94 15.41 -50.04
CA SER B 18 18.10 14.32 -49.59
C SER B 18 18.01 14.30 -48.10
N TYR B 19 16.78 14.37 -47.59
CA TYR B 19 16.53 14.13 -46.18
C TYR B 19 15.81 12.78 -46.05
N THR B 20 16.35 11.89 -45.21
CA THR B 20 15.75 10.58 -45.03
C THR B 20 15.56 10.28 -43.56
N TRP B 21 14.34 9.98 -43.16
CA TRP B 21 14.08 9.72 -41.75
C TRP B 21 13.07 8.62 -41.51
N ASP B 22 13.05 8.10 -40.29
CA ASP B 22 12.03 7.14 -39.91
C ASP B 22 10.75 7.90 -39.51
N ARG B 23 9.85 8.06 -40.47
CA ARG B 23 8.63 8.84 -40.28
C ARG B 23 7.61 8.14 -39.39
N ASN B 24 7.03 8.89 -38.46
CA ASN B 24 5.92 8.36 -37.69
C ASN B 24 4.66 8.49 -38.55
N THR B 25 4.20 7.33 -38.95
CA THR B 25 3.19 7.18 -39.95
C THR B 25 1.80 7.46 -39.35
N ALA B 26 1.78 7.56 -38.02
CA ALA B 26 0.55 7.87 -37.30
C ALA B 26 0.26 9.35 -37.33
N THR B 27 -1.02 9.61 -37.48
CA THR B 27 -1.54 10.92 -37.75
C THR B 27 -1.93 11.60 -36.43
N GLU B 28 -2.50 10.84 -35.49
CA GLU B 28 -2.87 11.35 -34.18
C GLU B 28 -1.75 11.12 -33.14
N GLU B 29 -1.45 12.15 -32.34
CA GLU B 29 -0.33 12.10 -31.38
C GLU B 29 -0.52 11.14 -30.22
N GLY B 30 -1.73 10.66 -30.00
CA GLY B 30 -1.95 9.73 -28.91
C GLY B 30 -1.77 8.28 -29.33
N ALA B 31 -1.46 8.08 -30.60
CA ALA B 31 -1.43 6.73 -31.14
C ALA B 31 -0.06 6.09 -30.99
N ASP B 32 -0.07 4.76 -30.90
CA ASP B 32 1.19 4.02 -30.94
C ASP B 32 1.76 4.27 -32.32
N PRO B 33 3.00 4.77 -32.37
CA PRO B 33 3.60 5.09 -33.66
C PRO B 33 3.94 3.82 -34.42
N VAL B 34 4.01 3.97 -35.73
CA VAL B 34 4.49 2.93 -36.62
C VAL B 34 5.43 3.69 -37.54
N TYR B 35 6.69 3.29 -37.61
CA TYR B 35 7.67 4.11 -38.28
C TYR B 35 7.99 3.51 -39.64
N GLU B 36 8.14 4.39 -40.63
CA GLU B 36 8.38 3.95 -42.01
C GLU B 36 9.34 4.94 -42.65
N GLU B 37 10.43 4.43 -43.21
CA GLU B 37 11.46 5.33 -43.70
C GLU B 37 10.99 6.05 -44.95
N THR B 38 11.04 7.38 -44.95
CA THR B 38 10.75 8.09 -46.18
C THR B 38 11.88 9.05 -46.55
N THR B 39 11.95 9.40 -47.83
CA THR B 39 12.96 10.34 -48.32
C THR B 39 12.32 11.48 -49.07
N VAL B 40 12.77 12.71 -48.80
CA VAL B 40 12.30 13.88 -49.52
C VAL B 40 13.48 14.64 -50.13
N GLU B 41 13.31 15.13 -51.35
CA GLU B 41 14.33 15.92 -52.02
C GLU B 41 14.05 17.40 -51.75
N VAL B 42 14.83 17.97 -50.84
CA VAL B 42 14.70 19.36 -50.41
C VAL B 42 15.54 20.29 -51.28
N PRO B 43 14.96 21.41 -51.73
CA PRO B 43 15.74 22.38 -52.51
C PRO B 43 16.74 23.14 -51.64
N VAL B 44 17.98 23.27 -52.08
CA VAL B 44 18.97 24.08 -51.35
C VAL B 44 18.73 25.55 -51.64
N ASP B 45 18.94 26.39 -50.63
CA ASP B 45 18.58 27.81 -50.68
C ASP B 45 17.11 28.00 -51.09
N PRO B 46 16.17 27.36 -50.36
CA PRO B 46 14.75 27.54 -50.70
C PRO B 46 14.33 29.00 -50.56
N GLN B 47 13.35 29.43 -51.35
CA GLN B 47 13.04 30.85 -51.47
C GLN B 47 11.74 31.28 -50.80
N ARG B 48 10.92 30.30 -50.41
CA ARG B 48 9.63 30.53 -49.78
C ARG B 48 9.34 29.37 -48.83
N ILE B 49 9.78 29.49 -47.57
CA ILE B 49 9.63 28.38 -46.62
C ILE B 49 8.40 28.56 -45.73
N VAL B 50 7.61 27.50 -45.60
CA VAL B 50 6.46 27.50 -44.69
C VAL B 50 6.83 26.57 -43.55
N VAL B 51 6.59 27.00 -42.31
CA VAL B 51 7.02 26.21 -41.14
C VAL B 51 5.94 26.07 -40.09
N PHE B 52 5.61 24.84 -39.71
CA PHE B 52 4.61 24.61 -38.66
C PHE B 52 5.21 24.30 -37.28
N ASP B 53 6.46 23.89 -37.26
CA ASP B 53 7.16 23.45 -36.03
C ASP B 53 8.03 24.61 -35.53
N MSE B 54 7.63 25.23 -34.43
CA MSE B 54 8.32 26.43 -33.95
C MSE B 54 9.83 26.19 -33.74
O MSE B 54 10.64 27.11 -33.86
CB MSE B 54 7.64 27.01 -32.68
CG MSE B 54 6.19 27.49 -32.85
SE MSE B 54 5.94 28.77 -34.31
CE MSE B 54 5.71 27.59 -35.83
N ALA B 55 10.21 24.95 -33.46
CA ALA B 55 11.63 24.69 -33.25
C ALA B 55 12.41 24.82 -34.55
N ALA B 56 11.82 24.37 -35.65
CA ALA B 56 12.45 24.56 -36.94
C ALA B 56 12.40 26.04 -37.36
N LEU B 57 11.33 26.73 -37.00
CA LEU B 57 11.24 28.16 -37.29
C LEU B 57 12.37 28.86 -36.58
N ASP B 58 12.56 28.51 -35.31
CA ASP B 58 13.62 29.06 -34.48
C ASP B 58 14.98 28.92 -35.18
N THR B 59 15.33 27.70 -35.56
CA THR B 59 16.66 27.43 -36.11
C THR B 59 16.87 28.12 -37.46
N ILE B 60 15.87 28.05 -38.33
CA ILE B 60 15.98 28.69 -39.63
C ILE B 60 16.27 30.17 -39.44
N GLY B 61 15.61 30.79 -38.47
CA GLY B 61 15.89 32.17 -38.11
C GLY B 61 17.34 32.40 -37.70
N ALA B 62 17.82 31.52 -36.81
CA ALA B 62 19.15 31.66 -36.22
C ALA B 62 20.28 31.45 -37.20
N LEU B 63 19.96 30.79 -38.31
CA LEU B 63 20.94 30.55 -39.38
C LEU B 63 20.79 31.62 -40.47
N GLY B 64 19.96 32.61 -40.19
CA GLY B 64 19.81 33.76 -41.08
C GLY B 64 18.64 33.69 -42.05
N GLY B 65 17.78 32.69 -41.86
CA GLY B 65 16.70 32.43 -42.79
C GLY B 65 15.52 33.32 -42.50
N GLU B 66 14.46 33.12 -43.28
CA GLU B 66 13.24 33.88 -43.15
C GLU B 66 12.07 32.94 -43.38
N ILE B 67 10.99 33.14 -42.65
CA ILE B 67 9.83 32.28 -42.80
C ILE B 67 8.72 32.99 -43.59
N ALA B 68 8.19 32.32 -44.59
CA ALA B 68 7.23 32.95 -45.50
C ALA B 68 5.81 32.72 -45.03
N GLY B 69 5.60 31.59 -44.35
CA GLY B 69 4.28 31.24 -43.88
C GLY B 69 4.40 30.40 -42.63
N ALA B 70 3.46 30.60 -41.71
CA ALA B 70 3.53 29.97 -40.42
C ALA B 70 2.15 30.05 -39.76
N PRO B 71 1.92 29.19 -38.74
CA PRO B 71 0.74 29.39 -37.89
C PRO B 71 0.94 30.67 -37.08
N LEU B 72 0.60 31.82 -37.66
CA LEU B 72 1.01 33.11 -37.09
C LEU B 72 0.60 33.32 -35.64
N ASP B 73 -0.61 32.90 -35.28
CA ASP B 73 -1.17 33.17 -33.95
C ASP B 73 -0.44 32.39 -32.86
N SER B 74 0.46 31.49 -33.27
CA SER B 74 1.16 30.57 -32.36
C SER B 74 2.66 30.84 -32.31
N VAL B 75 3.12 31.79 -33.10
CA VAL B 75 4.55 32.09 -33.15
C VAL B 75 4.87 32.93 -31.93
N PRO B 76 5.81 32.44 -31.12
CA PRO B 76 6.26 33.08 -29.87
C PRO B 76 6.85 34.44 -30.15
N ASP B 77 6.72 35.37 -29.21
N ASP B 77 6.74 35.34 -29.19
CA ASP B 77 7.24 36.71 -29.43
CA ASP B 77 7.27 36.71 -29.35
C ASP B 77 8.74 36.70 -29.77
C ASP B 77 8.74 36.72 -29.73
N TYR B 78 9.50 35.81 -29.14
CA TYR B 78 10.93 35.78 -29.37
C TYR B 78 11.36 35.26 -30.72
N LEU B 79 10.43 34.67 -31.48
CA LEU B 79 10.73 34.19 -32.82
C LEU B 79 10.02 35.02 -33.89
N GLU B 80 9.15 35.93 -33.46
CA GLU B 80 8.37 36.74 -34.40
C GLU B 80 9.23 37.45 -35.43
N GLU B 81 10.45 37.82 -35.05
CA GLU B 81 11.34 38.61 -35.91
C GLU B 81 11.77 37.89 -37.17
N TYR B 82 11.73 36.57 -37.13
CA TYR B 82 12.18 35.74 -38.25
C TYR B 82 11.08 35.54 -39.32
N LEU B 83 9.91 36.12 -39.12
CA LEU B 83 8.89 36.10 -40.16
C LEU B 83 9.16 37.14 -41.24
N ALA B 84 8.82 36.78 -42.46
CA ALA B 84 8.81 37.70 -43.58
C ALA B 84 7.81 38.83 -43.30
N ASP B 85 8.01 39.99 -43.92
CA ASP B 85 7.12 41.11 -43.65
C ASP B 85 5.72 40.84 -44.17
N ASP B 86 5.62 39.95 -45.15
CA ASP B 86 4.33 39.66 -45.75
C ASP B 86 3.90 38.23 -45.42
N ALA B 87 4.44 37.69 -44.33
CA ALA B 87 4.24 36.28 -44.01
C ALA B 87 2.75 35.98 -43.92
N PHE B 88 2.37 34.85 -44.52
CA PHE B 88 0.97 34.47 -44.59
C PHE B 88 0.67 33.42 -43.52
N ASN B 89 -0.61 33.35 -43.11
CA ASN B 89 -1.01 32.39 -42.09
C ASN B 89 -1.27 31.01 -42.68
N ALA B 90 -0.53 30.00 -42.24
CA ALA B 90 -0.59 28.68 -42.90
C ALA B 90 -1.55 27.72 -42.21
N GLY B 91 -2.06 28.11 -41.05
CA GLY B 91 -2.89 27.22 -40.27
C GLY B 91 -2.69 27.42 -38.78
N THR B 92 -2.63 26.31 -38.05
CA THR B 92 -2.32 26.34 -36.62
C THR B 92 -1.22 25.31 -36.39
N LEU B 93 -0.86 25.06 -35.12
CA LEU B 93 0.19 24.10 -34.81
C LEU B 93 -0.22 22.68 -35.19
N PHE B 94 -1.52 22.49 -35.38
CA PHE B 94 -2.07 21.16 -35.57
C PHE B 94 -2.67 20.95 -36.95
N GLU B 95 -2.95 22.03 -37.64
CA GLU B 95 -3.77 21.96 -38.85
C GLU B 95 -3.27 22.91 -39.97
N ALA B 96 -3.38 22.47 -41.22
CA ALA B 96 -2.91 23.31 -42.32
C ALA B 96 -4.05 23.82 -43.18
N ASP B 97 -3.90 25.06 -43.68
CA ASP B 97 -4.79 25.65 -44.66
C ASP B 97 -4.26 25.28 -46.05
N LEU B 98 -4.69 24.12 -46.55
CA LEU B 98 -4.10 23.59 -47.76
C LEU B 98 -4.47 24.40 -49.00
N ILE B 99 -5.62 25.06 -49.00
CA ILE B 99 -5.98 25.85 -50.17
C ILE B 99 -5.15 27.14 -50.19
N ALA B 100 -4.84 27.65 -49.00
CA ALA B 100 -4.02 28.85 -48.89
C ALA B 100 -2.58 28.56 -49.28
N ILE B 101 -2.04 27.48 -48.72
CA ILE B 101 -0.65 27.12 -48.96
C ILE B 101 -0.41 26.80 -50.43
N GLU B 102 -1.34 26.05 -51.02
CA GLU B 102 -1.25 25.72 -52.44
C GLU B 102 -1.13 27.00 -53.25
N ALA B 103 -1.97 27.98 -52.92
CA ALA B 103 -1.95 29.27 -53.60
C ALA B 103 -0.61 29.97 -53.43
N GLN B 104 -0.04 29.83 -52.25
CA GLN B 104 1.18 30.55 -51.95
C GLN B 104 2.44 29.95 -52.59
N GLN B 105 2.29 28.75 -53.16
CA GLN B 105 3.35 28.08 -53.90
C GLN B 105 4.70 28.07 -53.19
N PRO B 106 4.76 27.56 -51.94
CA PRO B 106 6.04 27.53 -51.22
C PRO B 106 6.97 26.53 -51.88
N ASP B 107 8.27 26.59 -51.60
CA ASP B 107 9.18 25.59 -52.17
C ASP B 107 9.77 24.66 -51.13
N LEU B 108 9.48 24.91 -49.85
CA LEU B 108 9.89 24.03 -48.76
C LEU B 108 8.90 24.16 -47.61
N ILE B 109 8.41 23.04 -47.10
CA ILE B 109 7.49 23.09 -45.98
C ILE B 109 8.09 22.28 -44.85
N VAL B 110 8.16 22.85 -43.66
CA VAL B 110 8.72 22.14 -42.51
C VAL B 110 7.66 21.88 -41.46
N VAL B 111 7.55 20.62 -41.09
CA VAL B 111 6.53 20.17 -40.18
C VAL B 111 7.23 19.39 -39.06
N GLY B 112 6.58 19.23 -37.92
CA GLY B 112 7.18 18.47 -36.83
C GLY B 112 6.28 18.48 -35.62
N GLY B 113 6.55 17.59 -34.66
CA GLY B 113 5.76 17.48 -33.45
C GLY B 113 4.27 17.37 -33.67
N ARG B 114 3.56 18.37 -33.13
CA ARG B 114 2.11 18.51 -33.27
C ARG B 114 1.64 18.51 -34.70
N SER B 115 2.51 18.93 -35.62
CA SER B 115 2.13 18.99 -37.02
C SER B 115 2.68 17.82 -37.84
N SER B 116 3.34 16.87 -37.19
CA SER B 116 4.01 15.82 -37.94
C SER B 116 2.99 15.09 -38.85
N GLY B 117 1.75 14.97 -38.38
CA GLY B 117 0.73 14.26 -39.12
C GLY B 117 0.32 14.91 -40.41
N LEU B 118 0.57 16.22 -40.51
CA LEU B 118 0.27 16.97 -41.73
C LEU B 118 1.18 16.63 -42.90
N TRP B 119 2.22 15.85 -42.64
CA TRP B 119 3.26 15.60 -43.64
C TRP B 119 2.75 15.23 -45.04
N ALA B 120 1.96 14.17 -45.12
CA ALA B 120 1.53 13.66 -46.43
C ALA B 120 0.68 14.64 -47.23
N ASP B 121 -0.18 15.40 -46.54
CA ASP B 121 -0.96 16.42 -47.21
C ASP B 121 -0.08 17.57 -47.71
N LEU B 122 0.85 18.03 -46.88
CA LEU B 122 1.71 19.13 -47.29
C LEU B 122 2.65 18.75 -48.45
N ASN B 123 3.17 17.52 -48.39
CA ASN B 123 4.09 17.04 -49.41
C ASN B 123 3.47 16.98 -50.83
N GLU B 124 2.15 16.86 -50.91
CA GLU B 124 1.45 16.97 -52.19
C GLU B 124 1.57 18.37 -52.81
N ILE B 125 1.91 19.35 -51.98
CA ILE B 125 2.00 20.74 -52.41
C ILE B 125 3.43 21.14 -52.73
N ALA B 126 4.35 20.77 -51.85
CA ALA B 126 5.78 21.08 -52.03
C ALA B 126 6.57 20.17 -51.11
N PRO B 127 7.83 19.89 -51.46
CA PRO B 127 8.67 19.00 -50.64
C PRO B 127 8.63 19.41 -49.18
N THR B 128 8.15 18.49 -48.34
CA THR B 128 7.94 18.74 -46.92
C THR B 128 8.83 17.82 -46.10
N ILE B 129 9.49 18.37 -45.08
CA ILE B 129 10.24 17.53 -44.16
C ILE B 129 9.65 17.59 -42.77
N ASP B 130 9.90 16.52 -42.03
CA ASP B 130 9.37 16.30 -40.69
C ASP B 130 10.57 16.26 -39.74
N LEU B 131 10.81 17.36 -39.03
CA LEU B 131 11.96 17.45 -38.15
C LEU B 131 11.54 17.19 -36.70
N SER B 132 10.62 16.24 -36.52
CA SER B 132 10.21 15.80 -35.19
C SER B 132 11.39 15.36 -34.35
N LEU B 133 11.26 15.50 -33.04
CA LEU B 133 12.31 15.01 -32.15
C LEU B 133 12.40 13.49 -32.26
N ARG B 134 13.60 12.99 -32.47
N ARG B 134 13.61 12.99 -32.47
CA ARG B 134 13.85 11.55 -32.40
CA ARG B 134 13.87 11.56 -32.42
C ARG B 134 15.19 11.26 -31.73
C ARG B 134 15.21 11.28 -31.72
N GLY B 135 15.15 10.47 -30.66
CA GLY B 135 16.34 10.15 -29.91
C GLY B 135 16.50 11.12 -28.75
N SER B 136 17.67 11.76 -28.69
CA SER B 136 17.98 12.77 -27.69
C SER B 136 17.41 14.09 -28.12
N TYR B 137 17.08 14.93 -27.14
CA TYR B 137 16.96 16.34 -27.41
C TYR B 137 18.26 16.80 -28.08
N LEU B 138 19.39 16.42 -27.49
CA LEU B 138 20.69 16.79 -28.03
C LEU B 138 21.00 16.27 -29.42
N ASP B 139 20.68 15.00 -29.68
CA ASP B 139 20.84 14.45 -31.04
C ASP B 139 19.95 15.19 -32.03
N THR B 140 18.71 15.47 -31.63
CA THR B 140 17.82 16.22 -32.49
C THR B 140 18.37 17.61 -32.79
N LEU B 141 18.90 18.28 -31.75
CA LEU B 141 19.47 19.61 -31.89
C LEU B 141 20.55 19.61 -32.96
N GLU B 142 21.52 18.71 -32.82
CA GLU B 142 22.63 18.66 -33.76
C GLU B 142 22.18 18.35 -35.18
N GLN B 143 21.49 17.22 -35.34
CA GLN B 143 21.01 16.83 -36.65
C GLN B 143 20.19 17.90 -37.36
N ASN B 144 19.11 18.35 -36.74
CA ASN B 144 18.32 19.40 -37.36
C ASN B 144 19.09 20.70 -37.71
N THR B 145 19.95 21.16 -36.81
CA THR B 145 20.65 22.41 -37.09
C THR B 145 21.61 22.25 -38.26
N THR B 146 22.31 21.12 -38.28
CA THR B 146 23.25 20.85 -39.35
C THR B 146 22.52 20.70 -40.67
N PHE B 147 21.45 19.91 -40.68
CA PHE B 147 20.70 19.73 -41.91
C PHE B 147 20.15 21.04 -42.42
N LEU B 148 19.48 21.79 -41.54
CA LEU B 148 18.95 23.09 -41.93
C LEU B 148 20.10 23.98 -42.40
N GLY B 149 21.24 23.87 -41.72
CA GLY B 149 22.47 24.48 -42.19
C GLY B 149 22.77 24.19 -43.66
N LYS B 150 22.79 22.92 -44.04
CA LYS B 150 22.97 22.57 -45.44
C LYS B 150 21.86 23.12 -46.36
N VAL B 151 20.60 22.99 -45.97
CA VAL B 151 19.50 23.54 -46.74
C VAL B 151 19.66 25.04 -46.96
N LEU B 152 19.96 25.79 -45.90
CA LEU B 152 20.06 27.23 -46.01
C LEU B 152 21.39 27.73 -46.56
N GLY B 153 22.30 26.81 -46.86
CA GLY B 153 23.66 27.19 -47.22
C GLY B 153 24.26 28.03 -46.12
N ALA B 154 24.22 27.50 -44.89
CA ALA B 154 24.66 28.19 -43.70
C ALA B 154 25.42 27.21 -42.84
N GLU B 155 26.22 26.36 -43.50
CA GLU B 155 26.93 25.30 -42.81
C GLU B 155 27.82 25.86 -41.72
N ALA B 156 28.54 26.94 -42.04
CA ALA B 156 29.43 27.62 -41.09
C ALA B 156 28.73 28.16 -39.85
N GLU B 157 27.56 28.77 -40.04
CA GLU B 157 26.81 29.35 -38.94
C GLU B 157 26.27 28.25 -38.05
N ALA B 158 25.86 27.15 -38.68
CA ALA B 158 25.32 26.02 -37.93
C ALA B 158 26.40 25.42 -37.06
N GLU B 159 27.59 25.28 -37.62
CA GLU B 159 28.74 24.77 -36.87
C GLU B 159 29.00 25.68 -35.66
N SER B 160 28.86 26.99 -35.90
CA SER B 160 29.08 27.98 -34.88
C SER B 160 28.04 27.98 -33.76
N VAL B 161 26.75 27.97 -34.10
CA VAL B 161 25.75 27.99 -33.03
C VAL B 161 25.78 26.71 -32.22
N LEU B 162 26.06 25.59 -32.88
CA LEU B 162 26.16 24.33 -32.16
C LEU B 162 27.29 24.39 -31.13
N ALA B 163 28.46 24.88 -31.54
CA ALA B 163 29.55 25.09 -30.59
C ALA B 163 29.18 25.99 -29.41
N GLU B 164 28.48 27.09 -29.68
CA GLU B 164 28.05 28.02 -28.65
C GLU B 164 27.12 27.28 -27.67
N LEU B 165 26.08 26.64 -28.20
CA LEU B 165 25.17 25.87 -27.38
C LEU B 165 25.85 24.73 -26.57
N GLU B 166 26.86 24.07 -27.13
CA GLU B 166 27.53 22.99 -26.40
C GLU B 166 28.22 23.56 -25.17
N ALA B 167 28.90 24.66 -25.40
CA ALA B 167 29.54 25.44 -24.33
C ALA B 167 28.53 25.90 -23.27
N GLY B 168 27.39 26.40 -23.71
CA GLY B 168 26.40 26.91 -22.77
C GLY B 168 25.66 25.84 -21.98
N ILE B 169 25.41 24.72 -22.62
CA ILE B 169 24.82 23.60 -21.92
C ILE B 169 25.79 23.11 -20.86
N ALA B 170 27.07 23.03 -21.21
CA ALA B 170 28.08 22.59 -20.25
C ALA B 170 28.16 23.57 -19.10
N GLU B 171 28.04 24.85 -19.43
CA GLU B 171 28.02 25.89 -18.41
C GLU B 171 26.91 25.62 -17.40
N ALA B 172 25.70 25.41 -17.92
CA ALA B 172 24.55 25.11 -17.08
C ALA B 172 24.73 23.81 -16.26
N LYS B 173 25.18 22.73 -16.89
CA LYS B 173 25.40 21.51 -16.14
C LYS B 173 26.35 21.72 -14.96
N ALA B 174 27.40 22.52 -15.17
CA ALA B 174 28.30 22.84 -14.09
C ALA B 174 27.57 23.61 -12.99
N ALA B 175 26.67 24.52 -13.36
CA ALA B 175 25.87 25.25 -12.38
C ALA B 175 25.01 24.30 -11.55
N VAL B 176 24.33 23.37 -12.23
CA VAL B 176 23.48 22.38 -11.58
C VAL B 176 24.27 21.49 -10.62
N THR B 177 25.42 21.03 -11.09
CA THR B 177 26.32 20.19 -10.31
C THR B 177 26.82 20.92 -9.07
N GLU B 178 27.09 22.21 -9.20
CA GLU B 178 27.62 22.98 -8.09
C GLU B 178 26.53 23.31 -7.06
N ALA B 179 25.29 23.42 -7.53
CA ALA B 179 24.15 23.55 -6.64
C ALA B 179 23.96 22.26 -5.87
N SER B 180 24.50 21.19 -6.43
CA SER B 180 24.26 19.82 -5.98
C SER B 180 22.80 19.56 -5.61
N GLY B 181 22.64 18.69 -4.63
CA GLY B 181 21.32 18.34 -4.16
C GLY B 181 20.59 17.45 -5.12
N THR B 182 19.33 17.25 -4.81
CA THR B 182 18.43 16.43 -5.58
C THR B 182 17.35 17.37 -6.16
N GLY B 183 16.80 17.05 -7.33
CA GLY B 183 15.78 17.93 -7.90
C GLY B 183 14.51 17.21 -8.34
N LEU B 184 13.43 17.97 -8.51
CA LEU B 184 12.20 17.44 -9.11
C LEU B 184 11.60 18.47 -10.05
N GLY B 185 11.26 18.04 -11.26
CA GLY B 185 10.62 18.93 -12.21
C GLY B 185 9.12 18.67 -12.24
N ILE B 186 8.33 19.74 -12.20
CA ILE B 186 6.89 19.58 -12.23
C ILE B 186 6.25 20.44 -13.32
N MSE B 187 5.12 19.97 -13.81
CA MSE B 187 4.33 20.73 -14.75
C MSE B 187 2.98 21.04 -14.12
O MSE B 187 2.26 20.12 -13.73
CB MSE B 187 4.16 19.95 -16.04
CG MSE B 187 4.22 20.82 -17.27
SE MSE B 187 4.14 19.75 -18.84
CE MSE B 187 6.08 19.43 -19.07
N VAL B 188 2.65 22.31 -13.98
CA VAL B 188 1.37 22.70 -13.39
C VAL B 188 0.32 22.94 -14.45
N SER B 189 -0.80 22.23 -14.35
CA SER B 189 -1.87 22.42 -15.30
C SER B 189 -3.24 22.36 -14.63
N GLY B 190 -3.91 23.50 -14.55
CA GLY B 190 -5.25 23.52 -14.02
C GLY B 190 -5.22 23.20 -12.55
N GLY B 191 -4.27 23.85 -11.87
CA GLY B 191 -4.14 23.72 -10.43
C GLY B 191 -3.61 22.37 -10.00
N GLN B 192 -3.31 21.50 -10.98
CA GLN B 192 -2.80 20.17 -10.69
C GLN B 192 -1.31 20.05 -11.00
N LEU B 193 -0.66 19.11 -10.32
CA LEU B 193 0.78 18.93 -10.45
C LEU B 193 1.11 17.59 -11.14
N SER B 194 1.99 17.63 -12.13
CA SER B 194 2.47 16.39 -12.76
C SER B 194 3.98 16.28 -12.57
N ALA B 195 4.46 15.11 -12.15
CA ALA B 195 5.89 14.92 -12.00
C ALA B 195 6.60 14.69 -13.34
N LEU B 196 7.63 15.48 -13.63
CA LEU B 196 8.50 15.16 -14.76
C LEU B 196 9.50 14.06 -14.40
N SER B 197 9.78 13.19 -15.37
CA SER B 197 10.58 12.02 -15.14
C SER B 197 11.69 11.97 -16.18
N PRO B 198 12.89 11.53 -15.78
CA PRO B 198 13.98 11.24 -16.73
C PRO B 198 13.49 10.28 -17.80
N ASN B 199 13.84 10.55 -19.06
CA ASN B 199 13.36 9.75 -20.18
C ASN B 199 14.04 8.39 -20.21
N THR B 200 13.31 7.36 -19.83
CA THR B 200 13.81 5.98 -19.95
C THR B 200 13.44 5.44 -21.32
N GLY B 201 14.42 4.78 -21.96
CA GLY B 201 14.23 4.28 -23.30
C GLY B 201 14.47 5.40 -24.30
N ASN B 202 13.86 5.29 -25.47
CA ASN B 202 14.02 6.33 -26.47
C ASN B 202 12.71 6.76 -27.12
N ASP B 203 11.59 6.39 -26.51
CA ASP B 203 10.29 6.90 -26.96
C ASP B 203 10.28 8.41 -26.78
N PRO B 204 9.94 9.14 -27.84
CA PRO B 204 10.15 10.59 -27.90
C PRO B 204 9.10 11.39 -27.14
N ARG B 205 7.98 10.77 -26.82
CA ARG B 205 6.99 11.41 -25.96
C ARG B 205 7.63 11.85 -24.62
N GLY B 206 8.57 11.05 -24.13
CA GLY B 206 9.15 11.25 -22.82
C GLY B 206 10.28 12.25 -22.74
N ALA B 207 10.86 12.59 -23.91
CA ALA B 207 12.06 13.42 -23.98
C ALA B 207 11.84 14.80 -23.38
N ARG B 208 10.69 15.38 -23.66
CA ARG B 208 10.43 16.73 -23.21
C ARG B 208 10.41 16.81 -21.70
N GLY B 209 9.71 15.87 -21.08
CA GLY B 209 9.62 15.85 -19.64
C GLY B 209 10.99 15.71 -19.02
N GLY B 210 11.80 14.82 -19.58
CA GLY B 210 13.10 14.52 -19.01
C GLY B 210 14.22 15.52 -19.23
N LEU B 211 13.98 16.57 -20.03
CA LEU B 211 15.02 17.57 -20.31
C LEU B 211 15.83 18.04 -19.10
N ILE B 212 15.13 18.47 -18.05
CA ILE B 212 15.81 18.95 -16.86
C ILE B 212 16.83 17.94 -16.28
N TYR B 213 16.53 16.65 -16.41
CA TYR B 213 17.39 15.59 -15.88
C TYR B 213 18.39 15.09 -16.91
N ASP B 214 17.97 15.13 -18.17
CA ASP B 214 18.67 14.40 -19.23
C ASP B 214 19.74 15.23 -19.92
N VAL B 215 19.40 16.49 -20.18
CA VAL B 215 20.33 17.43 -20.76
C VAL B 215 21.13 18.19 -19.69
N PHE B 216 20.45 18.69 -18.66
CA PHE B 216 21.10 19.57 -17.67
C PHE B 216 21.60 18.88 -16.41
N GLY B 217 21.19 17.63 -16.23
CA GLY B 217 21.80 16.79 -15.22
C GLY B 217 21.36 16.92 -13.79
N VAL B 218 20.20 17.54 -13.55
CA VAL B 218 19.58 17.52 -12.23
C VAL B 218 19.39 16.06 -11.79
N GLN B 219 19.83 15.73 -10.58
CA GLN B 219 19.63 14.38 -10.04
C GLN B 219 18.22 14.26 -9.48
N PRO B 220 17.47 13.23 -9.90
CA PRO B 220 16.05 13.13 -9.50
C PRO B 220 15.84 12.73 -8.04
N VAL B 221 14.83 13.26 -7.37
CA VAL B 221 14.54 12.85 -5.99
C VAL B 221 14.31 11.36 -5.83
N LEU B 222 13.69 10.74 -6.83
CA LEU B 222 13.47 9.30 -6.81
C LEU B 222 14.17 8.65 -8.00
N GLU B 223 14.74 7.46 -7.74
CA GLU B 223 15.43 6.70 -8.77
C GLU B 223 14.45 6.30 -9.86
N ASP B 224 13.20 6.10 -9.48
CA ASP B 224 12.15 5.83 -10.44
C ASP B 224 10.90 6.65 -10.13
N ILE B 225 10.89 7.90 -10.57
CA ILE B 225 9.76 8.79 -10.36
C ILE B 225 8.52 8.24 -11.03
N LYS B 226 8.66 7.88 -12.30
CA LYS B 226 7.56 7.39 -13.11
C LYS B 226 6.82 6.28 -12.36
N ALA B 227 7.58 5.34 -11.83
CA ALA B 227 7.03 4.25 -11.04
C ALA B 227 6.18 4.73 -9.85
N ALA B 228 6.76 5.60 -9.03
CA ALA B 228 6.12 6.04 -7.79
C ALA B 228 4.96 7.00 -8.07
N THR B 229 4.82 7.38 -9.33
CA THR B 229 3.87 8.40 -9.73
C THR B 229 2.62 7.74 -10.28
N HIS B 230 2.81 6.57 -10.88
CA HIS B 230 1.73 5.78 -11.50
C HIS B 230 1.13 6.46 -12.72
N GLY B 231 1.75 7.55 -13.16
CA GLY B 231 1.30 8.28 -14.33
C GLY B 231 0.27 9.33 -14.00
N GLU B 232 -0.45 9.11 -12.90
CA GLU B 232 -1.44 10.06 -12.40
C GLU B 232 -0.72 11.27 -11.79
N PRO B 233 -1.43 12.41 -11.64
CA PRO B 233 -0.85 13.58 -10.99
C PRO B 233 -0.35 13.30 -9.56
N ILE B 234 0.27 14.29 -8.95
CA ILE B 234 0.84 14.14 -7.62
C ILE B 234 0.28 15.23 -6.72
N SER B 235 0.06 14.90 -5.45
CA SER B 235 -0.50 15.86 -4.51
C SER B 235 0.61 16.79 -4.02
N PHE B 236 0.24 17.91 -3.39
CA PHE B 236 1.27 18.75 -2.78
C PHE B 236 2.03 17.92 -1.75
N GLU B 237 1.30 17.06 -1.02
CA GLU B 237 1.93 16.21 -0.01
C GLU B 237 3.10 15.36 -0.54
N PHE B 238 3.00 14.95 -1.81
CA PHE B 238 4.09 14.26 -2.51
C PHE B 238 5.39 15.07 -2.49
N LEU B 239 5.30 16.38 -2.77
CA LEU B 239 6.46 17.27 -2.70
C LEU B 239 7.04 17.29 -1.30
N LEU B 240 6.14 17.38 -0.31
CA LEU B 240 6.56 17.42 1.08
C LEU B 240 7.20 16.12 1.53
N GLU B 241 6.66 14.99 1.06
CA GLU B 241 7.17 13.66 1.42
C GLU B 241 8.58 13.41 0.95
N HIS B 242 8.82 13.63 -0.34
CA HIS B 242 10.10 13.33 -0.98
C HIS B 242 11.04 14.51 -0.90
N ASP B 243 10.45 15.68 -0.76
CA ASP B 243 11.16 16.93 -0.48
C ASP B 243 12.45 17.12 -1.26
N PRO B 244 12.33 17.48 -2.55
CA PRO B 244 13.51 17.75 -3.36
C PRO B 244 14.18 19.03 -2.89
N GLN B 245 15.51 19.08 -3.06
CA GLN B 245 16.27 20.26 -2.70
C GLN B 245 15.94 21.42 -3.65
N TRP B 246 15.71 21.08 -4.92
CA TRP B 246 15.38 22.07 -5.95
C TRP B 246 14.10 21.65 -6.64
N LEU B 247 13.18 22.60 -6.81
CA LEU B 247 11.92 22.37 -7.51
C LEU B 247 11.89 23.18 -8.80
N TRP B 248 11.87 22.50 -9.94
CA TRP B 248 11.87 23.13 -11.26
C TRP B 248 10.48 23.13 -11.85
N VAL B 249 9.91 24.30 -12.09
CA VAL B 249 8.49 24.39 -12.43
C VAL B 249 8.20 24.89 -13.86
N VAL B 250 7.38 24.13 -14.60
CA VAL B 250 6.85 24.53 -15.90
C VAL B 250 5.34 24.77 -15.81
N ASP B 251 4.92 26.03 -15.94
CA ASP B 251 3.51 26.38 -15.87
C ASP B 251 2.86 26.10 -17.24
N ARG B 252 2.27 24.93 -17.41
CA ARG B 252 1.75 24.56 -18.71
C ARG B 252 0.56 25.43 -19.13
N ASP B 253 -0.25 25.84 -18.17
CA ASP B 253 -1.39 26.67 -18.52
C ASP B 253 -0.97 28.02 -19.07
N ALA B 254 0.17 28.49 -18.59
CA ALA B 254 0.72 29.73 -19.10
C ALA B 254 0.98 29.64 -20.62
N ALA B 255 1.54 28.51 -21.05
CA ALA B 255 1.99 28.33 -22.43
C ALA B 255 0.85 28.06 -23.42
N THR B 256 -0.20 27.40 -22.93
CA THR B 256 -1.26 26.95 -23.80
C THR B 256 -2.38 27.96 -23.85
N GLY B 257 -2.29 28.97 -22.99
CA GLY B 257 -3.32 29.99 -22.95
C GLY B 257 -4.67 29.51 -22.43
N ALA B 258 -4.64 28.73 -21.36
CA ALA B 258 -5.83 28.16 -20.77
C ALA B 258 -6.63 29.19 -19.96
N GLU B 259 -7.94 29.25 -20.20
CA GLU B 259 -8.82 30.18 -19.50
C GLU B 259 -8.86 29.96 -17.99
N GLY B 260 -8.92 31.05 -17.24
CA GLY B 260 -9.22 31.01 -15.82
C GLY B 260 -8.28 30.15 -15.00
N ALA B 261 -7.03 30.09 -15.44
CA ALA B 261 -6.00 29.35 -14.74
C ALA B 261 -5.21 30.33 -13.91
N GLN B 262 -4.83 29.91 -12.71
CA GLN B 262 -4.00 30.74 -11.86
C GLN B 262 -2.55 30.37 -12.03
N ALA B 263 -1.66 31.33 -11.84
CA ALA B 263 -0.23 31.13 -12.12
C ALA B 263 0.35 30.05 -11.22
N ALA B 264 1.25 29.22 -11.76
CA ALA B 264 1.88 28.16 -10.98
C ALA B 264 2.42 28.68 -9.65
N LYS B 265 3.02 29.87 -9.68
CA LYS B 265 3.50 30.49 -8.45
C LYS B 265 2.43 30.55 -7.36
N VAL B 266 1.23 30.96 -7.75
CA VAL B 266 0.10 31.00 -6.84
C VAL B 266 -0.31 29.61 -6.37
N VAL B 267 -0.50 28.69 -7.31
CA VAL B 267 -0.83 27.31 -7.00
C VAL B 267 0.09 26.65 -5.97
N LEU B 268 1.37 27.02 -5.99
CA LEU B 268 2.38 26.44 -5.10
C LEU B 268 2.55 27.28 -3.84
N ASP B 269 1.66 28.27 -3.69
CA ASP B 269 1.59 29.05 -2.46
C ASP B 269 0.50 28.50 -1.56
N ASN B 270 0.80 27.39 -0.93
CA ASN B 270 -0.08 26.77 0.05
C ASN B 270 0.69 26.24 1.26
N GLU B 271 -0.02 26.02 2.36
CA GLU B 271 0.60 25.62 3.63
C GLU B 271 1.51 24.38 3.53
N ILE B 272 1.18 23.47 2.61
CA ILE B 272 1.95 22.25 2.46
C ILE B 272 3.27 22.50 1.73
N VAL B 273 3.20 23.10 0.55
CA VAL B 273 4.41 23.37 -0.21
C VAL B 273 5.33 24.32 0.55
N ASN B 274 4.77 25.32 1.21
CA ASN B 274 5.60 26.30 1.93
C ASN B 274 6.42 25.71 3.06
N ARG B 275 6.16 24.44 3.37
CA ARG B 275 6.94 23.70 4.37
C ARG B 275 8.09 22.90 3.75
N THR B 276 8.07 22.73 2.43
CA THR B 276 9.10 21.95 1.76
C THR B 276 10.45 22.66 1.88
N THR B 277 11.55 21.90 1.77
CA THR B 277 12.88 22.50 1.79
C THR B 277 13.03 23.47 0.63
N ALA B 278 12.55 23.03 -0.54
CA ALA B 278 12.65 23.80 -1.76
C ALA B 278 12.10 25.20 -1.57
N ALA B 279 10.92 25.30 -0.98
CA ALA B 279 10.28 26.60 -0.81
C ALA B 279 10.99 27.43 0.24
N THR B 280 11.35 26.83 1.37
CA THR B 280 11.85 27.62 2.49
C THR B 280 13.24 28.14 2.24
N GLU B 281 13.95 27.47 1.34
CA GLU B 281 15.34 27.80 1.04
C GLU B 281 15.43 28.60 -0.26
N ASP B 282 14.28 28.95 -0.83
CA ASP B 282 14.19 29.74 -2.06
C ASP B 282 14.83 29.01 -3.25
N HIS B 283 14.44 27.75 -3.42
CA HIS B 283 14.98 26.88 -4.45
C HIS B 283 13.90 26.48 -5.43
N VAL B 284 12.83 27.27 -5.53
CA VAL B 284 11.87 27.05 -6.59
C VAL B 284 12.30 27.89 -7.81
N LEU B 285 12.49 27.22 -8.94
CA LEU B 285 12.92 27.89 -10.17
C LEU B 285 11.86 27.69 -11.25
N TYR B 286 11.44 28.79 -11.87
CA TYR B 286 10.41 28.68 -12.91
C TYR B 286 11.01 28.70 -14.32
N LEU B 287 10.67 27.70 -15.10
CA LEU B 287 11.19 27.60 -16.47
C LEU B 287 10.23 28.29 -17.44
N ASN B 288 10.74 28.76 -18.58
CA ASN B 288 9.94 29.49 -19.55
C ASN B 288 8.95 28.53 -20.20
N PRO B 289 7.66 28.68 -19.90
CA PRO B 289 6.66 27.74 -20.40
C PRO B 289 6.63 27.63 -21.92
N THR B 290 6.64 28.74 -22.66
CA THR B 290 6.70 28.65 -24.12
C THR B 290 7.95 27.93 -24.61
N ALA B 291 9.10 28.29 -24.06
CA ALA B 291 10.33 27.61 -24.46
C ALA B 291 10.31 26.13 -24.11
N TRP B 292 10.08 25.79 -22.85
CA TRP B 292 10.15 24.38 -22.45
C TRP B 292 8.95 23.51 -22.84
N TYR B 293 7.80 24.11 -23.12
CA TYR B 293 6.65 23.27 -23.44
C TYR B 293 6.08 23.43 -24.85
N ILE B 294 5.96 24.66 -25.36
CA ILE B 294 5.44 24.83 -26.73
C ILE B 294 6.50 24.54 -27.78
N VAL B 295 7.60 25.29 -27.75
CA VAL B 295 8.59 25.20 -28.81
C VAL B 295 9.47 23.95 -28.70
N PHE B 296 10.26 23.90 -27.64
CA PHE B 296 10.91 22.68 -27.22
C PHE B 296 11.94 22.18 -28.26
N GLY B 297 12.92 23.03 -28.55
CA GLY B 297 13.95 22.72 -29.52
C GLY B 297 14.24 23.99 -30.28
N GLY B 298 15.29 24.00 -31.09
CA GLY B 298 15.63 25.20 -31.81
C GLY B 298 16.74 25.96 -31.13
N VAL B 299 17.51 26.72 -31.91
CA VAL B 299 18.68 27.44 -31.37
C VAL B 299 18.31 28.48 -30.32
N GLU B 300 17.48 29.44 -30.68
CA GLU B 300 17.10 30.50 -29.73
C GLU B 300 16.45 29.95 -28.47
N THR B 301 15.60 28.94 -28.65
CA THR B 301 14.94 28.29 -27.55
C THR B 301 15.95 27.65 -26.57
N THR B 302 16.94 26.94 -27.11
CA THR B 302 17.94 26.30 -26.24
C THR B 302 18.73 27.36 -25.44
N ARG B 303 19.01 28.50 -26.03
CA ARG B 303 19.65 29.57 -25.28
C ARG B 303 18.77 29.92 -24.07
N ILE B 304 17.46 30.07 -24.29
CA ILE B 304 16.50 30.35 -23.21
C ILE B 304 16.50 29.27 -22.12
N MSE B 305 16.49 28.00 -22.52
CA MSE B 305 16.61 26.93 -21.54
C MSE B 305 17.88 27.09 -20.69
O MSE B 305 17.82 27.06 -19.45
CB MSE B 305 16.58 25.57 -22.23
CG MSE B 305 15.19 25.19 -22.70
SE MSE B 305 15.17 23.80 -24.03
CE MSE B 305 16.51 22.67 -23.28
N ILE B 306 19.01 27.32 -21.35
CA ILE B 306 20.27 27.56 -20.66
C ILE B 306 20.20 28.68 -19.59
N ASP B 307 19.65 29.85 -19.93
CA ASP B 307 19.58 30.91 -18.94
C ASP B 307 18.67 30.51 -17.81
N ASP B 308 17.65 29.72 -18.13
CA ASP B 308 16.69 29.28 -17.14
C ASP B 308 17.37 28.37 -16.13
N VAL B 309 18.18 27.44 -16.61
CA VAL B 309 18.84 26.52 -15.72
C VAL B 309 19.90 27.29 -14.93
N LEU B 310 20.63 28.19 -15.57
CA LEU B 310 21.66 28.99 -14.88
C LEU B 310 21.13 29.77 -13.67
N GLN B 311 19.82 29.93 -13.60
CA GLN B 311 19.19 30.52 -12.42
C GLN B 311 19.61 29.87 -11.10
N VAL B 312 19.97 28.58 -11.07
CA VAL B 312 20.33 27.98 -9.77
C VAL B 312 21.54 28.65 -9.17
N ALA B 313 22.41 29.16 -10.02
CA ALA B 313 23.67 29.72 -9.56
C ALA B 313 23.42 30.92 -8.66
N ALA B 314 22.29 31.58 -8.85
CA ALA B 314 21.99 32.82 -8.13
C ALA B 314 21.37 32.59 -6.75
N ARG B 315 20.74 31.44 -6.59
CA ARG B 315 20.14 31.05 -5.33
C ARG B 315 21.21 30.54 -4.36
N ALA C 15 40.79 -7.42 49.72
CA ALA C 15 39.99 -6.21 49.68
C ALA C 15 38.74 -6.45 48.85
N THR C 16 37.84 -5.47 48.83
CA THR C 16 36.64 -5.56 48.02
C THR C 16 36.66 -4.49 46.93
N ALA C 17 36.23 -4.87 45.73
CA ALA C 17 36.09 -3.90 44.64
C ALA C 17 34.63 -3.48 44.48
N SER C 18 34.39 -2.20 44.26
CA SER C 18 33.03 -1.69 44.10
C SER C 18 32.51 -1.86 42.69
N TYR C 19 31.23 -2.20 42.57
CA TYR C 19 30.57 -2.26 41.26
C TYR C 19 29.27 -1.48 41.27
N THR C 20 29.20 -0.44 40.45
CA THR C 20 27.99 0.40 40.34
C THR C 20 27.41 0.34 38.94
N TRP C 21 26.09 0.13 38.85
CA TRP C 21 25.39 0.12 37.56
C TRP C 21 23.93 0.56 37.67
N ASP C 22 23.34 0.94 36.55
CA ASP C 22 21.92 1.29 36.57
C ASP C 22 21.13 -0.01 36.43
N ARG C 23 20.58 -0.49 37.55
CA ARG C 23 19.91 -1.78 37.59
C ARG C 23 18.53 -1.69 36.96
N ASN C 24 18.17 -2.71 36.19
CA ASN C 24 16.80 -2.79 35.74
C ASN C 24 15.97 -3.45 36.84
N THR C 25 15.10 -2.65 37.45
CA THR C 25 14.29 -3.14 38.56
C THR C 25 13.09 -3.98 38.11
N ALA C 26 12.85 -4.02 36.80
CA ALA C 26 11.81 -4.88 36.26
C ALA C 26 12.24 -6.34 36.33
N THR C 27 11.32 -7.16 36.83
CA THR C 27 11.56 -8.57 37.10
C THR C 27 11.25 -9.42 35.88
N GLU C 28 10.14 -9.09 35.23
CA GLU C 28 9.68 -9.72 33.99
C GLU C 28 10.55 -9.14 32.85
N GLU C 29 11.03 -9.97 31.95
CA GLU C 29 11.97 -9.49 30.93
C GLU C 29 11.27 -8.73 29.80
N GLY C 30 9.98 -8.95 29.63
CA GLY C 30 9.25 -8.22 28.62
C GLY C 30 8.67 -6.92 29.13
N ALA C 31 9.06 -6.53 30.34
CA ALA C 31 8.47 -5.36 30.97
C ALA C 31 9.23 -4.07 30.65
N ASP C 32 8.51 -2.96 30.65
CA ASP C 32 9.16 -1.67 30.45
C ASP C 32 10.12 -1.45 31.61
N PRO C 33 11.40 -1.36 31.32
CA PRO C 33 12.42 -1.22 32.37
C PRO C 33 12.38 0.10 33.10
N VAL C 34 12.65 0.06 34.41
CA VAL C 34 12.87 1.26 35.19
C VAL C 34 14.21 1.11 35.85
N TYR C 35 15.08 2.08 35.68
CA TYR C 35 16.47 1.95 36.09
C TYR C 35 16.78 2.72 37.35
N GLU C 36 17.23 2.01 38.37
CA GLU C 36 17.63 2.62 39.61
C GLU C 36 19.05 2.20 39.90
N GLU C 37 19.92 3.15 40.20
CA GLU C 37 21.32 2.84 40.42
C GLU C 37 21.54 2.03 41.68
N THR C 38 22.42 1.04 41.60
CA THR C 38 22.78 0.28 42.78
C THR C 38 24.25 -0.05 42.80
N THR C 39 24.80 -0.23 43.99
CA THR C 39 26.21 -0.55 44.16
C THR C 39 26.39 -1.83 44.98
N VAL C 40 27.31 -2.68 44.56
CA VAL C 40 27.62 -3.89 45.32
C VAL C 40 29.12 -3.99 45.54
N GLU C 41 29.52 -4.33 46.77
CA GLU C 41 30.92 -4.53 47.09
C GLU C 41 31.28 -5.99 46.79
N VAL C 42 32.15 -6.20 45.80
CA VAL C 42 32.53 -7.53 45.34
C VAL C 42 33.85 -7.94 45.94
N PRO C 43 33.91 -9.16 46.50
CA PRO C 43 35.18 -9.64 47.07
C PRO C 43 36.21 -9.92 45.97
N VAL C 44 37.40 -9.35 46.12
CA VAL C 44 38.48 -9.63 45.18
C VAL C 44 38.99 -11.05 45.44
N ASP C 45 39.29 -11.77 44.37
CA ASP C 45 39.71 -13.17 44.42
C ASP C 45 38.69 -14.08 45.12
N PRO C 46 37.45 -14.15 44.60
CA PRO C 46 36.42 -14.98 45.24
C PRO C 46 36.68 -16.48 45.03
N GLN C 47 36.34 -17.31 46.01
CA GLN C 47 36.64 -18.75 45.93
C GLN C 47 35.46 -19.67 45.61
N ARG C 48 34.24 -19.15 45.62
CA ARG C 48 33.08 -19.92 45.15
C ARG C 48 32.14 -19.03 44.36
N ILE C 49 32.30 -19.06 43.04
CA ILE C 49 31.49 -18.22 42.18
C ILE C 49 30.29 -18.98 41.62
N VAL C 50 29.12 -18.35 41.72
CA VAL C 50 27.92 -18.93 41.16
C VAL C 50 27.48 -18.00 40.03
N VAL C 51 27.30 -18.56 38.83
CA VAL C 51 27.02 -17.76 37.64
C VAL C 51 25.77 -18.23 36.92
N PHE C 52 24.88 -17.29 36.57
CA PHE C 52 23.68 -17.61 35.80
C PHE C 52 23.76 -17.13 34.35
N ASP C 53 24.59 -16.13 34.08
CA ASP C 53 24.69 -15.52 32.75
C ASP C 53 25.86 -16.12 32.00
N MSE C 54 25.58 -16.81 30.90
CA MSE C 54 26.61 -17.57 30.23
C MSE C 54 27.79 -16.71 29.74
O MSE C 54 28.93 -17.17 29.71
CB MSE C 54 26.01 -18.44 29.11
CG MSE C 54 25.04 -19.49 29.64
SE MSE C 54 25.76 -20.57 31.11
CE MSE C 54 24.15 -21.50 31.59
N ALA C 55 27.51 -15.44 29.43
CA ALA C 55 28.55 -14.48 29.04
C ALA C 55 29.57 -14.25 30.15
N ALA C 56 29.12 -14.30 31.39
CA ALA C 56 30.02 -14.08 32.50
C ALA C 56 30.84 -15.34 32.75
N LEU C 57 30.17 -16.49 32.62
CA LEU C 57 30.83 -17.77 32.84
C LEU C 57 31.98 -17.90 31.87
N ASP C 58 31.72 -17.52 30.63
CA ASP C 58 32.72 -17.47 29.57
C ASP C 58 33.91 -16.57 29.94
N THR C 59 33.67 -15.26 30.12
CA THR C 59 34.76 -14.33 30.40
C THR C 59 35.54 -14.76 31.65
N ILE C 60 34.84 -15.14 32.71
CA ILE C 60 35.52 -15.60 33.92
C ILE C 60 36.48 -16.77 33.63
N GLY C 61 35.98 -17.80 32.96
CA GLY C 61 36.81 -18.96 32.64
C GLY C 61 37.98 -18.63 31.73
N ALA C 62 37.78 -17.67 30.83
CA ALA C 62 38.83 -17.21 29.92
C ALA C 62 39.94 -16.46 30.63
N LEU C 63 39.60 -15.82 31.74
CA LEU C 63 40.60 -15.13 32.54
C LEU C 63 41.15 -16.06 33.61
N GLY C 64 40.86 -17.36 33.47
CA GLY C 64 41.43 -18.37 34.34
C GLY C 64 40.61 -18.70 35.56
N GLY C 65 39.42 -18.13 35.66
CA GLY C 65 38.54 -18.38 36.80
C GLY C 65 37.91 -19.76 36.78
N GLU C 66 37.25 -20.11 37.88
CA GLU C 66 36.54 -21.37 37.98
C GLU C 66 35.12 -21.11 38.50
N ILE C 67 34.11 -21.70 37.87
CA ILE C 67 32.72 -21.49 38.28
C ILE C 67 32.30 -22.60 39.24
N ALA C 68 31.65 -22.24 40.34
CA ALA C 68 31.32 -23.25 41.36
C ALA C 68 29.87 -23.73 41.25
N GLY C 69 29.00 -22.84 40.79
CA GLY C 69 27.60 -23.19 40.58
C GLY C 69 27.10 -22.52 39.32
N ALA C 70 26.21 -23.20 38.61
CA ALA C 70 25.66 -22.69 37.37
C ALA C 70 24.40 -23.46 37.06
N PRO C 71 23.60 -22.97 36.09
CA PRO C 71 22.55 -23.78 35.45
C PRO C 71 23.20 -24.88 34.59
N LEU C 72 23.35 -26.07 35.15
CA LEU C 72 24.21 -27.09 34.53
C LEU C 72 23.63 -27.64 33.24
N ASP C 73 22.31 -27.60 33.11
CA ASP C 73 21.64 -28.14 31.94
C ASP C 73 21.73 -27.16 30.78
N SER C 74 22.16 -25.93 31.09
CA SER C 74 22.19 -24.82 30.12
C SER C 74 23.59 -24.37 29.70
N VAL C 75 24.63 -24.99 30.25
CA VAL C 75 25.97 -24.58 29.88
C VAL C 75 26.31 -25.11 28.50
N PRO C 76 26.71 -24.21 27.61
CA PRO C 76 27.25 -24.53 26.28
C PRO C 76 28.42 -25.47 26.43
N ASP C 77 28.55 -26.41 25.50
CA ASP C 77 29.60 -27.41 25.55
C ASP C 77 30.97 -26.77 25.58
N TYR C 78 31.11 -25.64 24.88
CA TYR C 78 32.40 -24.96 24.79
C TYR C 78 32.79 -24.18 26.04
N LEU C 79 31.96 -24.29 27.07
CA LEU C 79 32.19 -23.59 28.32
C LEU C 79 32.27 -24.50 29.55
N GLU C 80 31.85 -25.77 29.39
CA GLU C 80 31.78 -26.70 30.53
C GLU C 80 33.14 -26.93 31.21
N GLU C 81 34.22 -26.64 30.49
CA GLU C 81 35.57 -26.82 31.01
C GLU C 81 35.89 -25.81 32.12
N TYR C 82 35.11 -24.74 32.19
CA TYR C 82 35.32 -23.71 33.20
C TYR C 82 34.52 -24.01 34.50
N LEU C 83 33.65 -25.02 34.44
CA LEU C 83 32.99 -25.52 35.64
C LEU C 83 34.02 -26.22 36.55
N ALA C 84 33.80 -26.17 37.85
CA ALA C 84 34.57 -26.98 38.78
C ALA C 84 34.03 -28.39 38.66
N ASP C 85 34.86 -29.40 38.87
CA ASP C 85 34.41 -30.77 38.65
C ASP C 85 33.37 -31.25 39.68
N ASP C 86 33.13 -30.41 40.69
CA ASP C 86 32.11 -30.70 41.70
C ASP C 86 30.98 -29.67 41.65
N ALA C 87 30.92 -28.91 40.57
CA ALA C 87 29.95 -27.82 40.44
C ALA C 87 28.51 -28.27 40.71
N PHE C 88 27.77 -27.44 41.42
CA PHE C 88 26.38 -27.77 41.75
C PHE C 88 25.42 -27.03 40.81
N ASN C 89 24.20 -27.56 40.68
CA ASN C 89 23.19 -26.95 39.84
C ASN C 89 22.52 -25.81 40.61
N ALA C 90 22.68 -24.59 40.12
CA ALA C 90 22.18 -23.39 40.81
C ALA C 90 20.74 -23.12 40.40
N GLY C 91 20.31 -23.82 39.36
CA GLY C 91 18.96 -23.68 38.87
C GLY C 91 18.96 -23.66 37.37
N THR C 92 18.44 -22.56 36.81
CA THR C 92 18.05 -22.51 35.42
C THR C 92 18.34 -21.09 34.94
N LEU C 93 18.34 -20.86 33.63
CA LEU C 93 18.69 -19.53 33.12
C LEU C 93 17.79 -18.41 33.64
N PHE C 94 16.60 -18.78 34.10
CA PHE C 94 15.57 -17.83 34.52
C PHE C 94 15.28 -17.86 36.01
N GLU C 95 15.68 -18.93 36.68
CA GLU C 95 15.19 -19.22 38.03
C GLU C 95 16.30 -19.78 38.92
N ALA C 96 16.23 -19.50 40.23
CA ALA C 96 17.28 -19.92 41.14
C ALA C 96 16.83 -21.01 42.11
N ASP C 97 17.71 -21.99 42.38
CA ASP C 97 17.52 -22.90 43.52
C ASP C 97 18.13 -22.23 44.76
N LEU C 98 17.32 -21.44 45.44
CA LEU C 98 17.82 -20.61 46.51
C LEU C 98 18.25 -21.39 47.77
N ILE C 99 17.57 -22.50 48.08
CA ILE C 99 17.98 -23.28 49.24
C ILE C 99 19.20 -24.14 48.92
N ALA C 100 19.55 -24.20 47.65
CA ALA C 100 20.75 -24.94 47.25
C ALA C 100 21.92 -23.98 47.12
N ILE C 101 21.64 -22.76 46.68
CA ILE C 101 22.67 -21.74 46.63
C ILE C 101 23.06 -21.29 48.03
N GLU C 102 22.06 -21.12 48.89
CA GLU C 102 22.31 -20.72 50.28
C GLU C 102 23.17 -21.75 50.99
N ALA C 103 22.92 -23.03 50.69
CA ALA C 103 23.65 -24.11 51.32
C ALA C 103 25.10 -24.16 50.89
N GLN C 104 25.39 -23.62 49.71
CA GLN C 104 26.76 -23.63 49.21
C GLN C 104 27.52 -22.39 49.66
N GLN C 105 26.81 -21.46 50.30
CA GLN C 105 27.36 -20.18 50.78
C GLN C 105 28.49 -19.63 49.88
N PRO C 106 28.16 -19.22 48.65
CA PRO C 106 29.20 -18.73 47.75
C PRO C 106 29.62 -17.35 48.20
N ASP C 107 30.57 -16.73 47.51
CA ASP C 107 31.02 -15.40 47.87
C ASP C 107 30.83 -14.38 46.76
N LEU C 108 30.39 -14.86 45.60
CA LEU C 108 30.10 -13.98 44.48
C LEU C 108 29.07 -14.65 43.58
N ILE C 109 28.00 -13.94 43.27
CA ILE C 109 26.96 -14.46 42.40
C ILE C 109 26.82 -13.48 41.24
N VAL C 110 27.09 -13.94 40.03
CA VAL C 110 26.89 -13.07 38.88
C VAL C 110 25.65 -13.52 38.07
N VAL C 111 24.85 -12.53 37.74
CA VAL C 111 23.55 -12.75 37.16
C VAL C 111 23.45 -11.79 35.98
N GLY C 112 22.52 -12.00 35.06
CA GLY C 112 22.39 -11.07 33.96
C GLY C 112 21.61 -11.63 32.79
N GLY C 113 20.97 -10.74 32.03
CA GLY C 113 20.15 -11.16 30.91
C GLY C 113 18.83 -11.73 31.39
N ARG C 114 18.66 -13.03 31.14
CA ARG C 114 17.45 -13.73 31.54
C ARG C 114 17.38 -13.86 33.05
N SER C 115 18.51 -13.76 33.72
CA SER C 115 18.55 -13.89 35.17
C SER C 115 18.61 -12.54 35.91
N SER C 116 18.53 -11.44 35.18
CA SER C 116 18.63 -10.10 35.77
C SER C 116 17.66 -9.91 36.95
N GLY C 117 16.41 -10.33 36.76
CA GLY C 117 15.39 -10.20 37.80
C GLY C 117 15.70 -10.93 39.10
N LEU C 118 16.61 -11.90 39.06
CA LEU C 118 16.92 -12.71 40.23
C LEU C 118 17.82 -12.00 41.21
N TRP C 119 18.17 -10.75 40.89
CA TRP C 119 19.23 -10.07 41.63
C TRP C 119 18.91 -9.88 43.11
N ALA C 120 17.72 -9.39 43.40
CA ALA C 120 17.32 -9.11 44.76
C ALA C 120 17.36 -10.35 45.66
N ASP C 121 16.79 -11.46 45.19
CA ASP C 121 16.75 -12.69 45.99
C ASP C 121 18.16 -13.21 46.23
N LEU C 122 18.95 -13.24 45.16
CA LEU C 122 20.35 -13.68 45.24
C LEU C 122 21.25 -12.80 46.12
N ASN C 123 21.05 -11.49 46.09
CA ASN C 123 21.88 -10.55 46.84
C ASN C 123 21.74 -10.72 48.36
N GLU C 124 20.64 -11.31 48.77
CA GLU C 124 20.42 -11.64 50.16
C GLU C 124 21.36 -12.77 50.64
N ILE C 125 21.87 -13.57 49.69
CA ILE C 125 22.66 -14.74 50.01
C ILE C 125 24.15 -14.43 50.00
N ALA C 126 24.56 -13.67 48.99
CA ALA C 126 25.96 -13.29 48.80
C ALA C 126 25.95 -12.10 47.86
N PRO C 127 27.01 -11.27 47.91
CA PRO C 127 27.06 -10.11 47.02
C PRO C 127 26.87 -10.51 45.56
N THR C 128 25.90 -9.88 44.91
CA THR C 128 25.50 -10.29 43.57
C THR C 128 25.57 -9.15 42.58
N ILE C 129 26.37 -9.31 41.53
CA ILE C 129 26.38 -8.32 40.47
C ILE C 129 25.56 -8.79 39.29
N ASP C 130 25.15 -7.81 38.47
CA ASP C 130 24.36 -8.01 37.27
C ASP C 130 25.17 -7.44 36.09
N LEU C 131 25.65 -8.32 35.22
CA LEU C 131 26.47 -7.87 34.07
C LEU C 131 25.68 -7.98 32.77
N SER C 132 24.44 -7.50 32.78
CA SER C 132 23.59 -7.53 31.59
C SER C 132 24.18 -6.64 30.51
N LEU C 133 23.90 -6.98 29.26
CA LEU C 133 24.32 -6.16 28.14
C LEU C 133 23.70 -4.77 28.28
N ARG C 134 24.54 -3.76 28.49
CA ARG C 134 24.04 -2.40 28.57
C ARG C 134 24.69 -1.48 27.53
N GLY C 135 23.86 -0.81 26.75
CA GLY C 135 24.36 0.11 25.73
C GLY C 135 24.98 -0.60 24.55
N SER C 136 26.30 -0.47 24.41
CA SER C 136 27.01 -1.06 23.28
C SER C 136 27.50 -2.46 23.60
N TYR C 137 27.53 -3.35 22.61
CA TYR C 137 28.16 -4.66 22.80
C TYR C 137 29.63 -4.52 23.17
N LEU C 138 30.34 -3.63 22.47
CA LEU C 138 31.75 -3.39 22.75
C LEU C 138 31.96 -2.72 24.10
N ASP C 139 31.10 -1.79 24.48
CA ASP C 139 31.19 -1.16 25.80
C ASP C 139 31.04 -2.21 26.88
N THR C 140 30.03 -3.05 26.70
CA THR C 140 29.77 -4.18 27.58
C THR C 140 30.97 -5.13 27.62
N LEU C 141 31.43 -5.56 26.45
CA LEU C 141 32.61 -6.40 26.38
C LEU C 141 33.80 -5.82 27.14
N GLU C 142 34.13 -4.55 26.88
CA GLU C 142 35.27 -3.91 27.53
C GLU C 142 35.10 -3.80 29.04
N GLN C 143 33.99 -3.20 29.47
CA GLN C 143 33.77 -2.97 30.89
C GLN C 143 33.69 -4.26 31.70
N ASN C 144 32.83 -5.19 31.27
CA ASN C 144 32.71 -6.49 31.92
C ASN C 144 34.03 -7.25 32.01
N THR C 145 34.73 -7.36 30.88
CA THR C 145 36.01 -8.06 30.87
C THR C 145 37.04 -7.38 31.77
N THR C 146 37.13 -6.05 31.69
CA THR C 146 38.02 -5.29 32.57
C THR C 146 37.66 -5.48 34.04
N PHE C 147 36.39 -5.33 34.38
CA PHE C 147 35.99 -5.45 35.78
C PHE C 147 36.19 -6.86 36.33
N LEU C 148 35.87 -7.88 35.53
CA LEU C 148 36.11 -9.25 35.99
C LEU C 148 37.62 -9.48 36.14
N GLY C 149 38.40 -8.85 35.27
CA GLY C 149 39.84 -8.77 35.44
C GLY C 149 40.23 -8.39 36.86
N LYS C 150 39.68 -7.30 37.38
CA LYS C 150 39.97 -6.85 38.75
C LYS C 150 39.57 -7.87 39.78
N VAL C 151 38.33 -8.31 39.69
CA VAL C 151 37.76 -9.25 40.64
C VAL C 151 38.59 -10.53 40.73
N LEU C 152 39.02 -11.05 39.57
CA LEU C 152 39.76 -12.31 39.52
C LEU C 152 41.28 -12.16 39.68
N GLY C 153 41.77 -10.94 39.83
CA GLY C 153 43.20 -10.71 39.87
C GLY C 153 43.90 -11.08 38.56
N ALA C 154 43.26 -10.72 37.45
CA ALA C 154 43.78 -11.06 36.13
C ALA C 154 43.81 -9.86 35.19
N GLU C 155 44.17 -8.70 35.74
CA GLU C 155 44.12 -7.43 35.02
C GLU C 155 44.83 -7.49 33.67
N ALA C 156 45.99 -8.14 33.67
CA ALA C 156 46.82 -8.29 32.47
C ALA C 156 46.12 -9.14 31.43
N GLU C 157 45.70 -10.34 31.80
CA GLU C 157 45.05 -11.23 30.85
C GLU C 157 43.80 -10.58 30.26
N ALA C 158 43.14 -9.74 31.06
CA ALA C 158 42.00 -8.97 30.58
C ALA C 158 42.43 -8.01 29.48
N GLU C 159 43.45 -7.19 29.75
CA GLU C 159 44.03 -6.28 28.75
C GLU C 159 44.41 -7.02 27.48
N SER C 160 45.00 -8.20 27.65
CA SER C 160 45.43 -9.06 26.54
C SER C 160 44.26 -9.53 25.68
N VAL C 161 43.31 -10.28 26.26
CA VAL C 161 42.20 -10.79 25.47
C VAL C 161 41.38 -9.67 24.84
N LEU C 162 41.28 -8.54 25.52
CA LEU C 162 40.58 -7.38 24.97
C LEU C 162 41.26 -6.86 23.69
N ALA C 163 42.59 -6.86 23.71
CA ALA C 163 43.37 -6.45 22.54
C ALA C 163 43.14 -7.39 21.36
N GLU C 164 43.08 -8.70 21.62
CA GLU C 164 42.93 -9.66 20.53
C GLU C 164 41.52 -9.59 19.94
N LEU C 165 40.55 -9.45 20.83
CA LEU C 165 39.16 -9.32 20.46
C LEU C 165 38.93 -8.08 19.60
N GLU C 166 39.47 -6.95 20.07
CA GLU C 166 39.40 -5.70 19.32
C GLU C 166 39.93 -5.92 17.90
N ALA C 167 41.02 -6.67 17.78
CA ALA C 167 41.66 -6.91 16.48
C ALA C 167 40.89 -7.91 15.62
N GLY C 168 40.41 -8.99 16.25
CA GLY C 168 39.55 -9.95 15.57
C GLY C 168 38.28 -9.31 15.07
N ILE C 169 37.68 -8.43 15.88
CA ILE C 169 36.47 -7.76 15.44
C ILE C 169 36.74 -6.85 14.23
N ALA C 170 37.77 -6.00 14.32
CA ALA C 170 38.10 -5.15 13.17
C ALA C 170 38.38 -5.95 11.90
N GLU C 171 38.94 -7.15 12.07
CA GLU C 171 39.30 -8.03 10.96
C GLU C 171 38.06 -8.50 10.22
N ALA C 172 37.08 -8.96 11.00
CA ALA C 172 35.81 -9.41 10.48
C ALA C 172 35.05 -8.24 9.90
N LYS C 173 35.01 -7.15 10.66
CA LYS C 173 34.30 -5.92 10.25
C LYS C 173 34.81 -5.46 8.89
N ALA C 174 36.12 -5.62 8.67
CA ALA C 174 36.73 -5.33 7.38
C ALA C 174 36.20 -6.27 6.31
N ALA C 175 36.16 -7.57 6.63
CA ALA C 175 35.76 -8.59 5.68
C ALA C 175 34.36 -8.33 5.14
N VAL C 176 33.46 -8.01 6.07
CA VAL C 176 32.10 -7.62 5.77
C VAL C 176 32.04 -6.41 4.84
N THR C 177 32.89 -5.42 5.12
CA THR C 177 33.01 -4.21 4.28
C THR C 177 33.58 -4.50 2.88
N GLU C 178 34.58 -5.38 2.78
CA GLU C 178 35.13 -5.75 1.47
C GLU C 178 34.11 -6.45 0.60
N ALA C 179 33.47 -7.47 1.16
CA ALA C 179 32.41 -8.21 0.47
C ALA C 179 31.33 -7.26 -0.03
N SER C 180 31.17 -6.17 0.72
CA SER C 180 30.19 -5.12 0.44
C SER C 180 28.79 -5.67 0.25
N GLY C 181 28.01 -4.97 -0.57
CA GLY C 181 26.63 -5.33 -0.79
C GLY C 181 25.77 -4.93 0.38
N THR C 182 24.49 -5.27 0.28
CA THR C 182 23.54 -5.02 1.35
C THR C 182 23.33 -6.34 2.10
N GLY C 183 22.73 -6.29 3.29
CA GLY C 183 22.56 -7.53 4.06
C GLY C 183 21.35 -7.51 4.95
N LEU C 184 20.86 -8.70 5.28
CA LEU C 184 19.72 -8.85 6.19
C LEU C 184 19.99 -10.01 7.14
N GLY C 185 19.79 -9.76 8.42
CA GLY C 185 19.89 -10.79 9.43
C GLY C 185 18.50 -11.29 9.79
N ILE C 186 18.31 -12.60 9.72
CA ILE C 186 17.03 -13.18 10.11
C ILE C 186 17.22 -14.25 11.16
N MSE C 187 16.18 -14.39 11.98
CA MSE C 187 16.14 -15.42 13.00
C MSE C 187 14.99 -16.36 12.66
O MSE C 187 13.87 -15.92 12.47
CB MSE C 187 15.92 -14.76 14.35
CG MSE C 187 16.03 -15.70 15.52
SE MSE C 187 16.61 -14.71 17.07
CE MSE C 187 18.29 -14.03 16.37
N VAL C 188 15.29 -17.65 12.56
CA VAL C 188 14.31 -18.67 12.21
C VAL C 188 13.75 -19.39 13.43
N SER C 189 12.44 -19.34 13.62
CA SER C 189 11.80 -19.98 14.76
C SER C 189 10.57 -20.79 14.33
N GLY C 190 10.78 -22.09 14.16
CA GLY C 190 9.73 -23.02 13.73
C GLY C 190 9.00 -22.55 12.50
N GLY C 191 9.65 -22.65 11.35
CA GLY C 191 9.03 -22.29 10.09
C GLY C 191 8.81 -20.80 9.85
N GLN C 192 9.13 -19.97 10.84
CA GLN C 192 8.89 -18.53 10.72
C GLN C 192 10.18 -17.71 10.67
N LEU C 193 10.14 -16.61 9.92
CA LEU C 193 11.29 -15.74 9.80
C LEU C 193 11.02 -14.40 10.47
N SER C 194 11.97 -13.90 11.25
CA SER C 194 11.86 -12.53 11.75
C SER C 194 13.10 -11.76 11.37
N ALA C 195 12.92 -10.49 11.05
CA ALA C 195 14.03 -9.69 10.59
C ALA C 195 14.75 -9.09 11.78
N LEU C 196 16.06 -9.32 11.87
CA LEU C 196 16.87 -8.59 12.84
C LEU C 196 17.01 -7.16 12.34
N SER C 197 16.95 -6.21 13.25
CA SER C 197 17.13 -4.81 12.88
C SER C 197 18.36 -4.27 13.62
N PRO C 198 19.09 -3.33 12.99
CA PRO C 198 20.14 -2.67 13.77
C PRO C 198 19.51 -1.95 14.96
N ASN C 199 20.20 -1.96 16.10
CA ASN C 199 19.67 -1.33 17.31
C ASN C 199 19.59 0.19 17.20
N THR C 200 18.44 0.67 16.78
CA THR C 200 18.14 2.10 16.72
C THR C 200 17.98 2.61 18.15
N GLY C 201 18.67 3.71 18.48
CA GLY C 201 18.79 4.15 19.86
C GLY C 201 19.68 3.20 20.62
N ASN C 202 19.79 3.36 21.93
CA ASN C 202 20.61 2.44 22.73
C ASN C 202 19.78 1.54 23.63
N ASP C 203 18.59 1.15 23.17
CA ASP C 203 17.74 0.24 23.94
C ASP C 203 18.34 -1.17 23.97
N PRO C 204 18.57 -1.70 25.18
CA PRO C 204 19.31 -2.96 25.39
C PRO C 204 18.58 -4.21 24.92
N ARG C 205 17.25 -4.13 24.79
CA ARG C 205 16.51 -5.25 24.26
C ARG C 205 16.94 -5.58 22.82
N GLY C 206 17.05 -4.55 21.97
CA GLY C 206 17.36 -4.76 20.57
C GLY C 206 18.83 -4.92 20.24
N ALA C 207 19.66 -4.95 21.26
CA ALA C 207 21.11 -4.99 21.10
C ALA C 207 21.60 -6.32 20.53
N ARG C 208 21.07 -7.42 21.09
CA ARG C 208 21.44 -8.76 20.64
C ARG C 208 21.14 -8.96 19.16
N GLY C 209 19.95 -8.56 18.73
CA GLY C 209 19.54 -8.72 17.34
C GLY C 209 20.43 -8.00 16.34
N GLY C 210 20.71 -6.73 16.63
CA GLY C 210 21.47 -5.89 15.72
C GLY C 210 22.99 -6.01 15.71
N LEU C 211 23.53 -7.07 16.34
CA LEU C 211 24.98 -7.30 16.35
C LEU C 211 25.57 -7.35 14.95
N ILE C 212 24.94 -8.11 14.05
CA ILE C 212 25.47 -8.27 12.72
C ILE C 212 25.66 -6.90 12.04
N TYR C 213 24.78 -5.96 12.35
CA TYR C 213 24.83 -4.61 11.77
C TYR C 213 25.68 -3.69 12.63
N ASP C 214 25.47 -3.74 13.95
CA ASP C 214 26.06 -2.74 14.83
C ASP C 214 27.57 -2.96 15.08
N VAL C 215 27.94 -4.22 15.35
CA VAL C 215 29.35 -4.57 15.61
C VAL C 215 30.14 -4.87 14.33
N PHE C 216 29.64 -5.78 13.50
CA PHE C 216 30.39 -6.22 12.33
C PHE C 216 30.13 -5.40 11.07
N GLY C 217 29.27 -4.40 11.22
CA GLY C 217 29.03 -3.43 10.18
C GLY C 217 28.47 -3.90 8.85
N VAL C 218 27.54 -4.87 8.84
CA VAL C 218 26.83 -5.17 7.59
C VAL C 218 25.85 -4.02 7.34
N GLN C 219 25.61 -3.70 6.07
CA GLN C 219 24.69 -2.63 5.75
C GLN C 219 23.28 -3.17 5.53
N PRO C 220 22.30 -2.66 6.30
CA PRO C 220 20.90 -3.10 6.26
C PRO C 220 20.27 -2.89 4.89
N VAL C 221 19.44 -3.85 4.46
CA VAL C 221 18.84 -3.79 3.13
C VAL C 221 17.76 -2.70 3.09
N LEU C 222 17.22 -2.40 4.27
CA LEU C 222 16.29 -1.30 4.44
C LEU C 222 16.84 -0.38 5.52
N GLU C 223 16.82 0.93 5.27
CA GLU C 223 17.27 1.89 6.28
C GLU C 223 16.45 1.75 7.56
N ASP C 224 15.16 1.42 7.41
CA ASP C 224 14.30 1.15 8.55
C ASP C 224 13.63 -0.22 8.45
N ILE C 225 14.36 -1.26 8.86
CA ILE C 225 13.84 -2.63 8.85
C ILE C 225 12.78 -2.80 9.92
N LYS C 226 13.02 -2.18 11.07
CA LYS C 226 12.11 -2.27 12.20
C LYS C 226 10.73 -1.75 11.81
N ALA C 227 10.71 -0.81 10.86
CA ALA C 227 9.47 -0.15 10.46
C ALA C 227 8.77 -0.86 9.31
N ALA C 228 9.55 -1.45 8.41
CA ALA C 228 8.99 -2.15 7.26
C ALA C 228 8.55 -3.57 7.62
N THR C 229 8.71 -3.91 8.89
CA THR C 229 8.45 -5.25 9.38
C THR C 229 7.25 -5.24 10.32
N HIS C 230 7.07 -4.10 10.99
CA HIS C 230 6.01 -3.88 11.98
C HIS C 230 6.21 -4.74 13.22
N GLY C 231 7.48 -4.96 13.56
CA GLY C 231 7.87 -5.74 14.73
C GLY C 231 7.35 -7.16 14.76
N GLU C 232 7.02 -7.69 13.58
CA GLU C 232 6.36 -8.99 13.47
C GLU C 232 7.16 -9.85 12.49
N PRO C 233 6.82 -11.15 12.37
CA PRO C 233 7.59 -11.92 11.39
C PRO C 233 7.46 -11.36 10.00
N ILE C 234 8.40 -11.75 9.15
CA ILE C 234 8.33 -11.47 7.73
C ILE C 234 7.94 -12.76 7.04
N SER C 235 7.59 -12.67 5.76
CA SER C 235 7.33 -13.84 4.93
C SER C 235 8.53 -14.07 4.02
N PHE C 236 8.50 -15.15 3.25
CA PHE C 236 9.57 -15.37 2.29
C PHE C 236 9.45 -14.35 1.14
N GLU C 237 8.25 -13.81 0.96
CA GLU C 237 8.03 -12.74 -0.02
C GLU C 237 8.86 -11.52 0.34
N PHE C 238 9.10 -11.33 1.63
CA PHE C 238 9.89 -10.20 2.11
C PHE C 238 11.33 -10.33 1.66
N LEU C 239 11.85 -11.56 1.73
CA LEU C 239 13.21 -11.83 1.30
C LEU C 239 13.36 -11.58 -0.18
N LEU C 240 12.30 -11.85 -0.93
CA LEU C 240 12.34 -11.77 -2.37
C LEU C 240 12.26 -10.32 -2.85
N GLU C 241 11.37 -9.55 -2.22
CA GLU C 241 11.11 -8.15 -2.60
C GLU C 241 12.26 -7.21 -2.32
N HIS C 242 12.93 -7.42 -1.19
CA HIS C 242 14.02 -6.55 -0.77
C HIS C 242 15.35 -7.11 -1.19
N ASP C 243 15.42 -8.44 -1.24
CA ASP C 243 16.48 -9.13 -1.97
C ASP C 243 17.90 -8.74 -1.60
N PRO C 244 18.26 -8.94 -0.33
CA PRO C 244 19.59 -8.55 0.14
C PRO C 244 20.72 -9.39 -0.47
N GLN C 245 21.85 -8.74 -0.70
CA GLN C 245 23.01 -9.39 -1.30
C GLN C 245 23.55 -10.50 -0.40
N TRP C 246 23.36 -10.35 0.93
CA TRP C 246 23.84 -11.29 1.95
C TRP C 246 22.75 -11.64 2.97
N LEU C 247 22.57 -12.92 3.26
CA LEU C 247 21.57 -13.36 4.24
C LEU C 247 22.25 -14.01 5.45
N TRP C 248 22.12 -13.37 6.62
CA TRP C 248 22.71 -13.89 7.86
C TRP C 248 21.65 -14.53 8.72
N VAL C 249 21.83 -15.81 9.04
CA VAL C 249 20.76 -16.58 9.68
C VAL C 249 21.14 -17.18 11.04
N VAL C 250 20.27 -16.94 12.02
CA VAL C 250 20.45 -17.52 13.35
C VAL C 250 19.34 -18.54 13.55
N ASP C 251 19.66 -19.83 13.59
CA ASP C 251 18.63 -20.86 13.80
C ASP C 251 18.20 -20.93 15.27
N ARG C 252 17.25 -20.10 15.67
CA ARG C 252 16.85 -19.98 17.09
C ARG C 252 16.29 -21.27 17.71
N ASP C 253 15.63 -22.08 16.89
CA ASP C 253 15.06 -23.32 17.40
C ASP C 253 16.14 -24.33 17.77
N ALA C 254 17.31 -24.21 17.13
CA ALA C 254 18.45 -25.06 17.45
C ALA C 254 18.99 -24.73 18.84
N ALA C 255 19.06 -23.43 19.12
CA ALA C 255 19.65 -22.90 20.35
C ALA C 255 18.79 -23.15 21.58
N THR C 256 17.47 -23.12 21.39
CA THR C 256 16.54 -23.24 22.51
C THR C 256 16.11 -24.68 22.74
N GLY C 257 16.63 -25.60 21.94
CA GLY C 257 16.25 -27.00 22.07
C GLY C 257 14.76 -27.20 21.83
N ALA C 258 14.21 -26.38 20.95
CA ALA C 258 12.81 -26.44 20.57
C ALA C 258 12.47 -27.79 19.92
N GLU C 259 11.55 -28.51 20.54
CA GLU C 259 11.18 -29.85 20.11
C GLU C 259 10.44 -29.87 18.77
N GLY C 260 10.85 -30.77 17.89
CA GLY C 260 10.06 -31.07 16.70
C GLY C 260 10.15 -30.04 15.59
N ALA C 261 11.22 -29.26 15.61
CA ALA C 261 11.45 -28.23 14.60
C ALA C 261 12.43 -28.73 13.53
N GLN C 262 12.38 -28.12 12.35
CA GLN C 262 13.33 -28.40 11.28
C GLN C 262 14.38 -27.32 11.23
N ALA C 263 15.59 -27.68 10.81
CA ALA C 263 16.74 -26.75 10.80
C ALA C 263 16.47 -25.59 9.87
N ALA C 264 16.98 -24.41 10.21
CA ALA C 264 16.77 -23.22 9.39
C ALA C 264 17.20 -23.45 7.92
N LYS C 265 18.23 -24.28 7.73
CA LYS C 265 18.69 -24.66 6.40
C LYS C 265 17.55 -25.16 5.50
N VAL C 266 16.82 -26.15 5.97
CA VAL C 266 15.75 -26.72 5.16
C VAL C 266 14.51 -25.84 5.14
N VAL C 267 14.34 -25.02 6.18
CA VAL C 267 13.22 -24.11 6.22
C VAL C 267 13.35 -23.05 5.11
N LEU C 268 14.58 -22.67 4.83
CA LEU C 268 14.89 -21.71 3.77
C LEU C 268 15.03 -22.36 2.39
N ASP C 269 14.76 -23.67 2.33
CA ASP C 269 14.76 -24.37 1.06
C ASP C 269 13.35 -24.35 0.44
N ASN C 270 12.92 -23.18 0.00
CA ASN C 270 11.66 -23.05 -0.73
C ASN C 270 11.78 -22.29 -2.06
N GLU C 271 10.79 -22.48 -2.93
CA GLU C 271 10.84 -21.96 -4.29
C GLU C 271 10.92 -20.43 -4.31
N ILE C 272 10.55 -19.78 -3.21
CA ILE C 272 10.63 -18.33 -3.13
C ILE C 272 12.06 -17.90 -2.78
N VAL C 273 12.62 -18.51 -1.72
CA VAL C 273 13.97 -18.15 -1.26
C VAL C 273 15.05 -18.55 -2.27
N ASN C 274 14.86 -19.66 -2.97
CA ASN C 274 15.84 -20.08 -3.95
C ASN C 274 15.94 -19.11 -5.12
N ARG C 275 14.92 -18.27 -5.30
CA ARG C 275 14.89 -17.25 -6.36
C ARG C 275 15.51 -15.92 -5.93
N THR C 276 16.10 -15.86 -4.74
CA THR C 276 16.68 -14.62 -4.27
C THR C 276 18.14 -14.53 -4.69
N THR C 277 18.66 -13.31 -4.75
CA THR C 277 20.07 -13.05 -5.04
C THR C 277 20.95 -13.82 -4.06
N ALA C 278 20.56 -13.75 -2.79
CA ALA C 278 21.34 -14.31 -1.69
C ALA C 278 21.49 -15.83 -1.84
N ALA C 279 20.38 -16.49 -2.13
CA ALA C 279 20.38 -17.93 -2.33
C ALA C 279 21.14 -18.28 -3.60
N THR C 280 20.79 -17.60 -4.68
CA THR C 280 21.34 -17.84 -6.01
C THR C 280 22.87 -17.77 -6.03
N GLU C 281 23.43 -16.77 -5.38
CA GLU C 281 24.88 -16.56 -5.38
C GLU C 281 25.66 -17.18 -4.21
N ASP C 282 24.98 -17.96 -3.37
CA ASP C 282 25.61 -18.58 -2.19
C ASP C 282 26.10 -17.56 -1.16
N HIS C 283 25.24 -16.59 -0.85
CA HIS C 283 25.58 -15.55 0.11
C HIS C 283 24.74 -15.66 1.38
N VAL C 284 24.35 -16.89 1.71
CA VAL C 284 23.56 -17.11 2.91
C VAL C 284 24.38 -17.82 4.00
N LEU C 285 24.77 -17.05 5.03
CA LEU C 285 25.63 -17.58 6.11
C LEU C 285 24.89 -17.89 7.42
N TYR C 286 25.23 -19.04 8.00
CA TYR C 286 24.61 -19.44 9.27
C TYR C 286 25.49 -19.11 10.49
N LEU C 287 24.90 -18.44 11.47
CA LEU C 287 25.60 -18.10 12.71
C LEU C 287 25.34 -19.15 13.80
N ASN C 288 26.34 -19.35 14.66
CA ASN C 288 26.25 -20.31 15.78
C ASN C 288 25.15 -19.92 16.73
N PRO C 289 24.03 -20.67 16.72
CA PRO C 289 22.82 -20.35 17.50
C PRO C 289 23.13 -20.13 18.99
N THR C 290 23.85 -21.05 19.62
CA THR C 290 24.18 -20.87 21.04
C THR C 290 24.99 -19.60 21.28
N ALA C 291 26.00 -19.40 20.43
CA ALA C 291 26.84 -18.21 20.55
C ALA C 291 26.02 -16.92 20.38
N TRP C 292 25.28 -16.81 19.30
CA TRP C 292 24.62 -15.56 18.95
C TRP C 292 23.29 -15.33 19.63
N TYR C 293 22.64 -16.41 20.08
CA TYR C 293 21.32 -16.25 20.70
C TYR C 293 21.25 -16.55 22.19
N ILE C 294 22.00 -17.55 22.67
CA ILE C 294 21.92 -17.91 24.08
C ILE C 294 22.88 -17.08 24.92
N VAL C 295 24.12 -16.99 24.46
CA VAL C 295 25.19 -16.36 25.24
C VAL C 295 25.38 -14.87 24.95
N PHE C 296 25.55 -14.51 23.67
CA PHE C 296 25.77 -13.12 23.21
C PHE C 296 26.64 -12.26 24.15
N GLY C 297 27.89 -12.64 24.29
CA GLY C 297 28.80 -11.91 25.16
C GLY C 297 29.84 -12.87 25.70
N GLY C 298 30.90 -12.33 26.28
CA GLY C 298 31.96 -13.16 26.81
C GLY C 298 33.06 -13.38 25.78
N VAL C 299 34.24 -13.74 26.27
CA VAL C 299 35.43 -13.84 25.43
C VAL C 299 35.35 -14.96 24.40
N GLU C 300 35.24 -16.21 24.85
CA GLU C 300 35.22 -17.36 23.93
C GLU C 300 34.12 -17.26 22.90
N THR C 301 32.98 -16.73 23.34
CA THR C 301 31.83 -16.54 22.47
C THR C 301 32.16 -15.53 21.39
N THR C 302 32.72 -14.39 21.78
CA THR C 302 33.06 -13.35 20.82
C THR C 302 34.02 -13.87 19.76
N ARG C 303 34.96 -14.72 20.17
CA ARG C 303 35.85 -15.41 19.23
C ARG C 303 35.02 -16.19 18.20
N ILE C 304 33.99 -16.89 18.67
CA ILE C 304 33.12 -17.66 17.80
C ILE C 304 32.37 -16.77 16.81
N MSE C 305 31.90 -15.62 17.29
CA MSE C 305 31.17 -14.67 16.45
C MSE C 305 32.07 -14.10 15.36
O MSE C 305 31.65 -13.91 14.23
CB MSE C 305 30.59 -13.52 17.29
CG MSE C 305 29.45 -13.93 18.22
SE MSE C 305 29.00 -12.53 19.48
CE MSE C 305 28.69 -11.09 18.21
N ILE C 306 33.31 -13.82 15.76
CA ILE C 306 34.32 -13.31 14.84
C ILE C 306 34.54 -14.33 13.73
N ASP C 307 34.79 -15.56 14.13
CA ASP C 307 34.93 -16.66 13.20
C ASP C 307 33.74 -16.82 12.25
N ASP C 308 32.52 -16.76 12.81
CA ASP C 308 31.32 -16.91 12.01
C ASP C 308 31.20 -15.82 10.96
N VAL C 309 31.59 -14.60 11.32
CA VAL C 309 31.46 -13.48 10.41
C VAL C 309 32.49 -13.59 9.28
N LEU C 310 33.72 -14.01 9.61
CA LEU C 310 34.78 -14.17 8.60
C LEU C 310 34.46 -15.19 7.49
N GLN C 311 33.35 -15.93 7.64
CA GLN C 311 32.86 -16.82 6.59
C GLN C 311 32.59 -16.08 5.25
N VAL C 312 32.34 -14.77 5.28
CA VAL C 312 32.09 -14.02 4.03
C VAL C 312 33.30 -14.01 3.14
N ALA C 313 34.48 -13.91 3.75
CA ALA C 313 35.72 -13.79 3.00
C ALA C 313 35.92 -15.00 2.08
N ALA C 314 35.23 -16.09 2.41
CA ALA C 314 35.32 -17.34 1.66
C ALA C 314 34.19 -17.51 0.62
N ARG C 315 33.51 -16.41 0.29
CA ARG C 315 32.40 -16.45 -0.66
C ARG C 315 32.62 -15.46 -1.80
N PRO D 14 -30.69 43.09 -41.54
CA PRO D 14 -29.69 42.17 -42.11
C PRO D 14 -28.43 42.02 -41.23
N ALA D 15 -28.65 42.04 -39.91
CA ALA D 15 -27.57 42.18 -38.93
C ALA D 15 -26.56 41.02 -38.82
N THR D 16 -25.60 41.20 -37.92
CA THR D 16 -24.53 40.25 -37.72
C THR D 16 -24.15 40.30 -36.24
N ALA D 17 -23.59 39.21 -35.72
CA ALA D 17 -23.15 39.20 -34.33
C ALA D 17 -21.77 38.57 -34.22
N SER D 18 -20.84 39.25 -33.55
CA SER D 18 -19.49 38.72 -33.36
C SER D 18 -19.54 37.72 -32.25
N TYR D 19 -18.83 36.62 -32.46
CA TYR D 19 -18.62 35.63 -31.43
C TYR D 19 -17.13 35.38 -31.31
N THR D 20 -16.60 35.62 -30.12
CA THR D 20 -15.18 35.47 -29.88
C THR D 20 -14.96 34.48 -28.74
N TRP D 21 -14.14 33.46 -28.99
CA TRP D 21 -13.85 32.50 -27.93
C TRP D 21 -12.40 32.05 -27.95
N ASP D 22 -11.98 31.41 -26.86
CA ASP D 22 -10.65 30.80 -26.85
C ASP D 22 -10.76 29.37 -27.43
N ARG D 23 -10.46 29.25 -28.71
CA ARG D 23 -10.66 28.00 -29.45
C ARG D 23 -9.59 26.97 -29.11
N ASN D 24 -10.02 25.73 -28.87
CA ASN D 24 -9.04 24.67 -28.71
C ASN D 24 -8.60 24.35 -30.13
N THR D 25 -7.32 24.53 -30.36
CA THR D 25 -6.78 24.60 -31.68
C THR D 25 -6.40 23.18 -32.09
N ALA D 26 -6.39 22.28 -31.12
CA ALA D 26 -6.08 20.89 -31.39
C ALA D 26 -7.31 20.21 -31.91
N THR D 27 -7.07 19.27 -32.80
CA THR D 27 -8.09 18.76 -33.67
C THR D 27 -8.54 17.38 -33.16
N GLU D 28 -7.70 16.75 -32.35
CA GLU D 28 -7.94 15.43 -31.77
C GLU D 28 -8.21 15.56 -30.25
N GLU D 29 -9.25 14.91 -29.73
CA GLU D 29 -9.64 15.11 -28.34
C GLU D 29 -8.66 14.60 -27.30
N GLY D 30 -7.81 13.67 -27.69
CA GLY D 30 -6.83 13.16 -26.75
C GLY D 30 -5.64 14.08 -26.51
N ALA D 31 -5.60 15.19 -27.24
CA ALA D 31 -4.43 16.04 -27.24
C ALA D 31 -4.53 17.13 -26.19
N ASP D 32 -3.39 17.49 -25.60
CA ASP D 32 -3.33 18.68 -24.76
C ASP D 32 -3.70 19.86 -25.62
N PRO D 33 -4.62 20.71 -25.12
CA PRO D 33 -5.13 21.84 -25.91
C PRO D 33 -4.12 22.94 -26.00
N VAL D 34 -4.24 23.73 -27.05
CA VAL D 34 -3.52 24.98 -27.16
C VAL D 34 -4.61 25.94 -27.58
N TYR D 35 -4.92 26.91 -26.74
CA TYR D 35 -6.08 27.76 -27.02
C TYR D 35 -5.64 28.99 -27.79
N GLU D 36 -6.46 29.44 -28.71
CA GLU D 36 -6.13 30.60 -29.53
C GLU D 36 -7.42 31.35 -29.82
N GLU D 37 -7.49 32.61 -29.41
CA GLU D 37 -8.71 33.40 -29.59
C GLU D 37 -9.10 33.52 -31.06
N THR D 38 -10.32 33.15 -31.40
CA THR D 38 -10.82 33.45 -32.73
C THR D 38 -12.18 34.18 -32.68
N THR D 39 -12.49 34.90 -33.75
CA THR D 39 -13.72 35.66 -33.86
C THR D 39 -14.42 35.29 -35.16
N VAL D 40 -15.74 35.14 -35.10
CA VAL D 40 -16.52 34.80 -36.28
C VAL D 40 -17.74 35.71 -36.35
N GLU D 41 -18.03 36.24 -37.53
CA GLU D 41 -19.26 37.01 -37.71
C GLU D 41 -20.41 36.07 -38.08
N VAL D 42 -21.34 35.91 -37.14
CA VAL D 42 -22.52 35.07 -37.29
C VAL D 42 -23.69 35.90 -37.80
N PRO D 43 -24.42 35.37 -38.78
CA PRO D 43 -25.67 35.94 -39.30
C PRO D 43 -26.75 35.93 -38.23
N VAL D 44 -27.44 37.06 -38.04
CA VAL D 44 -28.63 37.05 -37.19
C VAL D 44 -29.84 36.56 -37.99
N ASP D 45 -30.69 35.76 -37.34
CA ASP D 45 -31.83 35.10 -37.98
C ASP D 45 -31.38 34.24 -39.17
N PRO D 46 -30.46 33.28 -38.93
CA PRO D 46 -30.00 32.48 -40.07
C PRO D 46 -31.08 31.52 -40.57
N GLN D 47 -31.06 31.22 -41.85
CA GLN D 47 -32.16 30.50 -42.46
C GLN D 47 -31.86 29.03 -42.80
N ARG D 48 -30.66 28.59 -42.48
CA ARG D 48 -30.20 27.27 -42.89
C ARG D 48 -29.03 26.87 -42.00
N ILE D 49 -29.35 26.39 -40.80
CA ILE D 49 -28.34 26.10 -39.80
C ILE D 49 -27.98 24.62 -39.82
N VAL D 50 -26.69 24.33 -39.74
CA VAL D 50 -26.25 22.96 -39.67
C VAL D 50 -25.59 22.81 -38.31
N VAL D 51 -25.94 21.76 -37.57
CA VAL D 51 -25.46 21.61 -36.21
C VAL D 51 -24.88 20.22 -35.98
N PHE D 52 -23.63 20.17 -35.52
CA PHE D 52 -22.98 18.90 -35.21
C PHE D 52 -22.97 18.58 -33.71
N ASP D 53 -23.21 19.59 -32.88
CA ASP D 53 -23.15 19.42 -31.41
C ASP D 53 -24.56 19.39 -30.83
N MSE D 54 -24.97 18.21 -30.36
CA MSE D 54 -26.35 18.00 -29.92
C MSE D 54 -26.83 19.01 -28.88
O MSE D 54 -28.01 19.36 -28.85
CB MSE D 54 -26.55 16.55 -29.42
CG MSE D 54 -26.40 15.45 -30.46
SE MSE D 54 -27.34 15.71 -32.16
CE MSE D 54 -26.10 16.82 -33.12
N ALA D 55 -25.91 19.52 -28.05
CA ALA D 55 -26.31 20.52 -27.08
C ALA D 55 -26.78 21.81 -27.75
N ALA D 56 -26.04 22.23 -28.78
CA ALA D 56 -26.47 23.39 -29.55
C ALA D 56 -27.76 23.12 -30.30
N LEU D 57 -27.91 21.91 -30.84
CA LEU D 57 -29.15 21.54 -31.54
C LEU D 57 -30.31 21.71 -30.58
N ASP D 58 -30.14 21.12 -29.40
CA ASP D 58 -31.10 21.17 -28.31
C ASP D 58 -31.54 22.61 -28.05
N THR D 59 -30.57 23.48 -27.74
CA THR D 59 -30.93 24.85 -27.37
C THR D 59 -31.58 25.60 -28.54
N ILE D 60 -31.01 25.47 -29.74
CA ILE D 60 -31.63 26.14 -30.90
C ILE D 60 -33.10 25.74 -31.04
N GLY D 61 -33.41 24.46 -30.84
CA GLY D 61 -34.78 23.99 -30.83
C GLY D 61 -35.63 24.69 -29.78
N ALA D 62 -35.12 24.74 -28.56
CA ALA D 62 -35.85 25.26 -27.40
C ALA D 62 -36.06 26.78 -27.46
N LEU D 63 -35.27 27.45 -28.30
CA LEU D 63 -35.45 28.88 -28.48
C LEU D 63 -36.35 29.11 -29.69
N GLY D 64 -36.74 28.02 -30.35
CA GLY D 64 -37.74 28.08 -31.40
C GLY D 64 -37.24 27.90 -32.82
N GLY D 65 -35.96 27.59 -32.94
CA GLY D 65 -35.32 27.48 -34.25
C GLY D 65 -35.52 26.11 -34.86
N GLU D 66 -34.88 25.88 -35.99
CA GLU D 66 -35.02 24.64 -36.72
C GLU D 66 -33.67 24.28 -37.28
N ILE D 67 -33.34 23.01 -37.31
CA ILE D 67 -32.04 22.59 -37.82
C ILE D 67 -32.18 22.05 -39.24
N ALA D 68 -31.29 22.49 -40.12
CA ALA D 68 -31.40 22.18 -41.54
C ALA D 68 -30.56 20.94 -41.91
N GLY D 69 -29.48 20.75 -41.17
CA GLY D 69 -28.59 19.63 -41.41
C GLY D 69 -27.94 19.23 -40.11
N ALA D 70 -27.71 17.94 -39.95
CA ALA D 70 -27.26 17.40 -38.68
C ALA D 70 -26.76 16.01 -38.94
N PRO D 71 -25.89 15.51 -38.06
CA PRO D 71 -25.55 14.08 -38.13
C PRO D 71 -26.78 13.28 -37.71
N LEU D 72 -27.66 12.97 -38.68
CA LEU D 72 -29.00 12.47 -38.36
C LEU D 72 -29.01 11.19 -37.53
N ASP D 73 -28.10 10.26 -37.83
CA ASP D 73 -28.06 8.97 -37.15
C ASP D 73 -27.75 9.09 -35.66
N SER D 74 -27.33 10.29 -35.25
CA SER D 74 -26.91 10.58 -33.87
C SER D 74 -27.87 11.51 -33.13
N VAL D 75 -28.93 11.97 -33.78
CA VAL D 75 -29.82 12.90 -33.13
C VAL D 75 -30.70 12.13 -32.18
N PRO D 76 -30.67 12.46 -30.89
CA PRO D 76 -31.48 11.82 -29.86
C PRO D 76 -32.96 11.93 -30.16
N ASP D 77 -33.72 10.92 -29.74
CA ASP D 77 -35.17 10.93 -29.87
C ASP D 77 -35.80 12.25 -29.44
N TYR D 78 -35.40 12.76 -28.28
CA TYR D 78 -36.06 13.92 -27.71
C TYR D 78 -35.79 15.23 -28.42
N LEU D 79 -34.83 15.21 -29.34
CA LEU D 79 -34.45 16.42 -30.09
C LEU D 79 -34.81 16.29 -31.57
N GLU D 80 -35.25 15.10 -31.96
CA GLU D 80 -35.60 14.82 -33.34
C GLU D 80 -36.59 15.84 -33.89
N GLU D 81 -37.53 16.26 -33.05
CA GLU D 81 -38.59 17.18 -33.48
C GLU D 81 -38.07 18.50 -34.01
N TYR D 82 -36.88 18.89 -33.58
CA TYR D 82 -36.31 20.18 -33.96
C TYR D 82 -35.63 20.19 -35.35
N LEU D 83 -35.58 19.04 -36.01
CA LEU D 83 -35.08 19.00 -37.38
C LEU D 83 -36.13 19.50 -38.36
N ALA D 84 -35.65 20.13 -39.43
CA ALA D 84 -36.47 20.46 -40.57
C ALA D 84 -36.97 19.16 -41.20
N ASP D 85 -38.11 19.18 -41.89
CA ASP D 85 -38.55 17.99 -42.62
C ASP D 85 -37.61 17.75 -43.79
N ASP D 86 -37.01 18.85 -44.23
CA ASP D 86 -36.00 18.87 -45.26
C ASP D 86 -34.70 18.17 -44.83
N ALA D 87 -34.50 18.01 -43.53
CA ALA D 87 -33.14 17.97 -42.99
C ALA D 87 -32.22 16.96 -43.64
N PHE D 88 -31.02 17.42 -43.99
CA PHE D 88 -30.04 16.58 -44.68
C PHE D 88 -28.97 16.10 -43.69
N ASN D 89 -28.32 14.99 -44.03
CA ASN D 89 -27.30 14.40 -43.15
C ASN D 89 -25.93 15.06 -43.37
N ALA D 90 -25.39 15.66 -42.33
CA ALA D 90 -24.17 16.46 -42.47
C ALA D 90 -22.92 15.65 -42.17
N GLY D 91 -23.10 14.47 -41.61
CA GLY D 91 -21.97 13.66 -41.20
C GLY D 91 -22.25 12.76 -40.01
N THR D 92 -21.30 12.73 -39.08
CA THR D 92 -21.45 12.07 -37.78
C THR D 92 -21.08 13.10 -36.71
N LEU D 93 -21.10 12.70 -35.45
CA LEU D 93 -20.70 13.60 -34.36
C LEU D 93 -19.23 13.99 -34.48
N PHE D 94 -18.46 13.23 -35.25
CA PHE D 94 -17.01 13.39 -35.30
C PHE D 94 -16.50 13.89 -36.64
N GLU D 95 -17.36 13.88 -37.65
CA GLU D 95 -16.89 13.97 -39.03
C GLU D 95 -17.91 14.65 -39.94
N ALA D 96 -17.43 15.52 -40.83
CA ALA D 96 -18.33 16.29 -41.68
C ALA D 96 -18.26 15.84 -43.13
N ASP D 97 -19.41 15.80 -43.79
CA ASP D 97 -19.49 15.58 -45.23
C ASP D 97 -19.34 16.94 -45.92
N LEU D 98 -18.11 17.35 -46.16
CA LEU D 98 -17.85 18.72 -46.60
C LEU D 98 -18.42 18.99 -47.98
N ILE D 99 -18.65 17.91 -48.72
CA ILE D 99 -19.18 18.05 -50.08
C ILE D 99 -20.70 18.25 -50.05
N ALA D 100 -21.38 17.46 -49.23
CA ALA D 100 -22.82 17.62 -49.07
C ALA D 100 -23.11 19.01 -48.51
N ILE D 101 -22.38 19.37 -47.46
CA ILE D 101 -22.60 20.63 -46.77
C ILE D 101 -22.42 21.82 -47.71
N GLU D 102 -21.31 21.85 -48.43
CA GLU D 102 -21.04 22.90 -49.41
C GLU D 102 -22.21 23.08 -50.37
N ALA D 103 -22.75 21.95 -50.84
CA ALA D 103 -23.89 21.96 -51.74
C ALA D 103 -25.16 22.58 -51.12
N GLN D 104 -25.38 22.34 -49.84
CA GLN D 104 -26.58 22.79 -49.16
C GLN D 104 -26.51 24.26 -48.81
N GLN D 105 -25.31 24.82 -48.96
CA GLN D 105 -25.10 26.25 -48.75
C GLN D 105 -25.70 26.78 -47.45
N PRO D 106 -25.30 26.23 -46.29
CA PRO D 106 -25.85 26.72 -45.00
C PRO D 106 -25.37 28.13 -44.73
N ASP D 107 -26.05 28.88 -43.85
CA ASP D 107 -25.55 30.20 -43.49
C ASP D 107 -24.99 30.29 -42.08
N LEU D 108 -25.11 29.20 -41.32
CA LEU D 108 -24.51 29.10 -40.00
C LEU D 108 -24.24 27.62 -39.68
N ILE D 109 -23.05 27.35 -39.16
CA ILE D 109 -22.71 25.99 -38.80
C ILE D 109 -22.28 26.00 -37.35
N VAL D 110 -22.83 25.09 -36.55
CA VAL D 110 -22.48 25.04 -35.14
C VAL D 110 -21.82 23.72 -34.81
N VAL D 111 -20.72 23.82 -34.10
CA VAL D 111 -19.89 22.69 -33.85
C VAL D 111 -19.52 22.73 -32.37
N GLY D 112 -19.09 21.60 -31.80
CA GLY D 112 -18.62 21.60 -30.42
C GLY D 112 -18.32 20.21 -29.93
N GLY D 113 -17.53 20.12 -28.87
CA GLY D 113 -17.21 18.83 -28.28
C GLY D 113 -16.48 17.94 -29.26
N ARG D 114 -17.09 16.80 -29.59
CA ARG D 114 -16.51 15.83 -30.51
C ARG D 114 -16.31 16.42 -31.91
N SER D 115 -17.06 17.47 -32.23
CA SER D 115 -16.95 18.05 -33.55
C SER D 115 -16.14 19.34 -33.51
N SER D 116 -15.57 19.61 -32.36
CA SER D 116 -14.76 20.80 -32.15
C SER D 116 -13.78 20.99 -33.29
N GLY D 117 -13.03 19.92 -33.62
CA GLY D 117 -11.94 20.00 -34.55
C GLY D 117 -12.33 20.26 -35.99
N LEU D 118 -13.61 20.05 -36.31
CA LEU D 118 -14.08 20.31 -37.66
C LEU D 118 -14.24 21.79 -37.94
N TRP D 119 -13.94 22.63 -36.94
CA TRP D 119 -14.20 24.05 -37.06
C TRP D 119 -13.62 24.70 -38.32
N ALA D 120 -12.31 24.54 -38.51
CA ALA D 120 -11.63 25.23 -39.61
C ALA D 120 -12.11 24.81 -41.02
N ASP D 121 -12.48 23.54 -41.18
CA ASP D 121 -12.98 23.05 -42.47
C ASP D 121 -14.39 23.54 -42.76
N LEU D 122 -15.25 23.52 -41.75
CA LEU D 122 -16.60 24.02 -41.91
C LEU D 122 -16.59 25.53 -42.15
N ASN D 123 -15.70 26.23 -41.45
CA ASN D 123 -15.66 27.70 -41.55
C ASN D 123 -15.34 28.22 -42.95
N GLU D 124 -14.73 27.38 -43.78
CA GLU D 124 -14.46 27.76 -45.15
C GLU D 124 -15.73 27.68 -46.00
N ILE D 125 -16.76 27.03 -45.46
CA ILE D 125 -17.99 26.82 -46.19
C ILE D 125 -19.02 27.87 -45.79
N ALA D 126 -19.05 28.19 -44.51
CA ALA D 126 -19.98 29.17 -43.96
C ALA D 126 -19.55 29.48 -42.54
N PRO D 127 -19.96 30.64 -42.01
CA PRO D 127 -19.54 31.02 -40.65
C PRO D 127 -19.87 29.92 -39.66
N THR D 128 -18.84 29.45 -38.97
CA THR D 128 -18.97 28.34 -38.03
C THR D 128 -18.58 28.83 -36.64
N ILE D 129 -19.35 28.41 -35.63
CA ILE D 129 -18.98 28.71 -34.26
C ILE D 129 -18.85 27.41 -33.50
N ASP D 130 -18.00 27.44 -32.46
CA ASP D 130 -17.62 26.30 -31.65
C ASP D 130 -18.12 26.55 -30.23
N LEU D 131 -19.22 25.90 -29.86
CA LEU D 131 -19.83 26.13 -28.55
C LEU D 131 -19.45 25.05 -27.55
N SER D 132 -18.22 24.56 -27.64
CA SER D 132 -17.68 23.61 -26.68
C SER D 132 -17.81 24.10 -25.24
N LEU D 133 -17.95 23.17 -24.30
CA LEU D 133 -17.97 23.55 -22.88
C LEU D 133 -16.72 24.31 -22.49
N ARG D 134 -16.91 25.43 -21.79
CA ARG D 134 -15.82 26.28 -21.33
C ARG D 134 -16.00 26.62 -19.85
N GLY D 135 -15.15 26.09 -18.99
CA GLY D 135 -15.27 26.40 -17.58
C GLY D 135 -16.35 25.57 -16.92
N SER D 136 -17.38 26.25 -16.39
CA SER D 136 -18.51 25.61 -15.70
C SER D 136 -19.50 25.04 -16.67
N TYR D 137 -20.11 23.92 -16.30
CA TYR D 137 -21.30 23.49 -17.01
C TYR D 137 -22.32 24.63 -17.01
N LEU D 138 -22.51 25.25 -15.85
CA LEU D 138 -23.46 26.35 -15.71
C LEU D 138 -23.08 27.60 -16.46
N ASP D 139 -21.80 27.99 -16.42
CA ASP D 139 -21.34 29.14 -17.22
C ASP D 139 -21.58 28.86 -18.69
N THR D 140 -21.35 27.63 -19.13
CA THR D 140 -21.58 27.29 -20.52
C THR D 140 -23.05 27.39 -20.92
N LEU D 141 -23.92 26.84 -20.08
CA LEU D 141 -25.37 26.90 -20.30
C LEU D 141 -25.79 28.34 -20.53
N GLU D 142 -25.43 29.21 -19.60
CA GLU D 142 -25.82 30.62 -19.68
C GLU D 142 -25.30 31.32 -20.94
N GLN D 143 -23.98 31.24 -21.15
CA GLN D 143 -23.39 31.91 -22.30
C GLN D 143 -23.94 31.42 -23.64
N ASN D 144 -23.89 30.12 -23.88
CA ASN D 144 -24.47 29.59 -25.11
C ASN D 144 -25.96 29.90 -25.32
N THR D 145 -26.78 29.76 -24.29
CA THR D 145 -28.21 30.01 -24.45
C THR D 145 -28.51 31.48 -24.75
N THR D 146 -27.76 32.37 -24.09
CA THR D 146 -27.92 33.79 -24.35
C THR D 146 -27.45 34.14 -25.76
N PHE D 147 -26.28 33.66 -26.14
CA PHE D 147 -25.77 33.94 -27.46
C PHE D 147 -26.70 33.44 -28.55
N LEU D 148 -27.11 32.18 -28.46
CA LEU D 148 -28.01 31.62 -29.45
C LEU D 148 -29.31 32.43 -29.47
N GLY D 149 -29.73 32.90 -28.30
CA GLY D 149 -30.80 33.87 -28.19
C GLY D 149 -30.58 35.07 -29.11
N LYS D 150 -29.41 35.69 -29.04
CA LYS D 150 -29.08 36.80 -29.92
C LYS D 150 -29.13 36.38 -31.40
N VAL D 151 -28.55 35.22 -31.69
CA VAL D 151 -28.51 34.75 -33.07
C VAL D 151 -29.91 34.52 -33.64
N LEU D 152 -30.72 33.77 -32.91
CA LEU D 152 -32.07 33.45 -33.37
C LEU D 152 -33.07 34.58 -33.19
N GLY D 153 -32.67 35.67 -32.55
CA GLY D 153 -33.61 36.73 -32.23
C GLY D 153 -34.69 36.23 -31.27
N ALA D 154 -34.22 35.60 -30.20
CA ALA D 154 -35.08 34.96 -29.22
C ALA D 154 -34.55 35.34 -27.85
N GLU D 155 -34.11 36.58 -27.72
CA GLU D 155 -33.50 37.04 -26.48
C GLU D 155 -34.43 36.80 -25.28
N ALA D 156 -35.68 37.21 -25.42
CA ALA D 156 -36.69 37.03 -24.38
C ALA D 156 -36.92 35.57 -23.94
N GLU D 157 -36.90 34.64 -24.90
CA GLU D 157 -37.14 33.22 -24.59
C GLU D 157 -35.92 32.63 -23.91
N ALA D 158 -34.75 33.11 -24.30
CA ALA D 158 -33.51 32.67 -23.68
C ALA D 158 -33.50 33.08 -22.22
N GLU D 159 -33.89 34.33 -21.96
CA GLU D 159 -33.98 34.87 -20.61
C GLU D 159 -34.94 34.02 -19.78
N SER D 160 -36.04 33.62 -20.41
CA SER D 160 -37.09 32.86 -19.76
C SER D 160 -36.64 31.47 -19.43
N VAL D 161 -36.02 30.83 -20.42
CA VAL D 161 -35.64 29.44 -20.30
C VAL D 161 -34.54 29.29 -19.26
N LEU D 162 -33.64 30.28 -19.17
CA LEU D 162 -32.58 30.24 -18.18
C LEU D 162 -33.14 30.39 -16.77
N ALA D 163 -34.06 31.32 -16.57
CA ALA D 163 -34.73 31.44 -15.27
C ALA D 163 -35.43 30.14 -14.85
N GLU D 164 -36.09 29.47 -15.79
CA GLU D 164 -36.73 28.21 -15.49
C GLU D 164 -35.71 27.15 -15.04
N LEU D 165 -34.64 26.98 -15.82
CA LEU D 165 -33.58 26.06 -15.46
C LEU D 165 -32.87 26.39 -14.13
N GLU D 166 -32.69 27.66 -13.82
CA GLU D 166 -32.07 28.03 -12.54
C GLU D 166 -32.98 27.58 -11.40
N ALA D 167 -34.26 27.90 -11.49
CA ALA D 167 -35.25 27.39 -10.54
C ALA D 167 -35.28 25.86 -10.44
N GLY D 168 -35.15 25.18 -11.58
CA GLY D 168 -35.17 23.73 -11.57
C GLY D 168 -33.93 23.11 -10.97
N ILE D 169 -32.76 23.66 -11.32
CA ILE D 169 -31.53 23.21 -10.71
C ILE D 169 -31.57 23.41 -9.19
N ALA D 170 -32.01 24.60 -8.73
CA ALA D 170 -32.12 24.85 -7.30
C ALA D 170 -33.08 23.88 -6.63
N GLU D 171 -34.15 23.50 -7.32
CA GLU D 171 -35.07 22.49 -6.82
C GLU D 171 -34.38 21.16 -6.60
N ALA D 172 -33.61 20.72 -7.59
CA ALA D 172 -32.90 19.45 -7.46
C ALA D 172 -31.83 19.51 -6.35
N LYS D 173 -31.07 20.60 -6.30
CA LYS D 173 -30.08 20.77 -5.24
C LYS D 173 -30.73 20.66 -3.85
N ALA D 174 -31.88 21.31 -3.69
CA ALA D 174 -32.64 21.15 -2.47
C ALA D 174 -33.00 19.66 -2.22
N ALA D 175 -33.55 18.96 -3.21
CA ALA D 175 -33.82 17.53 -3.08
C ALA D 175 -32.58 16.71 -2.70
N VAL D 176 -31.43 17.00 -3.31
CA VAL D 176 -30.18 16.31 -2.98
C VAL D 176 -29.76 16.56 -1.53
N THR D 177 -29.86 17.82 -1.11
CA THR D 177 -29.53 18.22 0.26
C THR D 177 -30.45 17.56 1.26
N GLU D 178 -31.73 17.47 0.93
CA GLU D 178 -32.71 16.86 1.81
C GLU D 178 -32.51 15.35 1.91
N ALA D 179 -32.06 14.73 0.81
CA ALA D 179 -31.69 13.32 0.84
C ALA D 179 -30.48 13.15 1.75
N SER D 180 -29.70 14.22 1.82
CA SER D 180 -28.44 14.22 2.53
C SER D 180 -27.54 13.07 2.11
N GLY D 181 -26.71 12.67 3.06
CA GLY D 181 -25.82 11.57 2.85
C GLY D 181 -24.65 11.93 1.96
N THR D 182 -23.93 10.89 1.60
CA THR D 182 -22.75 10.96 0.81
C THR D 182 -23.09 10.26 -0.52
N GLY D 183 -22.43 10.64 -1.62
CA GLY D 183 -22.73 10.05 -2.92
C GLY D 183 -21.53 9.68 -3.78
N LEU D 184 -21.75 8.78 -4.73
CA LEU D 184 -20.71 8.46 -5.69
C LEU D 184 -21.36 8.22 -7.04
N GLY D 185 -20.86 8.90 -8.06
CA GLY D 185 -21.32 8.69 -9.42
C GLY D 185 -20.39 7.72 -10.13
N ILE D 186 -20.96 6.77 -10.83
CA ILE D 186 -20.15 5.83 -11.60
C ILE D 186 -20.61 5.81 -13.05
N MSE D 187 -19.70 5.40 -13.92
CA MSE D 187 -20.02 5.22 -15.31
C MSE D 187 -19.65 3.80 -15.71
O MSE D 187 -18.49 3.42 -15.69
CB MSE D 187 -19.26 6.23 -16.13
CG MSE D 187 -19.78 6.37 -17.53
SE MSE D 187 -18.99 7.90 -18.38
CE MSE D 187 -19.84 9.31 -17.34
N VAL D 188 -20.67 3.01 -16.06
CA VAL D 188 -20.47 1.61 -16.42
C VAL D 188 -20.19 1.46 -17.91
N SER D 189 -19.08 0.81 -18.24
CA SER D 189 -18.73 0.59 -19.63
C SER D 189 -18.01 -0.72 -19.83
N GLY D 190 -18.63 -1.64 -20.55
CA GLY D 190 -17.95 -2.88 -20.86
C GLY D 190 -17.86 -3.68 -19.60
N GLY D 191 -18.91 -3.59 -18.79
CA GLY D 191 -19.00 -4.36 -17.56
C GLY D 191 -18.05 -3.84 -16.50
N GLN D 192 -17.36 -2.74 -16.82
CA GLN D 192 -16.39 -2.13 -15.91
C GLN D 192 -16.90 -0.84 -15.31
N LEU D 193 -16.44 -0.54 -14.11
CA LEU D 193 -16.88 0.64 -13.37
C LEU D 193 -15.82 1.76 -13.37
N SER D 194 -16.24 2.98 -13.65
CA SER D 194 -15.35 4.14 -13.55
C SER D 194 -15.93 5.14 -12.58
N ALA D 195 -15.11 5.64 -11.66
CA ALA D 195 -15.58 6.62 -10.68
C ALA D 195 -15.59 8.03 -11.24
N LEU D 196 -16.76 8.66 -11.24
CA LEU D 196 -16.85 10.07 -11.55
C LEU D 196 -16.37 10.94 -10.37
N SER D 197 -15.80 12.08 -10.68
CA SER D 197 -15.11 12.87 -9.67
C SER D 197 -15.44 14.34 -9.89
N PRO D 198 -15.58 15.11 -8.79
CA PRO D 198 -15.75 16.56 -8.91
C PRO D 198 -14.65 17.15 -9.80
N ASN D 199 -14.97 18.22 -10.53
CA ASN D 199 -14.04 18.78 -11.48
C ASN D 199 -12.95 19.59 -10.76
N THR D 200 -11.69 19.30 -11.07
CA THR D 200 -10.59 20.07 -10.51
C THR D 200 -10.15 21.17 -11.48
N GLY D 201 -10.18 22.41 -10.99
CA GLY D 201 -9.79 23.54 -11.80
C GLY D 201 -10.79 23.86 -12.90
N ASN D 202 -10.28 24.22 -14.06
CA ASN D 202 -11.15 24.63 -15.14
C ASN D 202 -11.11 23.66 -16.31
N ASP D 203 -10.38 22.57 -16.13
CA ASP D 203 -10.23 21.57 -17.19
C ASP D 203 -11.58 21.03 -17.65
N PRO D 204 -11.93 21.25 -18.93
CA PRO D 204 -13.28 20.94 -19.42
C PRO D 204 -13.45 19.47 -19.76
N ARG D 205 -12.33 18.76 -19.91
CA ARG D 205 -12.37 17.31 -20.00
C ARG D 205 -13.12 16.67 -18.80
N GLY D 206 -13.11 17.36 -17.66
CA GLY D 206 -13.60 16.77 -16.43
C GLY D 206 -14.93 17.30 -15.97
N ALA D 207 -15.46 18.28 -16.70
CA ALA D 207 -16.70 18.95 -16.28
C ALA D 207 -17.85 17.97 -16.27
N ARG D 208 -17.84 17.06 -17.24
CA ARG D 208 -18.95 16.12 -17.44
C ARG D 208 -19.14 15.12 -16.31
N GLY D 209 -18.04 14.53 -15.87
CA GLY D 209 -18.13 13.52 -14.84
C GLY D 209 -18.47 14.15 -13.53
N GLY D 210 -18.06 15.41 -13.35
CA GLY D 210 -18.29 16.15 -12.13
C GLY D 210 -19.68 16.73 -11.95
N LEU D 211 -20.51 16.69 -13.00
CA LEU D 211 -21.84 17.30 -12.93
C LEU D 211 -22.64 16.98 -11.68
N ILE D 212 -22.70 15.68 -11.35
CA ILE D 212 -23.51 15.22 -10.23
C ILE D 212 -23.09 15.92 -8.93
N TYR D 213 -21.79 16.20 -8.80
CA TYR D 213 -21.26 16.84 -7.59
C TYR D 213 -21.22 18.34 -7.75
N ASP D 214 -20.96 18.81 -8.97
CA ASP D 214 -20.58 20.20 -9.19
C ASP D 214 -21.76 21.13 -9.34
N VAL D 215 -22.76 20.68 -10.09
CA VAL D 215 -24.00 21.39 -10.32
C VAL D 215 -25.12 21.04 -9.30
N PHE D 216 -25.36 19.75 -9.07
CA PHE D 216 -26.46 19.33 -8.18
C PHE D 216 -26.07 19.12 -6.74
N GLY D 217 -24.77 19.21 -6.48
CA GLY D 217 -24.27 19.30 -5.13
C GLY D 217 -24.24 18.05 -4.27
N VAL D 218 -24.22 16.84 -4.85
CA VAL D 218 -24.06 15.69 -3.98
C VAL D 218 -22.67 15.71 -3.38
N GLN D 219 -22.58 15.41 -2.07
CA GLN D 219 -21.31 15.33 -1.37
C GLN D 219 -20.57 14.06 -1.76
N PRO D 220 -19.36 14.20 -2.28
CA PRO D 220 -18.65 12.99 -2.73
C PRO D 220 -18.26 12.09 -1.57
N VAL D 221 -18.26 10.79 -1.80
CA VAL D 221 -17.95 9.81 -0.76
C VAL D 221 -16.50 9.91 -0.26
N LEU D 222 -15.61 10.43 -1.10
CA LEU D 222 -14.24 10.71 -0.73
C LEU D 222 -13.91 12.16 -1.10
N GLU D 223 -13.06 12.80 -0.29
CA GLU D 223 -12.63 14.19 -0.53
C GLU D 223 -11.79 14.26 -1.79
N ASP D 224 -11.07 13.18 -2.10
CA ASP D 224 -10.34 13.12 -3.35
C ASP D 224 -10.52 11.76 -4.03
N ILE D 225 -11.66 11.61 -4.72
CA ILE D 225 -11.97 10.39 -5.43
C ILE D 225 -10.91 10.08 -6.47
N LYS D 226 -10.57 11.11 -7.25
CA LYS D 226 -9.65 10.96 -8.36
C LYS D 226 -8.34 10.35 -7.87
N ALA D 227 -7.85 10.90 -6.77
CA ALA D 227 -6.63 10.41 -6.14
C ALA D 227 -6.72 8.93 -5.78
N ALA D 228 -7.85 8.54 -5.19
CA ALA D 228 -8.03 7.18 -4.68
C ALA D 228 -8.24 6.14 -5.77
N THR D 229 -8.72 6.57 -6.93
CA THR D 229 -9.03 5.63 -8.01
C THR D 229 -7.88 5.48 -8.98
N HIS D 230 -6.90 6.38 -8.85
CA HIS D 230 -5.68 6.36 -9.67
C HIS D 230 -5.94 6.64 -11.13
N GLY D 231 -7.20 6.96 -11.47
CA GLY D 231 -7.57 7.23 -12.84
C GLY D 231 -7.99 5.97 -13.56
N GLU D 232 -7.71 4.82 -12.94
CA GLU D 232 -8.06 3.51 -13.49
C GLU D 232 -9.45 3.08 -12.98
N PRO D 233 -10.09 2.09 -13.65
CA PRO D 233 -11.40 1.60 -13.20
C PRO D 233 -11.41 1.12 -11.75
N ILE D 234 -12.62 0.97 -11.18
CA ILE D 234 -12.76 0.58 -9.79
C ILE D 234 -13.53 -0.72 -9.70
N SER D 235 -13.20 -1.51 -8.68
CA SER D 235 -13.84 -2.81 -8.47
C SER D 235 -15.20 -2.67 -7.80
N PHE D 236 -16.01 -3.73 -7.85
CA PHE D 236 -17.22 -3.75 -7.05
C PHE D 236 -16.86 -3.57 -5.58
N GLU D 237 -15.77 -4.20 -5.16
CA GLU D 237 -15.30 -4.08 -3.78
C GLU D 237 -15.04 -2.62 -3.34
N PHE D 238 -14.69 -1.77 -4.29
CA PHE D 238 -14.53 -0.34 -4.02
C PHE D 238 -15.83 0.25 -3.54
N LEU D 239 -16.94 -0.09 -4.17
CA LEU D 239 -18.24 0.42 -3.75
C LEU D 239 -18.52 -0.02 -2.33
N LEU D 240 -18.26 -1.30 -2.06
CA LEU D 240 -18.51 -1.87 -0.74
C LEU D 240 -17.63 -1.27 0.34
N GLU D 241 -16.40 -0.92 -0.02
CA GLU D 241 -15.46 -0.34 0.94
C GLU D 241 -15.89 1.02 1.43
N HIS D 242 -16.12 1.92 0.49
CA HIS D 242 -16.43 3.31 0.80
C HIS D 242 -17.92 3.52 0.98
N ASP D 243 -18.67 2.54 0.48
CA ASP D 243 -20.12 2.45 0.68
C ASP D 243 -20.84 3.80 0.72
N PRO D 244 -21.05 4.39 -0.45
CA PRO D 244 -21.78 5.67 -0.51
C PRO D 244 -23.25 5.48 -0.17
N GLN D 245 -23.86 6.47 0.47
CA GLN D 245 -25.29 6.40 0.75
C GLN D 245 -26.11 6.36 -0.53
N TRP D 246 -25.67 7.13 -1.53
CA TRP D 246 -26.37 7.18 -2.81
C TRP D 246 -25.41 6.80 -3.93
N LEU D 247 -25.90 6.01 -4.88
CA LEU D 247 -25.10 5.60 -6.05
C LEU D 247 -25.77 6.10 -7.33
N TRP D 248 -25.08 6.99 -8.05
CA TRP D 248 -25.61 7.58 -9.28
C TRP D 248 -24.95 6.96 -10.50
N VAL D 249 -25.73 6.29 -11.33
CA VAL D 249 -25.16 5.50 -12.40
C VAL D 249 -25.45 6.04 -13.81
N VAL D 250 -24.39 6.15 -14.62
CA VAL D 250 -24.49 6.46 -16.04
C VAL D 250 -24.08 5.21 -16.84
N ASP D 251 -25.04 4.57 -17.51
CA ASP D 251 -24.71 3.40 -18.35
C ASP D 251 -24.19 3.93 -19.69
N ARG D 252 -22.88 4.00 -19.84
CA ARG D 252 -22.28 4.60 -21.03
C ARG D 252 -22.47 3.75 -22.27
N ASP D 253 -22.45 2.43 -22.09
CA ASP D 253 -22.64 1.53 -23.22
C ASP D 253 -24.03 1.64 -23.85
N ALA D 254 -25.01 2.05 -23.05
CA ALA D 254 -26.35 2.28 -23.58
C ALA D 254 -26.33 3.46 -24.53
N ALA D 255 -25.57 4.48 -24.17
CA ALA D 255 -25.54 5.74 -24.90
C ALA D 255 -24.79 5.65 -26.22
N THR D 256 -23.71 4.90 -26.23
CA THR D 256 -22.83 4.81 -27.39
C THR D 256 -23.25 3.72 -28.36
N GLY D 257 -24.19 2.88 -27.94
CA GLY D 257 -24.66 1.83 -28.81
C GLY D 257 -23.68 0.68 -28.98
N ALA D 258 -22.94 0.41 -27.91
CA ALA D 258 -21.99 -0.69 -27.88
C ALA D 258 -22.72 -2.02 -27.84
N GLU D 259 -22.36 -2.93 -28.74
CA GLU D 259 -23.02 -4.23 -28.81
C GLU D 259 -22.45 -5.23 -27.80
N GLY D 260 -23.27 -6.22 -27.44
CA GLY D 260 -22.83 -7.29 -26.56
C GLY D 260 -22.63 -6.83 -25.15
N ALA D 261 -23.18 -5.65 -24.86
CA ALA D 261 -23.07 -5.02 -23.54
C ALA D 261 -24.32 -5.35 -22.73
N GLN D 262 -24.13 -5.68 -21.46
CA GLN D 262 -25.28 -5.91 -20.59
C GLN D 262 -25.59 -4.63 -19.82
N ALA D 263 -26.87 -4.40 -19.52
CA ALA D 263 -27.28 -3.12 -18.94
C ALA D 263 -26.67 -2.89 -17.56
N ALA D 264 -26.44 -1.64 -17.20
CA ALA D 264 -25.78 -1.32 -15.93
C ALA D 264 -26.49 -1.96 -14.74
N LYS D 265 -27.83 -1.92 -14.76
CA LYS D 265 -28.67 -2.58 -13.76
C LYS D 265 -28.24 -4.03 -13.52
N VAL D 266 -28.01 -4.77 -14.62
CA VAL D 266 -27.57 -6.15 -14.56
C VAL D 266 -26.15 -6.31 -14.03
N VAL D 267 -25.23 -5.53 -14.59
CA VAL D 267 -23.84 -5.50 -14.15
C VAL D 267 -23.70 -5.27 -12.63
N LEU D 268 -24.58 -4.46 -12.06
CA LEU D 268 -24.51 -4.10 -10.63
C LEU D 268 -25.36 -5.03 -9.76
N ASP D 269 -25.87 -6.08 -10.39
CA ASP D 269 -26.59 -7.14 -9.70
C ASP D 269 -25.62 -8.28 -9.42
N ASN D 270 -24.83 -8.12 -8.36
CA ASN D 270 -23.89 -9.13 -7.92
C ASN D 270 -23.80 -9.15 -6.39
N GLU D 271 -23.41 -10.29 -5.82
CA GLU D 271 -23.39 -10.44 -4.35
C GLU D 271 -22.59 -9.37 -3.59
N ILE D 272 -21.62 -8.73 -4.24
CA ILE D 272 -20.85 -7.67 -3.60
C ILE D 272 -21.62 -6.36 -3.52
N VAL D 273 -22.05 -5.85 -4.66
CA VAL D 273 -22.79 -4.60 -4.71
C VAL D 273 -24.09 -4.71 -3.90
N ASN D 274 -24.72 -5.88 -3.95
CA ASN D 274 -25.98 -6.06 -3.22
C ASN D 274 -25.84 -5.95 -1.71
N ARG D 275 -24.60 -5.93 -1.23
CA ARG D 275 -24.29 -5.78 0.19
C ARG D 275 -24.05 -4.32 0.59
N THR D 276 -23.99 -3.44 -0.40
CA THR D 276 -23.71 -2.04 -0.13
C THR D 276 -24.96 -1.36 0.41
N THR D 277 -24.78 -0.26 1.14
CA THR D 277 -25.91 0.45 1.72
C THR D 277 -26.81 0.96 0.61
N ALA D 278 -26.16 1.50 -0.43
CA ALA D 278 -26.83 2.05 -1.58
C ALA D 278 -27.88 1.09 -2.14
N ALA D 279 -27.47 -0.15 -2.38
CA ALA D 279 -28.37 -1.11 -2.98
C ALA D 279 -29.44 -1.59 -1.98
N THR D 280 -29.06 -1.85 -0.74
CA THR D 280 -30.02 -2.40 0.21
C THR D 280 -31.11 -1.41 0.61
N GLU D 281 -30.81 -0.13 0.46
CA GLU D 281 -31.75 0.92 0.82
C GLU D 281 -32.47 1.48 -0.40
N ASP D 282 -32.29 0.82 -1.55
CA ASP D 282 -32.88 1.27 -2.81
C ASP D 282 -32.47 2.72 -3.13
N HIS D 283 -31.16 2.95 -3.13
CA HIS D 283 -30.60 4.27 -3.35
C HIS D 283 -29.72 4.29 -4.58
N VAL D 284 -29.94 3.35 -5.50
CA VAL D 284 -29.25 3.39 -6.78
C VAL D 284 -30.10 4.14 -7.79
N LEU D 285 -29.58 5.24 -8.31
CA LEU D 285 -30.33 6.09 -9.25
C LEU D 285 -29.67 6.04 -10.61
N TYR D 286 -30.44 5.73 -11.65
CA TYR D 286 -29.89 5.68 -13.01
C TYR D 286 -30.13 6.96 -13.81
N LEU D 287 -29.06 7.54 -14.32
CA LEU D 287 -29.22 8.78 -15.07
C LEU D 287 -29.37 8.51 -16.58
N ASN D 288 -29.97 9.45 -17.31
CA ASN D 288 -30.22 9.26 -18.74
C ASN D 288 -28.90 9.29 -19.49
N PRO D 289 -28.47 8.14 -20.04
CA PRO D 289 -27.17 7.99 -20.68
C PRO D 289 -26.99 9.00 -21.80
N THR D 290 -27.96 9.12 -22.70
CA THR D 290 -27.86 10.11 -23.78
C THR D 290 -27.73 11.53 -23.26
N ALA D 291 -28.61 11.93 -22.34
CA ALA D 291 -28.51 13.28 -21.82
C ALA D 291 -27.18 13.50 -21.11
N TRP D 292 -26.87 12.67 -20.13
CA TRP D 292 -25.64 12.87 -19.36
C TRP D 292 -24.31 12.61 -20.07
N TYR D 293 -24.27 11.71 -21.05
CA TYR D 293 -23.00 11.40 -21.70
C TYR D 293 -22.86 11.86 -23.16
N ILE D 294 -23.89 11.68 -23.98
CA ILE D 294 -23.78 12.06 -25.41
C ILE D 294 -23.98 13.54 -25.63
N VAL D 295 -25.07 14.08 -25.09
CA VAL D 295 -25.41 15.49 -25.29
C VAL D 295 -24.72 16.45 -24.31
N PHE D 296 -25.08 16.34 -23.04
N PHE D 296 -24.94 16.23 -23.02
CA PHE D 296 -24.34 17.00 -21.97
CA PHE D 296 -24.35 17.01 -21.92
C PHE D 296 -24.35 18.53 -22.14
C PHE D 296 -24.34 18.54 -22.11
N GLY D 297 -25.53 19.12 -22.03
CA GLY D 297 -25.68 20.54 -22.23
C GLY D 297 -26.89 20.78 -23.11
N GLY D 298 -27.37 22.01 -23.16
CA GLY D 298 -28.58 22.26 -23.90
C GLY D 298 -29.79 22.36 -22.97
N VAL D 299 -30.80 23.11 -23.40
CA VAL D 299 -31.95 23.38 -22.58
C VAL D 299 -32.79 22.14 -22.27
N GLU D 300 -33.21 21.41 -23.29
CA GLU D 300 -34.01 20.21 -23.07
C GLU D 300 -33.31 19.16 -22.22
N THR D 301 -32.03 18.99 -22.49
CA THR D 301 -31.16 18.07 -21.77
C THR D 301 -31.03 18.41 -20.27
N THR D 302 -30.78 19.68 -19.94
CA THR D 302 -30.69 20.09 -18.55
C THR D 302 -32.01 19.77 -17.82
N ARG D 303 -33.13 19.93 -18.49
CA ARG D 303 -34.40 19.57 -17.90
C ARG D 303 -34.41 18.08 -17.57
N ILE D 304 -33.90 17.25 -18.47
CA ILE D 304 -33.85 15.81 -18.25
C ILE D 304 -32.93 15.50 -17.08
N MSE D 305 -31.83 16.24 -17.00
CA MSE D 305 -30.91 16.07 -15.87
C MSE D 305 -31.58 16.40 -14.55
O MSE D 305 -31.49 15.63 -13.59
CB MSE D 305 -29.69 16.94 -16.05
CG MSE D 305 -28.82 16.52 -17.20
SE MSE D 305 -27.40 17.79 -17.42
CE MSE D 305 -26.56 16.98 -18.95
N ILE D 306 -32.26 17.54 -14.49
CA ILE D 306 -33.03 17.91 -13.31
C ILE D 306 -34.03 16.83 -12.87
N ASP D 307 -34.81 16.29 -13.80
CA ASP D 307 -35.77 15.24 -13.45
C ASP D 307 -35.06 14.02 -12.92
N ASP D 308 -33.90 13.74 -13.51
CA ASP D 308 -33.11 12.59 -13.08
C ASP D 308 -32.62 12.73 -11.64
N VAL D 309 -32.10 13.90 -11.31
CA VAL D 309 -31.62 14.14 -9.97
C VAL D 309 -32.81 14.15 -9.01
N LEU D 310 -33.93 14.73 -9.42
CA LEU D 310 -35.12 14.80 -8.54
C LEU D 310 -35.63 13.45 -8.06
N GLN D 311 -35.23 12.38 -8.74
CA GLN D 311 -35.52 11.03 -8.29
C GLN D 311 -35.16 10.74 -6.81
N VAL D 312 -34.11 11.37 -6.25
CA VAL D 312 -33.79 11.08 -4.84
C VAL D 312 -34.94 11.38 -3.89
N ALA D 313 -35.73 12.38 -4.24
CA ALA D 313 -36.79 12.83 -3.36
C ALA D 313 -37.80 11.73 -3.16
N ALA D 314 -37.83 10.78 -4.10
CA ALA D 314 -38.84 9.72 -4.11
C ALA D 314 -38.39 8.45 -3.41
N ARG D 315 -37.25 8.53 -2.75
CA ARG D 315 -36.67 7.35 -2.13
C ARG D 315 -36.52 7.46 -0.62
N ALA E 15 -12.60 0.20 63.84
CA ALA E 15 -13.49 0.22 62.68
C ALA E 15 -12.83 -0.39 61.44
N THR E 16 -13.64 -1.04 60.61
CA THR E 16 -13.15 -1.71 59.43
C THR E 16 -13.87 -1.24 58.17
N ALA E 17 -13.15 -1.14 57.06
CA ALA E 17 -13.76 -0.73 55.80
C ALA E 17 -13.55 -1.79 54.71
N SER E 18 -14.64 -2.29 54.13
CA SER E 18 -14.54 -3.30 53.09
C SER E 18 -14.20 -2.74 51.71
N TYR E 19 -13.17 -3.31 51.09
CA TYR E 19 -12.81 -2.96 49.72
C TYR E 19 -12.89 -4.16 48.79
N THR E 20 -13.80 -4.09 47.81
CA THR E 20 -13.95 -5.15 46.83
C THR E 20 -13.64 -4.65 45.41
N TRP E 21 -12.80 -5.41 44.70
CA TRP E 21 -12.48 -5.12 43.30
C TRP E 21 -12.32 -6.40 42.48
N ASP E 22 -12.29 -6.27 41.16
CA ASP E 22 -12.00 -7.42 40.31
C ASP E 22 -10.50 -7.50 40.11
N ARG E 23 -9.85 -8.38 40.86
CA ARG E 23 -8.39 -8.45 40.89
C ARG E 23 -7.86 -9.15 39.65
N ASN E 24 -6.78 -8.61 39.09
CA ASN E 24 -6.10 -9.26 37.99
C ASN E 24 -5.15 -10.30 38.60
N THR E 25 -5.40 -11.58 38.32
CA THR E 25 -4.63 -12.66 38.93
C THR E 25 -3.29 -12.96 38.23
N ALA E 26 -3.06 -12.40 37.05
CA ALA E 26 -1.78 -12.54 36.39
C ALA E 26 -0.75 -11.69 37.12
N THR E 27 0.42 -12.28 37.39
CA THR E 27 1.47 -11.64 38.17
C THR E 27 2.48 -10.92 37.30
N GLU E 28 2.39 -11.12 36.00
N GLU E 28 2.35 -11.09 35.99
CA GLU E 28 3.26 -10.40 35.07
CA GLU E 28 3.23 -10.47 35.00
C GLU E 28 2.43 -9.45 34.23
C GLU E 28 2.42 -9.45 34.20
N GLU E 29 2.93 -8.23 34.06
CA GLU E 29 2.16 -7.17 33.40
C GLU E 29 1.92 -7.42 31.92
N GLY E 30 2.73 -8.28 31.32
CA GLY E 30 2.49 -8.65 29.94
C GLY E 30 1.23 -9.48 29.77
N ALA E 31 1.11 -10.53 30.59
CA ALA E 31 0.14 -11.60 30.38
C ALA E 31 -1.31 -11.15 30.26
N ASP E 32 -2.10 -11.90 29.50
CA ASP E 32 -3.51 -11.61 29.37
C ASP E 32 -4.14 -11.73 30.74
N PRO E 33 -4.81 -10.65 31.20
CA PRO E 33 -5.38 -10.61 32.55
C PRO E 33 -6.54 -11.59 32.73
N VAL E 34 -6.62 -12.19 33.92
CA VAL E 34 -7.80 -12.98 34.31
C VAL E 34 -8.33 -12.41 35.63
N TYR E 35 -9.56 -11.92 35.60
CA TYR E 35 -10.13 -11.22 36.74
C TYR E 35 -10.99 -12.14 37.58
N GLU E 36 -10.64 -12.25 38.86
CA GLU E 36 -11.55 -12.87 39.79
C GLU E 36 -11.71 -11.95 41.00
N GLU E 37 -12.96 -11.79 41.42
CA GLU E 37 -13.31 -10.81 42.43
C GLU E 37 -12.74 -11.17 43.80
N THR E 38 -12.02 -10.24 44.43
CA THR E 38 -11.56 -10.45 45.80
C THR E 38 -11.98 -9.29 46.74
N THR E 39 -12.09 -9.59 48.04
CA THR E 39 -12.48 -8.59 49.02
C THR E 39 -11.49 -8.52 50.17
N VAL E 40 -11.10 -7.30 50.55
CA VAL E 40 -10.17 -7.11 51.65
C VAL E 40 -10.76 -6.18 52.71
N GLU E 41 -10.58 -6.55 53.98
CA GLU E 41 -11.07 -5.74 55.11
C GLU E 41 -9.97 -4.78 55.57
N VAL E 42 -10.19 -3.49 55.38
CA VAL E 42 -9.16 -2.46 55.59
C VAL E 42 -9.38 -1.73 56.91
N PRO E 43 -8.30 -1.48 57.66
CA PRO E 43 -8.39 -0.77 58.94
C PRO E 43 -8.70 0.72 58.72
N VAL E 44 -9.69 1.25 59.42
CA VAL E 44 -9.92 2.70 59.34
C VAL E 44 -8.93 3.38 60.28
N ASP E 45 -8.38 4.52 59.83
CA ASP E 45 -7.28 5.21 60.49
C ASP E 45 -6.04 4.31 60.70
N PRO E 46 -5.47 3.78 59.60
CA PRO E 46 -4.28 2.94 59.74
C PRO E 46 -3.05 3.77 60.14
N GLN E 47 -2.20 3.23 61.02
CA GLN E 47 -1.07 4.00 61.53
C GLN E 47 0.32 3.62 60.97
N ARG E 48 0.36 2.63 60.08
CA ARG E 48 1.59 2.26 59.39
C ARG E 48 1.30 1.80 57.98
N ILE E 49 1.32 2.74 57.04
CA ILE E 49 0.96 2.42 55.66
C ILE E 49 2.21 2.16 54.82
N VAL E 50 2.19 1.07 54.06
CA VAL E 50 3.27 0.79 53.12
C VAL E 50 2.69 0.90 51.72
N VAL E 51 3.29 1.72 50.87
CA VAL E 51 2.75 1.95 49.52
C VAL E 51 3.78 1.66 48.43
N PHE E 52 3.38 0.86 47.44
CA PHE E 52 4.21 0.61 46.27
C PHE E 52 3.73 1.42 45.05
N ASP E 53 2.44 1.72 44.99
CA ASP E 53 1.87 2.44 43.85
C ASP E 53 1.97 3.94 44.07
N MSE E 54 2.77 4.59 43.25
CA MSE E 54 3.05 6.00 43.44
C MSE E 54 1.80 6.90 43.50
O MSE E 54 1.75 7.87 44.26
CB MSE E 54 4.06 6.46 42.41
CG MSE E 54 5.38 6.89 43.03
SE MSE E 54 5.92 5.87 44.60
CE MSE E 54 7.44 5.10 43.76
N ALA E 55 0.77 6.54 42.73
CA ALA E 55 -0.48 7.30 42.70
C ALA E 55 -1.28 7.21 43.99
N ALA E 56 -1.11 6.11 44.72
CA ALA E 56 -1.79 5.99 46.00
C ALA E 56 -1.03 6.81 47.03
N LEU E 57 0.30 6.82 46.92
CA LEU E 57 1.15 7.57 47.84
C LEU E 57 0.76 9.04 47.76
N ASP E 58 0.57 9.52 46.54
CA ASP E 58 0.13 10.88 46.28
C ASP E 58 -1.20 11.18 46.97
N THR E 59 -2.25 10.47 46.58
CA THR E 59 -3.58 10.74 47.12
C THR E 59 -3.60 10.64 48.64
N ILE E 60 -2.90 9.65 49.20
CA ILE E 60 -2.86 9.53 50.65
C ILE E 60 -2.26 10.78 51.29
N GLY E 61 -1.05 11.15 50.86
CA GLY E 61 -0.40 12.33 51.39
C GLY E 61 -1.22 13.59 51.22
N ALA E 62 -1.89 13.70 50.06
CA ALA E 62 -2.77 14.82 49.77
C ALA E 62 -3.93 14.93 50.76
N LEU E 63 -4.49 13.78 51.15
CA LEU E 63 -5.55 13.80 52.14
C LEU E 63 -4.97 13.93 53.55
N GLY E 64 -3.66 14.11 53.64
CA GLY E 64 -3.01 14.40 54.90
C GLY E 64 -2.53 13.20 55.67
N GLY E 65 -2.40 12.06 54.98
CA GLY E 65 -1.82 10.88 55.59
C GLY E 65 -0.31 10.92 55.49
N GLU E 66 0.35 9.93 56.10
CA GLU E 66 1.77 9.76 55.86
C GLU E 66 2.11 8.29 55.58
N ILE E 67 3.15 8.09 54.77
CA ILE E 67 3.55 6.76 54.32
C ILE E 67 4.72 6.24 55.14
N ALA E 68 4.65 5.00 55.59
CA ALA E 68 5.65 4.45 56.50
C ALA E 68 6.74 3.67 55.76
N GLY E 69 6.36 3.03 54.65
CA GLY E 69 7.29 2.29 53.85
C GLY E 69 6.95 2.48 52.38
N ALA E 70 7.97 2.45 51.52
CA ALA E 70 7.80 2.70 50.09
C ALA E 70 9.05 2.24 49.37
N PRO E 71 8.98 2.17 48.02
CA PRO E 71 10.20 2.07 47.19
C PRO E 71 10.92 3.43 47.18
N LEU E 72 11.78 3.69 48.16
CA LEU E 72 12.32 5.03 48.36
C LEU E 72 13.07 5.58 47.17
N ASP E 73 13.69 4.69 46.40
CA ASP E 73 14.51 5.07 45.24
C ASP E 73 13.65 5.55 44.08
N SER E 74 12.37 5.18 44.12
CA SER E 74 11.43 5.46 43.02
C SER E 74 10.45 6.60 43.30
N VAL E 75 10.48 7.18 44.50
CA VAL E 75 9.51 8.23 44.82
C VAL E 75 9.90 9.54 44.18
N PRO E 76 8.97 10.13 43.41
CA PRO E 76 9.14 11.45 42.80
C PRO E 76 9.44 12.48 43.85
N ASP E 77 10.18 13.52 43.47
CA ASP E 77 10.56 14.57 44.38
C ASP E 77 9.33 15.23 44.97
N TYR E 78 8.29 15.38 44.14
CA TYR E 78 7.10 16.11 44.57
C TYR E 78 6.23 15.32 45.56
N LEU E 79 6.70 14.14 45.94
CA LEU E 79 5.95 13.26 46.84
C LEU E 79 6.70 12.93 48.12
N GLU E 80 8.04 13.04 48.09
CA GLU E 80 8.89 12.67 49.23
C GLU E 80 8.45 13.27 50.58
N GLU E 81 7.77 14.42 50.53
CA GLU E 81 7.30 15.08 51.73
C GLU E 81 6.22 14.27 52.47
N TYR E 82 5.54 13.40 51.74
CA TYR E 82 4.47 12.58 52.32
C TYR E 82 5.04 11.31 52.96
N LEU E 83 6.34 11.08 52.77
CA LEU E 83 7.01 9.98 53.45
C LEU E 83 7.19 10.30 54.94
N ALA E 84 7.25 9.28 55.77
CA ALA E 84 7.55 9.49 57.19
C ALA E 84 9.02 9.86 57.33
N ASP E 85 9.40 10.41 58.48
CA ASP E 85 10.81 10.78 58.68
C ASP E 85 11.68 9.54 58.80
N ASP E 86 11.08 8.45 59.29
CA ASP E 86 11.80 7.21 59.53
C ASP E 86 11.45 6.12 58.51
N ALA E 87 10.86 6.53 57.39
CA ALA E 87 10.39 5.60 56.35
C ALA E 87 11.44 4.57 55.94
N PHE E 88 10.99 3.32 55.75
CA PHE E 88 11.89 2.23 55.36
C PHE E 88 11.66 1.85 53.90
N ASN E 89 12.67 1.25 53.29
CA ASN E 89 12.56 0.87 51.88
C ASN E 89 11.87 -0.48 51.74
N ALA E 90 10.71 -0.48 51.08
CA ALA E 90 9.90 -1.69 50.95
C ALA E 90 10.31 -2.55 49.76
N GLY E 91 11.13 -1.99 48.88
CA GLY E 91 11.56 -2.70 47.69
C GLY E 91 11.62 -1.78 46.49
N THR E 92 11.34 -2.32 45.31
CA THR E 92 11.28 -1.50 44.11
C THR E 92 9.83 -1.40 43.64
N LEU E 93 9.60 -0.79 42.49
CA LEU E 93 8.23 -0.66 41.98
C LEU E 93 7.65 -2.00 41.60
N PHE E 94 8.51 -2.98 41.38
CA PHE E 94 8.11 -4.29 40.88
C PHE E 94 8.22 -5.40 41.91
N GLU E 95 9.04 -5.17 42.94
CA GLU E 95 9.47 -6.25 43.82
C GLU E 95 9.38 -5.82 45.27
N ALA E 96 9.07 -6.79 46.15
CA ALA E 96 8.89 -6.47 47.56
C ALA E 96 10.01 -7.06 48.40
N ASP E 97 10.45 -6.32 49.43
CA ASP E 97 11.33 -6.88 50.46
C ASP E 97 10.46 -7.41 51.59
N LEU E 98 10.05 -8.66 51.49
CA LEU E 98 9.07 -9.22 52.40
C LEU E 98 9.61 -9.41 53.81
N ILE E 99 10.92 -9.60 53.94
CA ILE E 99 11.52 -9.69 55.25
C ILE E 99 11.47 -8.32 55.89
N ALA E 100 11.77 -7.29 55.11
CA ALA E 100 11.78 -5.94 55.66
C ALA E 100 10.37 -5.49 56.03
N ILE E 101 9.41 -5.82 55.19
CA ILE E 101 8.03 -5.41 55.41
C ILE E 101 7.43 -6.14 56.63
N GLU E 102 7.66 -7.44 56.71
CA GLU E 102 7.13 -8.24 57.81
C GLU E 102 7.63 -7.70 59.14
N ALA E 103 8.90 -7.33 59.17
CA ALA E 103 9.54 -6.80 60.37
C ALA E 103 9.01 -5.44 60.81
N GLN E 104 8.39 -4.72 59.88
CA GLN E 104 7.83 -3.41 60.21
C GLN E 104 6.38 -3.54 60.65
N GLN E 105 5.83 -4.75 60.51
CA GLN E 105 4.44 -5.06 60.84
C GLN E 105 3.46 -3.91 60.54
N PRO E 106 3.26 -3.59 59.25
CA PRO E 106 2.36 -2.49 58.90
C PRO E 106 0.94 -2.97 59.05
N ASP E 107 -0.04 -2.07 58.93
CA ASP E 107 -1.44 -2.47 59.06
C ASP E 107 -2.24 -2.23 57.79
N LEU E 108 -1.59 -1.66 56.78
CA LEU E 108 -2.21 -1.47 55.47
C LEU E 108 -1.13 -1.39 54.41
N ILE E 109 -1.33 -2.12 53.31
CA ILE E 109 -0.37 -2.12 52.21
C ILE E 109 -1.11 -1.83 50.92
N VAL E 110 -0.66 -0.82 50.18
CA VAL E 110 -1.24 -0.50 48.89
C VAL E 110 -0.28 -0.84 47.73
N VAL E 111 -0.78 -1.62 46.76
CA VAL E 111 -0.06 -1.88 45.53
C VAL E 111 -0.97 -1.53 44.37
N GLY E 112 -0.40 -1.51 43.17
CA GLY E 112 -1.17 -1.22 41.97
C GLY E 112 -0.22 -1.12 40.79
N GLY E 113 -0.73 -1.37 39.59
CA GLY E 113 0.09 -1.27 38.40
C GLY E 113 1.24 -2.26 38.36
N ARG E 114 2.46 -1.73 38.45
CA ARG E 114 3.66 -2.54 38.36
C ARG E 114 3.80 -3.45 39.56
N SER E 115 3.16 -3.06 40.67
CA SER E 115 3.27 -3.85 41.89
C SER E 115 2.02 -4.71 42.16
N SER E 116 1.08 -4.73 41.21
CA SER E 116 -0.18 -5.45 41.38
C SER E 116 0.01 -6.96 41.62
N GLY E 117 1.02 -7.55 40.97
CA GLY E 117 1.30 -8.96 41.10
C GLY E 117 1.79 -9.37 42.47
N LEU E 118 2.27 -8.39 43.25
CA LEU E 118 2.77 -8.65 44.59
C LEU E 118 1.65 -8.82 45.59
N TRP E 119 0.41 -8.81 45.11
CA TRP E 119 -0.71 -8.68 46.01
C TRP E 119 -0.80 -9.84 47.00
N ALA E 120 -0.70 -11.06 46.48
CA ALA E 120 -0.86 -12.25 47.30
C ALA E 120 0.19 -12.38 48.41
N ASP E 121 1.46 -12.16 48.07
CA ASP E 121 2.55 -12.28 49.04
C ASP E 121 2.43 -11.21 50.12
N LEU E 122 2.08 -10.00 49.71
CA LEU E 122 1.86 -8.92 50.65
C LEU E 122 0.64 -9.12 51.55
N ASN E 123 -0.40 -9.76 51.05
CA ASN E 123 -1.62 -9.94 51.84
C ASN E 123 -1.43 -10.88 53.02
N GLU E 124 -0.42 -11.73 52.92
CA GLU E 124 -0.06 -12.62 54.00
C GLU E 124 0.53 -11.86 55.19
N ILE E 125 1.03 -10.65 54.93
CA ILE E 125 1.73 -9.85 55.93
C ILE E 125 0.79 -8.86 56.63
N ALA E 126 -0.09 -8.24 55.85
CA ALA E 126 -1.06 -7.29 56.37
C ALA E 126 -2.09 -7.06 55.28
N PRO E 127 -3.31 -6.59 55.65
CA PRO E 127 -4.34 -6.41 54.63
C PRO E 127 -3.87 -5.51 53.50
N THR E 128 -3.95 -6.03 52.28
CA THR E 128 -3.37 -5.34 51.13
C THR E 128 -4.40 -5.08 50.05
N ILE E 129 -4.53 -3.82 49.65
CA ILE E 129 -5.41 -3.50 48.54
C ILE E 129 -4.61 -3.16 47.29
N ASP E 130 -5.31 -3.28 46.15
CA ASP E 130 -4.77 -3.05 44.83
C ASP E 130 -5.57 -1.90 44.21
N LEU E 131 -4.96 -0.73 44.10
CA LEU E 131 -5.69 0.43 43.58
C LEU E 131 -5.25 0.77 42.16
N SER E 132 -5.01 -0.25 41.34
CA SER E 132 -4.53 0.01 39.99
C SER E 132 -5.62 0.59 39.11
N LEU E 133 -5.22 1.36 38.12
CA LEU E 133 -6.14 1.97 37.19
C LEU E 133 -7.01 0.89 36.54
N ARG E 134 -8.32 1.04 36.69
CA ARG E 134 -9.26 0.17 36.01
C ARG E 134 -10.44 0.98 35.50
N GLY E 135 -10.85 0.72 34.26
CA GLY E 135 -11.91 1.48 33.64
C GLY E 135 -11.38 2.82 33.19
N SER E 136 -12.06 3.89 33.57
CA SER E 136 -11.64 5.21 33.15
C SER E 136 -10.67 5.85 34.15
N TYR E 137 -9.94 6.87 33.73
CA TYR E 137 -9.04 7.58 34.63
C TYR E 137 -9.82 8.27 35.75
N LEU E 138 -10.88 8.96 35.35
CA LEU E 138 -11.77 9.65 36.28
C LEU E 138 -12.52 8.72 37.22
N ASP E 139 -12.93 7.55 36.73
CA ASP E 139 -13.58 6.56 37.61
C ASP E 139 -12.58 6.16 38.67
N THR E 140 -11.36 5.88 38.23
CA THR E 140 -10.28 5.53 39.14
C THR E 140 -9.96 6.69 40.09
N LEU E 141 -9.87 7.91 39.54
CA LEU E 141 -9.63 9.08 40.38
C LEU E 141 -10.68 9.24 41.48
N GLU E 142 -11.97 9.14 41.14
CA GLU E 142 -13.05 9.21 42.13
C GLU E 142 -12.98 8.08 43.17
N GLN E 143 -13.17 6.85 42.72
CA GLN E 143 -13.16 5.68 43.58
C GLN E 143 -11.99 5.65 44.55
N ASN E 144 -10.78 5.69 44.00
CA ASN E 144 -9.57 5.65 44.83
C ASN E 144 -9.47 6.80 45.84
N THR E 145 -9.84 8.00 45.42
CA THR E 145 -9.81 9.14 46.34
C THR E 145 -10.90 9.07 47.40
N THR E 146 -12.14 8.83 46.97
CA THR E 146 -13.26 8.61 47.89
C THR E 146 -12.95 7.50 48.91
N PHE E 147 -12.49 6.34 48.43
CA PHE E 147 -12.20 5.25 49.34
C PHE E 147 -11.03 5.52 50.29
N LEU E 148 -10.00 6.23 49.81
CA LEU E 148 -8.87 6.54 50.68
C LEU E 148 -9.27 7.58 51.72
N GLY E 149 -10.25 8.42 51.37
CA GLY E 149 -10.81 9.35 52.32
C GLY E 149 -11.50 8.61 53.44
N LYS E 150 -12.27 7.59 53.07
CA LYS E 150 -12.98 6.75 54.04
C LYS E 150 -12.02 6.05 54.99
N VAL E 151 -10.89 5.59 54.43
CA VAL E 151 -9.87 4.89 55.20
C VAL E 151 -9.10 5.83 56.13
N LEU E 152 -8.74 7.01 55.61
CA LEU E 152 -7.93 7.96 56.36
C LEU E 152 -8.73 8.92 57.23
N GLY E 153 -10.04 8.71 57.31
CA GLY E 153 -10.91 9.62 58.05
C GLY E 153 -10.77 11.05 57.55
N ALA E 154 -10.88 11.21 56.22
CA ALA E 154 -10.73 12.51 55.57
C ALA E 154 -11.75 12.65 54.46
N GLU E 155 -12.98 12.26 54.76
CA GLU E 155 -14.05 12.20 53.76
C GLU E 155 -14.31 13.55 53.09
N ALA E 156 -14.47 14.59 53.90
CA ALA E 156 -14.82 15.91 53.40
C ALA E 156 -13.64 16.56 52.69
N GLU E 157 -12.44 16.16 53.09
CA GLU E 157 -11.21 16.69 52.50
C GLU E 157 -11.05 16.08 51.11
N ALA E 158 -11.61 14.89 50.93
CA ALA E 158 -11.58 14.20 49.66
C ALA E 158 -12.64 14.73 48.69
N GLU E 159 -13.84 14.97 49.21
CA GLU E 159 -14.92 15.57 48.44
C GLU E 159 -14.44 16.87 47.81
N SER E 160 -13.78 17.68 48.62
CA SER E 160 -13.24 18.99 48.24
C SER E 160 -12.09 18.87 47.23
N VAL E 161 -11.14 18.00 47.50
CA VAL E 161 -10.06 17.75 46.55
C VAL E 161 -10.60 17.23 45.20
N LEU E 162 -11.54 16.28 45.24
CA LEU E 162 -12.16 15.80 44.00
C LEU E 162 -12.84 16.92 43.21
N ALA E 163 -13.55 17.80 43.92
CA ALA E 163 -14.25 18.89 43.26
C ALA E 163 -13.29 19.84 42.54
N GLU E 164 -12.12 20.09 43.13
CA GLU E 164 -11.15 21.00 42.50
C GLU E 164 -10.56 20.37 41.25
N LEU E 165 -10.38 19.06 41.30
CA LEU E 165 -9.76 18.30 40.23
C LEU E 165 -10.65 18.21 38.99
N GLU E 166 -11.95 18.01 39.20
CA GLU E 166 -12.89 18.00 38.09
C GLU E 166 -12.97 19.37 37.46
N ALA E 167 -12.72 20.40 38.28
CA ALA E 167 -12.75 21.78 37.79
C ALA E 167 -11.51 22.06 36.93
N GLY E 168 -10.33 21.70 37.44
CA GLY E 168 -9.11 21.85 36.68
C GLY E 168 -9.11 21.02 35.40
N ILE E 169 -9.68 19.82 35.46
CA ILE E 169 -9.73 18.96 34.28
C ILE E 169 -10.65 19.57 33.22
N ALA E 170 -11.81 20.03 33.63
CA ALA E 170 -12.72 20.68 32.69
C ALA E 170 -12.06 21.92 32.05
N GLU E 171 -11.23 22.62 32.82
CA GLU E 171 -10.60 23.86 32.36
C GLU E 171 -9.59 23.59 31.24
N ALA E 172 -8.83 22.53 31.44
CA ALA E 172 -7.84 22.06 30.50
C ALA E 172 -8.54 21.49 29.27
N LYS E 173 -9.47 20.57 29.54
CA LYS E 173 -10.28 19.94 28.50
C LYS E 173 -10.89 20.99 27.57
N ALA E 174 -11.34 22.10 28.15
CA ALA E 174 -11.85 23.23 27.38
C ALA E 174 -10.74 23.87 26.55
N ALA E 175 -9.60 24.13 27.19
CA ALA E 175 -8.45 24.74 26.52
C ALA E 175 -8.05 23.97 25.27
N VAL E 176 -8.06 22.65 25.39
CA VAL E 176 -7.75 21.75 24.28
C VAL E 176 -8.78 21.89 23.15
N THR E 177 -10.05 21.96 23.53
CA THR E 177 -11.15 22.11 22.58
C THR E 177 -11.15 23.49 21.91
N GLU E 178 -10.85 24.51 22.69
CA GLU E 178 -10.77 25.88 22.17
C GLU E 178 -9.59 26.04 21.19
N ALA E 179 -8.41 25.53 21.57
CA ALA E 179 -7.25 25.52 20.67
C ALA E 179 -7.61 24.82 19.37
N SER E 180 -8.49 23.83 19.50
CA SER E 180 -8.98 23.02 18.39
C SER E 180 -7.88 22.33 17.61
N GLY E 181 -8.21 21.94 16.39
CA GLY E 181 -7.25 21.24 15.55
C GLY E 181 -7.15 19.77 15.91
N THR E 182 -6.28 19.08 15.19
CA THR E 182 -6.05 17.66 15.41
C THR E 182 -4.81 17.52 16.31
N GLY E 183 -4.57 16.32 16.84
CA GLY E 183 -3.44 16.12 17.73
C GLY E 183 -2.95 14.69 17.79
N LEU E 184 -1.67 14.52 18.10
CA LEU E 184 -1.09 13.20 18.23
C LEU E 184 -0.20 13.14 19.46
N GLY E 185 -0.37 12.09 20.25
CA GLY E 185 0.48 11.87 21.41
C GLY E 185 1.54 10.84 21.08
N ILE E 186 2.79 11.18 21.37
CA ILE E 186 3.89 10.26 21.14
C ILE E 186 4.74 10.10 22.39
N MSE E 187 5.42 8.97 22.45
CA MSE E 187 6.29 8.65 23.56
C MSE E 187 7.67 8.36 22.99
O MSE E 187 7.80 7.49 22.11
CB MSE E 187 5.73 7.44 24.30
CG MSE E 187 6.36 7.19 25.65
SE MSE E 187 5.20 6.11 26.74
CE MSE E 187 3.80 7.42 27.09
N VAL E 188 8.68 9.07 23.45
CA VAL E 188 10.04 8.91 22.95
C VAL E 188 10.88 7.97 23.82
N SER E 189 11.43 6.92 23.22
CA SER E 189 12.25 5.95 23.95
C SER E 189 13.53 5.60 23.20
N GLY E 190 14.62 6.29 23.57
CA GLY E 190 15.91 6.11 22.92
C GLY E 190 15.85 6.30 21.42
N GLY E 191 15.65 7.53 20.99
CA GLY E 191 15.55 7.83 19.57
C GLY E 191 14.34 7.26 18.85
N GLN E 192 13.53 6.46 19.54
CA GLN E 192 12.38 5.81 18.90
C GLN E 192 11.03 6.44 19.29
N LEU E 193 10.21 6.69 18.28
CA LEU E 193 8.88 7.26 18.50
C LEU E 193 7.83 6.18 18.44
N SER E 194 6.93 6.15 19.42
CA SER E 194 5.74 5.31 19.29
C SER E 194 4.49 6.14 19.54
N ALA E 195 3.39 5.75 18.91
CA ALA E 195 2.21 6.59 18.90
C ALA E 195 1.25 6.18 19.99
N LEU E 196 0.79 7.16 20.78
CA LEU E 196 -0.24 6.93 21.78
C LEU E 196 -1.59 6.87 21.08
N SER E 197 -2.41 5.90 21.46
CA SER E 197 -3.73 5.76 20.88
C SER E 197 -4.78 5.96 21.98
N PRO E 198 -5.93 6.56 21.63
CA PRO E 198 -7.06 6.60 22.56
C PRO E 198 -7.39 5.17 23.01
N ASN E 199 -7.69 4.99 24.29
CA ASN E 199 -8.05 3.68 24.82
C ASN E 199 -9.36 3.16 24.21
N THR E 200 -9.25 2.34 23.16
CA THR E 200 -10.42 1.71 22.57
C THR E 200 -10.85 0.55 23.45
N GLY E 201 -12.16 0.34 23.54
CA GLY E 201 -12.71 -0.57 24.52
C GLY E 201 -12.44 0.00 25.91
N ASN E 202 -12.22 -0.88 26.88
CA ASN E 202 -11.90 -0.45 28.24
C ASN E 202 -10.82 -1.32 28.86
N ASP E 203 -9.78 -1.61 28.08
CA ASP E 203 -8.68 -2.40 28.60
C ASP E 203 -7.66 -1.48 29.28
N PRO E 204 -7.42 -1.72 30.58
CA PRO E 204 -6.57 -0.85 31.42
C PRO E 204 -5.10 -0.84 30.96
N ARG E 205 -4.71 -1.86 30.20
CA ARG E 205 -3.38 -1.91 29.61
C ARG E 205 -3.05 -0.59 28.90
N GLY E 206 -3.98 -0.11 28.08
CA GLY E 206 -3.72 1.08 27.28
C GLY E 206 -4.50 2.31 27.69
N ALA E 207 -4.72 2.46 28.99
CA ALA E 207 -5.49 3.59 29.50
C ALA E 207 -4.59 4.79 29.74
N ARG E 208 -3.38 4.50 30.22
CA ARG E 208 -2.35 5.52 30.48
C ARG E 208 -1.94 6.22 29.20
N GLY E 209 -1.84 5.44 28.12
CA GLY E 209 -1.47 5.98 26.82
C GLY E 209 -2.48 6.96 26.28
N GLY E 210 -3.77 6.64 26.42
CA GLY E 210 -4.83 7.45 25.85
C GLY E 210 -5.34 8.61 26.69
N LEU E 211 -4.67 8.89 27.81
CA LEU E 211 -5.05 10.01 28.68
C LEU E 211 -5.24 11.33 27.94
N ILE E 212 -4.30 11.67 27.05
CA ILE E 212 -4.34 12.95 26.35
C ILE E 212 -5.62 13.05 25.51
N TYR E 213 -6.10 11.92 25.01
CA TYR E 213 -7.31 11.88 24.19
C TYR E 213 -8.55 11.63 25.05
N ASP E 214 -8.45 10.69 25.98
CA ASP E 214 -9.62 10.22 26.73
C ASP E 214 -10.08 11.21 27.83
N VAL E 215 -9.13 11.73 28.59
CA VAL E 215 -9.46 12.68 29.67
C VAL E 215 -9.54 14.14 29.18
N PHE E 216 -8.51 14.60 28.47
CA PHE E 216 -8.44 16.01 28.08
C PHE E 216 -9.01 16.32 26.70
N GLY E 217 -9.41 15.28 25.99
CA GLY E 217 -10.11 15.40 24.74
C GLY E 217 -9.38 16.06 23.58
N VAL E 218 -8.13 15.70 23.31
CA VAL E 218 -7.55 16.12 22.05
C VAL E 218 -8.07 15.15 21.00
N GLN E 219 -8.30 15.65 19.78
CA GLN E 219 -8.81 14.81 18.71
C GLN E 219 -7.70 14.09 17.96
N PRO E 220 -7.82 12.76 17.81
CA PRO E 220 -6.79 11.94 17.16
C PRO E 220 -6.64 12.25 15.68
N VAL E 221 -5.40 12.31 15.22
CA VAL E 221 -5.12 12.67 13.84
C VAL E 221 -5.57 11.54 12.91
N LEU E 222 -5.64 10.33 13.47
CA LEU E 222 -6.20 9.18 12.78
C LEU E 222 -7.32 8.59 13.61
N GLU E 223 -8.43 8.28 12.94
CA GLU E 223 -9.59 7.71 13.62
C GLU E 223 -9.23 6.38 14.28
N ASP E 224 -8.22 5.70 13.71
CA ASP E 224 -7.70 4.46 14.26
C ASP E 224 -6.17 4.46 14.21
N ILE E 225 -5.55 5.13 15.18
CA ILE E 225 -4.09 5.23 15.24
C ILE E 225 -3.45 3.87 15.56
N LYS E 226 -4.11 3.10 16.42
CA LYS E 226 -3.58 1.81 16.85
C LYS E 226 -3.37 0.86 15.66
N ALA E 227 -4.34 0.84 14.75
CA ALA E 227 -4.28 -0.07 13.61
C ALA E 227 -3.41 0.48 12.46
N ALA E 228 -3.16 1.78 12.48
CA ALA E 228 -2.36 2.42 11.43
C ALA E 228 -0.85 2.32 11.70
N THR E 229 -0.51 1.97 12.93
CA THR E 229 0.89 1.89 13.34
C THR E 229 1.30 0.43 13.52
N HIS E 230 0.31 -0.46 13.49
CA HIS E 230 0.50 -1.90 13.67
C HIS E 230 1.03 -2.26 15.05
N GLY E 231 0.82 -1.35 16.00
CA GLY E 231 1.19 -1.55 17.40
C GLY E 231 2.68 -1.46 17.66
N GLU E 232 3.38 -0.79 16.75
CA GLU E 232 4.84 -0.78 16.75
C GLU E 232 5.31 0.68 16.67
N PRO E 233 6.63 0.93 16.71
CA PRO E 233 7.01 2.33 16.60
C PRO E 233 6.58 2.95 15.28
N ILE E 234 6.49 4.27 15.26
CA ILE E 234 6.29 5.01 14.04
C ILE E 234 7.66 5.59 13.69
N SER E 235 7.79 6.09 12.46
CA SER E 235 8.99 6.80 12.03
C SER E 235 8.67 8.29 12.03
N PHE E 236 9.66 9.14 11.76
CA PHE E 236 9.38 10.57 11.67
C PHE E 236 8.58 10.86 10.40
N GLU E 237 8.74 10.00 9.40
CA GLU E 237 8.01 10.13 8.15
C GLU E 237 6.52 10.01 8.42
N PHE E 238 6.17 9.31 9.49
CA PHE E 238 4.78 9.16 9.92
C PHE E 238 4.22 10.48 10.44
N LEU E 239 5.03 11.21 11.21
CA LEU E 239 4.63 12.51 11.71
C LEU E 239 4.32 13.43 10.55
N LEU E 240 5.11 13.29 9.49
CA LEU E 240 5.03 14.18 8.34
C LEU E 240 3.82 13.87 7.46
N GLU E 241 3.45 12.59 7.39
CA GLU E 241 2.37 12.14 6.51
C GLU E 241 1.00 12.49 7.11
N HIS E 242 0.98 12.78 8.40
CA HIS E 242 -0.28 13.08 9.06
C HIS E 242 -0.33 14.49 9.66
N ASP E 243 0.82 15.17 9.68
CA ASP E 243 0.96 16.57 10.12
C ASP E 243 -0.05 16.99 11.15
N PRO E 244 0.06 16.48 12.37
CA PRO E 244 -0.93 16.88 13.36
C PRO E 244 -0.72 18.33 13.73
N GLN E 245 -1.82 19.01 14.01
CA GLN E 245 -1.80 20.42 14.36
C GLN E 245 -1.08 20.60 15.70
N TRP E 246 -1.15 19.57 16.54
CA TRP E 246 -0.58 19.56 17.91
C TRP E 246 0.19 18.27 18.19
N LEU E 247 1.41 18.39 18.71
CA LEU E 247 2.23 17.23 19.06
C LEU E 247 2.46 17.18 20.57
N TRP E 248 1.86 16.19 21.24
CA TRP E 248 2.04 16.00 22.68
C TRP E 248 3.05 14.89 22.94
N VAL E 249 4.12 15.20 23.66
CA VAL E 249 5.24 14.29 23.81
C VAL E 249 5.56 13.97 25.26
N VAL E 250 5.63 12.69 25.61
CA VAL E 250 6.20 12.30 26.90
C VAL E 250 7.54 11.61 26.69
N ASP E 251 8.56 12.08 27.39
CA ASP E 251 9.94 11.57 27.25
C ASP E 251 10.14 10.40 28.19
N ARG E 252 9.84 9.19 27.72
CA ARG E 252 9.84 7.99 28.56
C ARG E 252 11.22 7.66 29.15
N ASP E 253 12.27 7.95 28.39
CA ASP E 253 13.63 7.67 28.86
C ASP E 253 14.04 8.62 29.98
N ALA E 254 13.36 9.75 30.08
CA ALA E 254 13.63 10.71 31.15
C ALA E 254 13.08 10.17 32.46
N ALA E 255 11.92 9.54 32.38
CA ALA E 255 11.19 9.11 33.57
C ALA E 255 11.68 7.77 34.09
N THR E 256 12.23 6.94 33.21
CA THR E 256 12.71 5.63 33.60
C THR E 256 14.18 5.63 33.96
N GLY E 257 14.81 6.80 33.91
CA GLY E 257 16.24 6.91 34.20
C GLY E 257 17.11 6.09 33.28
N ALA E 258 16.72 6.00 32.02
CA ALA E 258 17.48 5.28 31.01
C ALA E 258 18.82 5.98 30.76
N GLU E 259 19.90 5.21 30.89
CA GLU E 259 21.26 5.73 30.73
C GLU E 259 21.55 6.07 29.29
N GLY E 260 22.32 7.15 29.09
CA GLY E 260 22.87 7.49 27.80
C GLY E 260 21.87 7.82 26.71
N ALA E 261 20.68 8.25 27.12
CA ALA E 261 19.67 8.66 26.17
C ALA E 261 19.74 10.17 25.95
N GLN E 262 19.30 10.61 24.77
CA GLN E 262 19.15 12.03 24.49
C GLN E 262 17.71 12.45 24.73
N ALA E 263 17.51 13.74 25.05
CA ALA E 263 16.17 14.22 25.42
C ALA E 263 15.22 14.16 24.24
N ALA E 264 13.93 13.97 24.52
CA ALA E 264 12.94 13.94 23.45
C ALA E 264 13.01 15.22 22.62
N LYS E 265 13.26 16.33 23.29
CA LYS E 265 13.47 17.63 22.63
C LYS E 265 14.49 17.53 21.48
N VAL E 266 15.67 17.00 21.75
CA VAL E 266 16.65 16.90 20.67
C VAL E 266 16.38 15.74 19.70
N VAL E 267 15.75 14.66 20.19
CA VAL E 267 15.43 13.55 19.29
C VAL E 267 14.48 14.00 18.17
N LEU E 268 13.59 14.94 18.51
CA LEU E 268 12.63 15.51 17.57
C LEU E 268 13.21 16.69 16.77
N ASP E 269 14.44 17.09 17.08
CA ASP E 269 15.10 18.10 16.28
C ASP E 269 15.76 17.45 15.06
N ASN E 270 14.96 17.16 14.03
CA ASN E 270 15.46 16.61 12.78
C ASN E 270 14.79 17.20 11.55
N GLU E 271 15.31 16.84 10.39
CA GLU E 271 14.88 17.48 9.15
C GLU E 271 13.46 17.10 8.76
N ILE E 272 13.01 15.93 9.19
CA ILE E 272 11.67 15.47 8.86
C ILE E 272 10.64 16.16 9.75
N VAL E 273 10.90 16.18 11.06
CA VAL E 273 9.99 16.77 12.04
C VAL E 273 9.91 18.29 11.96
N ASN E 274 11.01 18.93 11.57
CA ASN E 274 11.01 20.38 11.46
C ASN E 274 10.13 20.87 10.33
N ARG E 275 9.77 19.95 9.42
CA ARG E 275 8.89 20.24 8.28
C ARG E 275 7.42 19.99 8.59
N THR E 276 7.11 19.51 9.79
CA THR E 276 5.72 19.25 10.12
C THR E 276 5.00 20.52 10.55
N THR E 277 3.68 20.52 10.42
CA THR E 277 2.86 21.64 10.86
C THR E 277 3.09 21.91 12.34
N ALA E 278 3.11 20.84 13.12
CA ALA E 278 3.22 20.95 14.57
C ALA E 278 4.48 21.71 14.99
N ALA E 279 5.62 21.30 14.42
CA ALA E 279 6.90 21.96 14.69
C ALA E 279 6.93 23.38 14.14
N THR E 280 6.50 23.54 12.89
CA THR E 280 6.52 24.83 12.20
C THR E 280 5.77 25.90 12.99
N GLU E 281 4.69 25.50 13.65
CA GLU E 281 3.79 26.44 14.32
C GLU E 281 4.00 26.61 15.83
N ASP E 282 4.99 25.91 16.40
CA ASP E 282 5.28 25.93 17.84
C ASP E 282 4.21 25.19 18.67
N HIS E 283 3.60 24.18 18.04
CA HIS E 283 2.55 23.43 18.72
C HIS E 283 3.06 22.12 19.30
N VAL E 284 4.32 22.12 19.74
CA VAL E 284 4.86 20.90 20.35
C VAL E 284 4.90 20.99 21.87
N LEU E 285 4.13 20.12 22.52
CA LEU E 285 3.98 20.15 23.98
C LEU E 285 4.60 18.94 24.72
N TYR E 286 5.48 19.22 25.68
CA TYR E 286 6.06 18.17 26.50
C TYR E 286 5.33 18.00 27.83
N LEU E 287 4.96 16.76 28.12
CA LEU E 287 4.31 16.45 29.37
C LEU E 287 5.34 15.96 30.40
N ASN E 288 5.08 16.21 31.69
CA ASN E 288 5.94 15.75 32.78
C ASN E 288 6.02 14.24 32.75
N PRO E 289 7.19 13.70 32.36
CA PRO E 289 7.45 12.26 32.19
C PRO E 289 7.09 11.47 33.45
N THR E 290 7.67 11.85 34.60
CA THR E 290 7.37 11.18 35.86
C THR E 290 5.86 11.18 36.14
N ALA E 291 5.23 12.34 35.98
CA ALA E 291 3.80 12.42 36.23
C ALA E 291 3.01 11.53 35.26
N TRP E 292 3.26 11.71 33.96
CA TRP E 292 2.47 11.03 32.94
C TRP E 292 2.81 9.57 32.69
N TYR E 293 4.05 9.16 33.02
CA TYR E 293 4.47 7.78 32.75
C TYR E 293 4.66 6.91 33.98
N ILE E 294 5.29 7.43 35.03
CA ILE E 294 5.57 6.65 36.24
C ILE E 294 4.35 6.57 37.17
N VAL E 295 3.73 7.70 37.42
CA VAL E 295 2.66 7.77 38.40
C VAL E 295 1.23 7.58 37.83
N PHE E 296 0.90 8.33 36.79
CA PHE E 296 -0.44 8.34 36.16
C PHE E 296 -1.61 8.08 37.13
N GLY E 297 -1.91 9.08 37.96
CA GLY E 297 -2.95 8.94 38.95
C GLY E 297 -2.57 9.69 40.21
N GLY E 298 -3.53 9.91 41.10
CA GLY E 298 -3.24 10.63 42.33
C GLY E 298 -3.57 12.11 42.22
N VAL E 299 -3.74 12.75 43.37
CA VAL E 299 -4.21 14.13 43.45
C VAL E 299 -3.22 15.15 42.93
N GLU E 300 -2.03 15.21 43.53
CA GLU E 300 -1.00 16.15 43.10
C GLU E 300 -0.56 15.86 41.66
N THR E 301 -0.51 14.59 41.29
CA THR E 301 -0.13 14.24 39.91
C THR E 301 -1.15 14.79 38.90
N THR E 302 -2.44 14.60 39.17
CA THR E 302 -3.47 15.13 38.29
C THR E 302 -3.35 16.65 38.14
N ARG E 303 -3.00 17.32 39.22
CA ARG E 303 -2.70 18.75 39.18
C ARG E 303 -1.57 19.03 38.20
N ILE E 304 -0.49 18.25 38.26
CA ILE E 304 0.64 18.40 37.35
C ILE E 304 0.16 18.29 35.90
N MSE E 305 -0.66 17.27 35.65
CA MSE E 305 -1.17 16.95 34.30
C MSE E 305 -2.01 18.09 33.73
O MSE E 305 -1.86 18.45 32.57
CB MSE E 305 -2.01 15.68 34.33
CG MSE E 305 -1.23 14.38 34.45
SE MSE E 305 -2.45 12.89 34.65
CE MSE E 305 -1.23 11.44 34.21
N ILE E 306 -2.89 18.62 34.58
CA ILE E 306 -3.73 19.75 34.22
C ILE E 306 -2.89 20.92 33.73
N ASP E 307 -1.92 21.37 34.52
CA ASP E 307 -1.02 22.46 34.12
C ASP E 307 -0.28 22.16 32.82
N ASP E 308 0.17 20.93 32.67
CA ASP E 308 0.82 20.51 31.44
C ASP E 308 -0.14 20.71 30.25
N VAL E 309 -1.38 20.29 30.42
CA VAL E 309 -2.36 20.41 29.35
C VAL E 309 -2.71 21.88 29.06
N LEU E 310 -2.85 22.70 30.10
CA LEU E 310 -3.14 24.14 29.96
C LEU E 310 -2.07 24.92 29.16
N GLN E 311 -0.94 24.26 28.89
CA GLN E 311 0.09 24.87 28.04
C GLN E 311 -0.44 25.28 26.64
N VAL E 312 -1.44 24.57 26.09
CA VAL E 312 -1.98 24.96 24.78
C VAL E 312 -2.50 26.37 24.80
N ALA E 313 -3.13 26.75 25.92
CA ALA E 313 -3.75 28.07 26.02
C ALA E 313 -2.77 29.19 25.69
N ALA E 314 -1.49 28.97 26.00
CA ALA E 314 -0.45 29.97 25.78
C ALA E 314 0.21 29.84 24.41
N ARG E 315 -0.48 29.20 23.47
CA ARG E 315 0.12 28.87 22.18
C ARG E 315 -0.68 29.41 21.00
N ALA F 15 4.03 -48.49 43.29
CA ALA F 15 4.05 -48.38 41.83
C ALA F 15 4.32 -46.95 41.39
N THR F 16 5.28 -46.78 40.49
CA THR F 16 5.65 -45.44 40.03
C THR F 16 5.83 -45.35 38.51
N ALA F 17 5.10 -44.43 37.89
CA ALA F 17 5.25 -44.18 36.45
C ALA F 17 6.10 -42.94 36.16
N SER F 18 6.96 -43.04 35.16
CA SER F 18 7.91 -41.99 34.83
C SER F 18 7.41 -41.06 33.73
N TYR F 19 7.26 -39.78 34.04
CA TYR F 19 6.89 -38.79 33.02
C TYR F 19 8.06 -37.89 32.67
N THR F 20 8.43 -37.90 31.40
CA THR F 20 9.53 -37.05 30.93
C THR F 20 9.12 -36.15 29.75
N TRP F 21 9.53 -34.88 29.80
CA TRP F 21 9.18 -33.89 28.77
C TRP F 21 10.22 -32.78 28.62
N ASP F 22 10.17 -32.08 27.47
CA ASP F 22 11.03 -30.90 27.27
C ASP F 22 10.34 -29.71 27.91
N ARG F 23 10.77 -29.37 29.12
CA ARG F 23 10.12 -28.35 29.94
C ARG F 23 10.50 -26.95 29.49
N ASN F 24 9.51 -26.07 29.33
CA ASN F 24 9.80 -24.68 29.09
C ASN F 24 10.34 -24.11 30.39
N THR F 25 11.60 -23.70 30.36
CA THR F 25 12.28 -23.27 31.55
C THR F 25 12.06 -21.75 31.83
N ALA F 26 11.51 -21.04 30.85
CA ALA F 26 11.15 -19.63 31.07
C ALA F 26 9.98 -19.56 32.03
N THR F 27 9.99 -18.59 32.91
CA THR F 27 9.03 -18.56 34.01
C THR F 27 7.86 -17.60 33.74
N GLU F 28 8.04 -16.75 32.73
CA GLU F 28 7.03 -15.79 32.29
C GLU F 28 6.30 -16.30 31.05
N GLU F 29 5.04 -15.92 30.92
CA GLU F 29 4.20 -16.34 29.80
C GLU F 29 4.74 -15.84 28.47
N GLY F 30 5.04 -14.55 28.41
CA GLY F 30 5.57 -13.97 27.21
C GLY F 30 6.92 -14.52 26.77
N ALA F 31 7.88 -14.52 27.71
CA ALA F 31 9.31 -14.73 27.41
C ALA F 31 9.65 -15.85 26.42
N ASP F 32 10.68 -15.62 25.61
CA ASP F 32 11.15 -16.63 24.68
C ASP F 32 11.55 -17.91 25.42
N PRO F 33 10.89 -19.03 25.07
CA PRO F 33 11.08 -20.31 25.77
C PRO F 33 12.40 -20.99 25.46
N VAL F 34 13.11 -21.46 26.49
CA VAL F 34 14.23 -22.38 26.28
C VAL F 34 13.94 -23.73 26.96
N TYR F 35 14.09 -24.81 26.19
CA TYR F 35 13.59 -26.10 26.62
C TYR F 35 14.70 -26.99 27.18
N GLU F 36 14.43 -27.57 28.34
CA GLU F 36 15.35 -28.50 28.97
C GLU F 36 14.59 -29.73 29.44
N GLU F 37 15.06 -30.89 29.02
CA GLU F 37 14.37 -32.15 29.29
C GLU F 37 14.32 -32.43 30.79
N THR F 38 13.16 -32.85 31.27
CA THR F 38 12.98 -33.12 32.70
C THR F 38 12.22 -34.43 32.91
N THR F 39 12.60 -35.19 33.92
CA THR F 39 11.84 -36.40 34.24
C THR F 39 11.34 -36.35 35.67
N VAL F 40 10.08 -36.72 35.87
CA VAL F 40 9.51 -36.77 37.20
C VAL F 40 8.89 -38.15 37.43
N GLU F 41 9.06 -38.69 38.64
CA GLU F 41 8.47 -39.97 38.98
C GLU F 41 7.11 -39.76 39.64
N VAL F 42 6.05 -40.16 38.94
CA VAL F 42 4.69 -39.94 39.39
C VAL F 42 4.16 -41.19 40.08
N PRO F 43 3.50 -41.02 41.23
CA PRO F 43 2.92 -42.18 41.92
C PRO F 43 1.69 -42.70 41.17
N VAL F 44 1.67 -44.00 40.86
CA VAL F 44 0.48 -44.59 40.26
C VAL F 44 -0.61 -44.68 41.33
N ASP F 45 -1.83 -44.30 40.94
CA ASP F 45 -2.98 -44.21 41.84
C ASP F 45 -2.79 -43.21 42.98
N PRO F 46 -2.56 -41.92 42.65
CA PRO F 46 -2.36 -40.93 43.70
C PRO F 46 -3.67 -40.61 44.44
N GLN F 47 -3.56 -40.34 45.74
CA GLN F 47 -4.74 -40.14 46.59
C GLN F 47 -5.12 -38.69 46.89
N ARG F 48 -4.18 -37.76 46.71
CA ARG F 48 -4.47 -36.35 46.96
C ARG F 48 -3.87 -35.47 45.86
N ILE F 49 -4.63 -35.26 44.80
CA ILE F 49 -4.14 -34.53 43.63
C ILE F 49 -4.48 -33.04 43.65
N VAL F 50 -3.46 -32.22 43.42
CA VAL F 50 -3.64 -30.78 43.29
C VAL F 50 -3.42 -30.41 41.82
N VAL F 51 -4.36 -29.66 41.24
CA VAL F 51 -4.31 -29.35 39.80
C VAL F 51 -4.52 -27.87 39.52
N PHE F 52 -3.53 -27.26 38.86
CA PHE F 52 -3.62 -25.86 38.44
C PHE F 52 -4.04 -25.69 36.97
N ASP F 53 -3.93 -26.73 36.15
CA ASP F 53 -4.30 -26.67 34.73
C ASP F 53 -5.68 -27.26 34.48
N MSE F 54 -6.63 -26.40 34.13
CA MSE F 54 -8.00 -26.82 34.00
C MSE F 54 -8.20 -27.99 33.03
O MSE F 54 -9.07 -28.86 33.26
CB MSE F 54 -8.85 -25.59 33.66
CG MSE F 54 -8.79 -24.52 34.76
SE MSE F 54 -9.41 -25.16 36.51
CE MSE F 54 -7.71 -25.66 37.33
N ALA F 55 -7.38 -28.05 32.00
CA ALA F 55 -7.39 -29.18 31.06
C ALA F 55 -7.08 -30.53 31.72
N ALA F 56 -6.21 -30.51 32.72
CA ALA F 56 -5.86 -31.73 33.40
C ALA F 56 -6.96 -32.09 34.40
N LEU F 57 -7.55 -31.07 35.02
CA LEU F 57 -8.61 -31.26 35.98
C LEU F 57 -9.75 -31.98 35.29
N ASP F 58 -10.02 -31.52 34.07
CA ASP F 58 -10.99 -32.12 33.15
C ASP F 58 -10.69 -33.61 32.92
N THR F 59 -9.55 -33.92 32.29
CA THR F 59 -9.25 -35.29 31.91
C THR F 59 -9.20 -36.21 33.13
N ILE F 60 -8.58 -35.77 34.22
CA ILE F 60 -8.58 -36.57 35.44
C ILE F 60 -10.02 -36.90 35.87
N GLY F 61 -10.87 -35.89 35.95
CA GLY F 61 -12.26 -36.10 36.34
C GLY F 61 -12.99 -37.09 35.43
N ALA F 62 -12.85 -36.88 34.12
CA ALA F 62 -13.50 -37.73 33.13
C ALA F 62 -12.99 -39.16 33.16
N LEU F 63 -11.76 -39.34 33.64
CA LEU F 63 -11.18 -40.66 33.76
C LEU F 63 -11.49 -41.25 35.14
N GLY F 64 -12.41 -40.60 35.86
CA GLY F 64 -12.87 -41.10 37.15
C GLY F 64 -12.12 -40.59 38.37
N GLY F 65 -11.20 -39.67 38.15
CA GLY F 65 -10.37 -39.15 39.23
C GLY F 65 -11.07 -38.11 40.10
N GLU F 66 -10.36 -37.66 41.13
CA GLU F 66 -10.89 -36.66 42.04
C GLU F 66 -9.80 -35.64 42.39
N ILE F 67 -10.11 -34.35 42.25
CA ILE F 67 -9.12 -33.31 42.51
C ILE F 67 -9.23 -32.83 43.96
N ALA F 68 -8.10 -32.62 44.60
CA ALA F 68 -8.10 -32.32 46.03
C ALA F 68 -7.84 -30.84 46.28
N GLY F 69 -7.00 -30.24 45.45
CA GLY F 69 -6.73 -28.82 45.53
C GLY F 69 -6.75 -28.23 44.13
N ALA F 70 -7.18 -26.97 44.02
CA ALA F 70 -7.30 -26.31 42.74
C ALA F 70 -7.43 -24.83 42.97
N PRO F 71 -7.22 -24.02 41.91
CA PRO F 71 -7.66 -22.62 41.90
C PRO F 71 -9.18 -22.58 41.91
N LEU F 72 -9.79 -22.61 43.09
CA LEU F 72 -11.24 -22.81 43.20
C LEU F 72 -12.05 -21.74 42.51
N ASP F 73 -11.55 -20.51 42.52
CA ASP F 73 -12.26 -19.37 41.96
C ASP F 73 -12.25 -19.41 40.44
N SER F 74 -11.36 -20.23 39.88
CA SER F 74 -11.12 -20.29 38.44
C SER F 74 -11.62 -21.58 37.79
N VAL F 75 -12.29 -22.43 38.56
CA VAL F 75 -12.75 -23.70 38.01
C VAL F 75 -14.05 -23.48 37.27
N PRO F 76 -14.07 -23.85 35.99
CA PRO F 76 -15.27 -23.81 35.14
C PRO F 76 -16.40 -24.60 35.77
N ASP F 77 -17.63 -24.10 35.64
CA ASP F 77 -18.79 -24.74 36.24
C ASP F 77 -18.93 -26.21 35.85
N TYR F 78 -18.59 -26.51 34.60
CA TYR F 78 -18.74 -27.86 34.10
C TYR F 78 -17.69 -28.85 34.60
N LEU F 79 -16.82 -28.36 35.49
CA LEU F 79 -15.74 -29.17 36.03
C LEU F 79 -15.83 -29.32 37.55
N GLU F 80 -16.58 -28.42 38.20
CA GLU F 80 -16.67 -28.39 39.66
C GLU F 80 -17.02 -29.73 40.31
N GLU F 81 -17.74 -30.58 39.57
CA GLU F 81 -18.14 -31.89 40.07
C GLU F 81 -16.96 -32.84 40.27
N TYR F 82 -15.81 -32.51 39.69
CA TYR F 82 -14.61 -33.34 39.82
C TYR F 82 -13.75 -32.92 41.02
N LEU F 83 -14.14 -31.85 41.69
CA LEU F 83 -13.50 -31.46 42.94
C LEU F 83 -13.94 -32.40 44.08
N ALA F 84 -13.12 -32.48 45.13
CA ALA F 84 -13.52 -33.22 46.33
C ALA F 84 -14.43 -32.33 47.14
N ASP F 85 -15.23 -32.93 48.02
CA ASP F 85 -16.17 -32.16 48.82
C ASP F 85 -15.47 -31.17 49.75
N ASP F 86 -14.24 -31.52 50.14
CA ASP F 86 -13.44 -30.68 51.03
C ASP F 86 -12.24 -30.05 50.31
N ALA F 87 -12.34 -29.91 48.98
CA ALA F 87 -11.24 -29.37 48.19
C ALA F 87 -10.80 -27.99 48.66
N PHE F 88 -9.48 -27.78 48.70
CA PHE F 88 -8.92 -26.52 49.19
C PHE F 88 -8.42 -25.62 48.06
N ASN F 89 -8.15 -24.35 48.40
CA ASN F 89 -7.69 -23.39 47.41
C ASN F 89 -6.17 -23.44 47.28
N ALA F 90 -5.68 -23.77 46.08
CA ALA F 90 -4.25 -23.89 45.86
C ALA F 90 -3.64 -22.56 45.43
N GLY F 91 -4.49 -21.66 44.95
CA GLY F 91 -4.03 -20.36 44.46
C GLY F 91 -4.87 -19.90 43.29
N THR F 92 -4.27 -19.16 42.37
CA THR F 92 -4.95 -18.77 41.13
C THR F 92 -4.39 -19.59 39.96
N LEU F 93 -4.84 -19.27 38.75
CA LEU F 93 -4.33 -19.95 37.57
C LEU F 93 -2.85 -19.69 37.39
N PHE F 94 -2.38 -18.58 37.94
CA PHE F 94 -1.01 -18.10 37.73
C PHE F 94 -0.07 -18.26 38.92
N GLU F 95 -0.64 -18.45 40.10
CA GLU F 95 0.13 -18.30 41.33
C GLU F 95 -0.25 -19.38 42.33
N ALA F 96 0.72 -19.83 43.13
CA ALA F 96 0.47 -20.92 44.07
C ALA F 96 0.42 -20.41 45.51
N ASP F 97 -0.42 -21.05 46.34
CA ASP F 97 -0.37 -20.83 47.78
C ASP F 97 0.46 -21.96 48.35
N LEU F 98 1.76 -21.72 48.46
CA LEU F 98 2.68 -22.79 48.79
C LEU F 98 2.56 -23.22 50.26
N ILE F 99 2.17 -22.29 51.12
CA ILE F 99 1.96 -22.64 52.52
C ILE F 99 0.73 -23.54 52.64
N ALA F 100 -0.30 -23.24 51.86
CA ALA F 100 -1.52 -24.06 51.88
C ALA F 100 -1.29 -25.43 51.27
N ILE F 101 -0.54 -25.46 50.16
CA ILE F 101 -0.25 -26.71 49.46
C ILE F 101 0.65 -27.63 50.28
N GLU F 102 1.67 -27.06 50.92
CA GLU F 102 2.58 -27.85 51.74
C GLU F 102 1.86 -28.52 52.90
N ALA F 103 0.94 -27.79 53.51
CA ALA F 103 0.15 -28.29 54.64
C ALA F 103 -0.76 -29.46 54.29
N GLN F 104 -1.25 -29.50 53.06
CA GLN F 104 -2.13 -30.57 52.61
C GLN F 104 -1.36 -31.80 52.17
N GLN F 105 -0.02 -31.65 52.09
CA GLN F 105 0.89 -32.71 51.63
C GLN F 105 0.30 -33.61 50.55
N PRO F 106 0.10 -33.07 49.33
CA PRO F 106 -0.46 -33.89 48.25
C PRO F 106 0.60 -34.87 47.79
N ASP F 107 0.24 -35.74 46.84
CA ASP F 107 1.19 -36.73 46.33
C ASP F 107 1.38 -36.57 44.83
N LEU F 108 0.59 -35.69 44.22
CA LEU F 108 0.76 -35.36 42.80
C LEU F 108 0.24 -33.96 42.54
N ILE F 109 1.02 -33.17 41.80
CA ILE F 109 0.62 -31.81 41.44
C ILE F 109 0.68 -31.69 39.93
N VAL F 110 -0.41 -31.26 39.32
CA VAL F 110 -0.38 -31.02 37.88
C VAL F 110 -0.37 -29.54 37.58
N VAL F 111 0.54 -29.15 36.70
CA VAL F 111 0.70 -27.76 36.33
C VAL F 111 0.61 -27.63 34.81
N GLY F 112 0.07 -26.52 34.34
CA GLY F 112 -0.26 -26.38 32.93
C GLY F 112 0.14 -25.04 32.38
N GLY F 113 -0.50 -24.59 31.31
CA GLY F 113 -0.10 -23.41 30.58
C GLY F 113 0.35 -22.20 31.39
N ARG F 114 -0.61 -21.55 32.06
CA ARG F 114 -0.32 -20.33 32.81
C ARG F 114 0.42 -20.62 34.10
N SER F 115 0.32 -21.86 34.57
CA SER F 115 0.96 -22.27 35.81
C SER F 115 2.29 -23.01 35.58
N SER F 116 2.73 -23.02 34.34
CA SER F 116 3.91 -23.74 33.88
C SER F 116 5.18 -23.32 34.64
N GLY F 117 5.31 -22.03 34.90
CA GLY F 117 6.43 -21.50 35.65
C GLY F 117 6.46 -21.87 37.12
N LEU F 118 5.36 -22.42 37.64
CA LEU F 118 5.30 -22.76 39.07
C LEU F 118 5.97 -24.11 39.34
N TRP F 119 6.48 -24.75 38.30
CA TRP F 119 6.92 -26.12 38.44
C TRP F 119 8.03 -26.31 39.46
N ALA F 120 9.07 -25.49 39.38
CA ALA F 120 10.22 -25.65 40.26
C ALA F 120 9.83 -25.52 41.74
N ASP F 121 8.94 -24.59 42.05
CA ASP F 121 8.50 -24.34 43.43
C ASP F 121 7.59 -25.46 43.93
N LEU F 122 6.65 -25.86 43.09
CA LEU F 122 5.78 -26.99 43.40
C LEU F 122 6.49 -28.35 43.47
N ASN F 123 7.60 -28.52 42.76
CA ASN F 123 8.29 -29.82 42.80
C ASN F 123 8.93 -30.08 44.16
N GLU F 124 9.28 -29.00 44.83
CA GLU F 124 9.87 -29.07 46.15
C GLU F 124 8.89 -29.64 47.18
N ILE F 125 7.59 -29.57 46.87
CA ILE F 125 6.55 -30.02 47.79
C ILE F 125 6.10 -31.45 47.51
N ALA F 126 5.87 -31.76 46.25
CA ALA F 126 5.45 -33.09 45.84
C ALA F 126 5.77 -33.26 44.36
N PRO F 127 5.83 -34.51 43.88
CA PRO F 127 6.16 -34.68 42.46
C PRO F 127 5.14 -33.96 41.59
N THR F 128 5.61 -33.05 40.77
CA THR F 128 4.70 -32.28 39.93
C THR F 128 5.05 -32.37 38.45
N ILE F 129 4.03 -32.51 37.61
CA ILE F 129 4.25 -32.56 36.18
C ILE F 129 3.65 -31.36 35.45
N ASP F 130 4.12 -31.15 34.22
CA ASP F 130 3.69 -30.07 33.36
C ASP F 130 2.99 -30.65 32.12
N LEU F 131 1.67 -30.58 32.09
CA LEU F 131 0.94 -31.14 30.95
C LEU F 131 0.45 -30.07 29.96
N SER F 132 1.26 -29.03 29.73
CA SER F 132 0.81 -27.94 28.86
C SER F 132 0.88 -28.30 27.38
N LEU F 133 0.11 -27.59 26.57
CA LEU F 133 0.01 -27.85 25.13
C LEU F 133 1.38 -27.87 24.46
N ARG F 134 1.66 -28.98 23.79
CA ARG F 134 2.97 -29.27 23.26
C ARG F 134 2.82 -29.91 21.88
N GLY F 135 3.11 -29.15 20.83
CA GLY F 135 3.01 -29.68 19.48
C GLY F 135 1.59 -29.56 18.96
N SER F 136 1.03 -30.68 18.46
CA SER F 136 -0.36 -30.69 18.04
C SER F 136 -1.32 -30.65 19.21
N TYR F 137 -2.55 -30.18 18.97
CA TYR F 137 -3.59 -30.29 19.99
C TYR F 137 -3.90 -31.77 20.24
N LEU F 138 -4.04 -32.52 19.14
CA LEU F 138 -4.34 -33.94 19.20
C LEU F 138 -3.21 -34.76 19.80
N ASP F 139 -1.97 -34.39 19.52
CA ASP F 139 -0.82 -35.06 20.13
C ASP F 139 -0.88 -34.87 21.63
N THR F 140 -1.13 -33.63 22.04
CA THR F 140 -1.34 -33.31 23.44
C THR F 140 -2.52 -34.06 24.01
N LEU F 141 -3.65 -34.05 23.31
CA LEU F 141 -4.82 -34.75 23.80
C LEU F 141 -4.55 -36.23 24.03
N GLU F 142 -4.00 -36.91 23.03
CA GLU F 142 -3.73 -38.35 23.11
C GLU F 142 -2.69 -38.68 24.19
N GLN F 143 -1.58 -37.97 24.18
CA GLN F 143 -0.53 -38.25 25.16
C GLN F 143 -0.96 -37.99 26.60
N ASN F 144 -1.49 -36.81 26.86
CA ASN F 144 -1.94 -36.48 28.21
C ASN F 144 -3.03 -37.42 28.73
N THR F 145 -4.00 -37.73 27.87
CA THR F 145 -5.08 -38.62 28.28
C THR F 145 -4.59 -40.04 28.52
N THR F 146 -3.71 -40.54 27.65
CA THR F 146 -3.10 -41.85 27.85
C THR F 146 -2.28 -41.90 29.14
N PHE F 147 -1.47 -40.87 29.39
CA PHE F 147 -0.63 -40.89 30.57
C PHE F 147 -1.41 -40.77 31.88
N LEU F 148 -2.49 -39.99 31.88
CA LEU F 148 -3.29 -39.83 33.10
C LEU F 148 -4.04 -41.13 33.36
N GLY F 149 -4.50 -41.76 32.28
CA GLY F 149 -5.06 -43.10 32.36
C GLY F 149 -4.10 -44.01 33.11
N LYS F 150 -2.83 -43.97 32.74
CA LYS F 150 -1.81 -44.80 33.39
C LYS F 150 -1.60 -44.46 34.87
N VAL F 151 -1.53 -43.16 35.16
CA VAL F 151 -1.39 -42.68 36.53
C VAL F 151 -2.61 -43.07 37.37
N LEU F 152 -3.80 -42.92 36.80
CA LEU F 152 -5.03 -43.17 37.55
C LEU F 152 -5.43 -44.64 37.52
N GLY F 153 -4.69 -45.46 36.79
CA GLY F 153 -5.09 -46.84 36.58
C GLY F 153 -6.44 -46.93 35.90
N ALA F 154 -6.62 -46.14 34.85
CA ALA F 154 -7.86 -46.09 34.11
C ALA F 154 -7.57 -46.20 32.63
N GLU F 155 -6.51 -46.96 32.31
CA GLU F 155 -6.02 -47.09 30.93
C GLU F 155 -7.13 -47.47 29.98
N ALA F 156 -8.02 -48.33 30.46
CA ALA F 156 -9.20 -48.78 29.74
C ALA F 156 -10.06 -47.61 29.27
N GLU F 157 -10.38 -46.72 30.21
CA GLU F 157 -11.28 -45.60 29.93
C GLU F 157 -10.61 -44.55 29.06
N ALA F 158 -9.29 -44.49 29.15
CA ALA F 158 -8.52 -43.57 28.32
C ALA F 158 -8.68 -43.96 26.85
N GLU F 159 -8.52 -45.24 26.55
CA GLU F 159 -8.73 -45.76 25.19
C GLU F 159 -10.14 -45.42 24.70
N SER F 160 -11.12 -45.59 25.59
CA SER F 160 -12.53 -45.36 25.29
C SER F 160 -12.86 -43.90 24.98
N VAL F 161 -12.41 -42.96 25.81
CA VAL F 161 -12.68 -41.54 25.56
C VAL F 161 -11.91 -40.99 24.37
N LEU F 162 -10.68 -41.46 24.18
CA LEU F 162 -9.89 -41.04 23.02
C LEU F 162 -10.57 -41.48 21.72
N ALA F 163 -11.01 -42.73 21.68
CA ALA F 163 -11.76 -43.24 20.53
C ALA F 163 -12.99 -42.36 20.23
N GLU F 164 -13.73 -41.99 21.28
CA GLU F 164 -14.93 -41.17 21.14
C GLU F 164 -14.53 -39.82 20.56
N LEU F 165 -13.60 -39.16 21.25
CA LEU F 165 -13.12 -37.84 20.86
C LEU F 165 -12.58 -37.82 19.42
N GLU F 166 -11.85 -38.85 19.04
CA GLU F 166 -11.32 -38.90 17.69
C GLU F 166 -12.48 -38.93 16.69
N ALA F 167 -13.55 -39.63 17.06
CA ALA F 167 -14.73 -39.75 16.21
C ALA F 167 -15.49 -38.44 16.11
N GLY F 168 -15.70 -37.79 17.26
CA GLY F 168 -16.37 -36.50 17.29
C GLY F 168 -15.59 -35.43 16.53
N ILE F 169 -14.28 -35.46 16.66
CA ILE F 169 -13.44 -34.51 15.94
C ILE F 169 -13.55 -34.70 14.42
N ALA F 170 -13.44 -35.94 13.96
CA ALA F 170 -13.62 -36.20 12.54
C ALA F 170 -15.01 -35.74 12.04
N GLU F 171 -16.03 -35.93 12.87
CA GLU F 171 -17.40 -35.56 12.50
C GLU F 171 -17.54 -34.06 12.32
N ALA F 172 -16.92 -33.31 13.24
CA ALA F 172 -16.91 -31.86 13.18
C ALA F 172 -16.10 -31.40 11.97
N LYS F 173 -14.89 -31.94 11.87
CA LYS F 173 -13.97 -31.62 10.78
C LYS F 173 -14.64 -31.81 9.42
N ALA F 174 -15.44 -32.87 9.30
CA ALA F 174 -16.23 -33.14 8.10
C ALA F 174 -17.25 -32.03 7.86
N ALA F 175 -18.01 -31.68 8.89
CA ALA F 175 -19.05 -30.66 8.81
C ALA F 175 -18.49 -29.35 8.29
N VAL F 176 -17.34 -28.94 8.85
CA VAL F 176 -16.59 -27.78 8.39
C VAL F 176 -16.22 -27.88 6.90
N THR F 177 -15.69 -29.04 6.50
CA THR F 177 -15.31 -29.31 5.11
C THR F 177 -16.52 -29.40 4.19
N GLU F 178 -17.59 -30.00 4.68
CA GLU F 178 -18.84 -30.08 3.91
C GLU F 178 -19.51 -28.70 3.76
N ALA F 179 -19.46 -27.88 4.81
CA ALA F 179 -19.96 -26.50 4.71
C ALA F 179 -19.11 -25.68 3.74
N SER F 180 -17.88 -26.15 3.53
CA SER F 180 -16.85 -25.48 2.74
C SER F 180 -16.76 -23.97 2.93
N GLY F 181 -16.33 -23.30 1.87
CA GLY F 181 -16.13 -21.87 1.93
C GLY F 181 -14.88 -21.53 2.71
N THR F 182 -14.57 -20.25 2.75
CA THR F 182 -13.41 -19.76 3.46
C THR F 182 -13.85 -19.36 4.87
N GLY F 183 -12.92 -19.33 5.82
CA GLY F 183 -13.29 -18.95 7.18
C GLY F 183 -12.29 -18.09 7.91
N LEU F 184 -12.77 -17.33 8.90
CA LEU F 184 -11.90 -16.54 9.76
C LEU F 184 -12.33 -16.64 11.22
N GLY F 185 -11.36 -16.84 12.11
CA GLY F 185 -11.60 -16.85 13.54
C GLY F 185 -11.06 -15.58 14.18
N ILE F 186 -11.83 -15.00 15.09
CA ILE F 186 -11.42 -13.77 15.78
C ILE F 186 -11.68 -13.83 17.26
N MSE F 187 -10.94 -13.04 18.03
CA MSE F 187 -11.17 -12.89 19.47
C MSE F 187 -11.61 -11.49 19.77
O MSE F 187 -10.89 -10.53 19.50
CB MSE F 187 -9.90 -13.18 20.25
CG MSE F 187 -9.36 -14.56 20.07
SE MSE F 187 -8.34 -15.10 21.62
CE MSE F 187 -9.77 -14.91 22.86
N VAL F 188 -12.81 -11.35 20.35
CA VAL F 188 -13.27 -10.04 20.76
C VAL F 188 -12.73 -9.71 22.15
N SER F 189 -12.10 -8.54 22.29
CA SER F 189 -11.53 -8.13 23.57
C SER F 189 -11.82 -6.66 23.88
N GLY F 190 -12.91 -6.42 24.60
CA GLY F 190 -13.31 -5.08 24.97
C GLY F 190 -14.14 -4.49 23.85
N GLY F 191 -13.45 -3.94 22.85
CA GLY F 191 -14.09 -3.48 21.64
C GLY F 191 -13.24 -3.82 20.44
N GLN F 192 -12.17 -4.58 20.69
CA GLN F 192 -11.18 -4.89 19.65
C GLN F 192 -11.41 -6.27 19.02
N LEU F 193 -10.81 -6.47 17.86
CA LEU F 193 -10.89 -7.75 17.17
C LEU F 193 -9.48 -8.21 16.90
N SER F 194 -9.14 -9.42 17.30
CA SER F 194 -7.83 -9.97 16.96
C SER F 194 -8.03 -11.10 15.97
N ALA F 195 -7.13 -11.21 14.99
CA ALA F 195 -7.31 -12.26 14.01
C ALA F 195 -6.61 -13.54 14.43
N LEU F 196 -7.37 -14.62 14.58
CA LEU F 196 -6.77 -15.92 14.88
C LEU F 196 -6.05 -16.46 13.64
N SER F 197 -4.82 -16.90 13.82
CA SER F 197 -4.04 -17.45 12.73
C SER F 197 -3.85 -18.96 12.94
N PRO F 198 -3.82 -19.73 11.85
CA PRO F 198 -3.39 -21.12 12.01
C PRO F 198 -1.95 -21.15 12.52
N ASN F 199 -1.63 -22.10 13.38
CA ASN F 199 -0.28 -22.18 13.93
C ASN F 199 0.75 -22.61 12.90
N THR F 200 1.58 -21.68 12.46
CA THR F 200 2.72 -21.99 11.60
C THR F 200 3.87 -22.52 12.46
N GLY F 201 4.50 -23.59 11.99
CA GLY F 201 5.48 -24.30 12.79
C GLY F 201 4.76 -25.02 13.90
N ASN F 202 5.49 -25.33 14.97
CA ASN F 202 4.89 -26.02 16.09
C ASN F 202 4.98 -25.21 17.37
N ASP F 203 5.11 -23.90 17.25
CA ASP F 203 5.30 -23.04 18.41
C ASP F 203 4.03 -23.02 19.27
N PRO F 204 4.16 -23.41 20.55
CA PRO F 204 3.04 -23.62 21.49
C PRO F 204 2.26 -22.34 21.83
N ARG F 205 2.90 -21.19 21.66
CA ARG F 205 2.24 -19.91 21.92
C ARG F 205 0.93 -19.77 21.12
N GLY F 206 0.97 -20.12 19.83
CA GLY F 206 -0.17 -19.91 18.97
C GLY F 206 -0.95 -21.16 18.62
N ALA F 207 -0.86 -22.17 19.48
CA ALA F 207 -1.55 -23.43 19.24
C ALA F 207 -3.02 -23.24 19.49
N ARG F 208 -3.31 -22.52 20.59
CA ARG F 208 -4.69 -22.28 21.01
C ARG F 208 -5.43 -21.44 19.99
N GLY F 209 -4.71 -20.50 19.37
CA GLY F 209 -5.30 -19.64 18.35
C GLY F 209 -5.82 -20.42 17.15
N GLY F 210 -4.95 -21.25 16.57
CA GLY F 210 -5.25 -21.95 15.34
C GLY F 210 -6.02 -23.25 15.43
N LEU F 211 -6.64 -23.53 16.58
CA LEU F 211 -7.49 -24.72 16.75
C LEU F 211 -8.56 -24.81 15.65
N ILE F 212 -9.26 -23.70 15.41
CA ILE F 212 -10.36 -23.70 14.47
C ILE F 212 -9.85 -24.17 13.10
N TYR F 213 -8.61 -23.81 12.76
CA TYR F 213 -8.01 -24.18 11.48
C TYR F 213 -7.24 -25.51 11.55
N ASP F 214 -6.43 -25.66 12.60
CA ASP F 214 -5.52 -26.80 12.70
C ASP F 214 -6.22 -28.13 12.99
N VAL F 215 -7.22 -28.11 13.87
CA VAL F 215 -7.95 -29.32 14.28
C VAL F 215 -9.21 -29.57 13.44
N PHE F 216 -10.03 -28.54 13.26
CA PHE F 216 -11.33 -28.70 12.61
C PHE F 216 -11.31 -28.34 11.13
N GLY F 217 -10.13 -28.00 10.62
CA GLY F 217 -9.93 -27.78 9.21
C GLY F 217 -10.71 -26.66 8.54
N VAL F 218 -10.95 -25.57 9.26
CA VAL F 218 -11.52 -24.39 8.63
C VAL F 218 -10.44 -23.82 7.71
N GLN F 219 -10.83 -23.47 6.48
CA GLN F 219 -9.86 -22.93 5.52
C GLN F 219 -9.70 -21.43 5.70
N PRO F 220 -8.47 -20.98 5.97
CA PRO F 220 -8.17 -19.57 6.29
C PRO F 220 -8.43 -18.67 5.10
N VAL F 221 -8.91 -17.47 5.40
CA VAL F 221 -9.34 -16.54 4.38
C VAL F 221 -8.14 -15.90 3.69
N LEU F 222 -7.00 -15.93 4.38
CA LEU F 222 -5.72 -15.49 3.83
C LEU F 222 -4.66 -16.56 4.10
N GLU F 223 -3.84 -16.87 3.09
CA GLU F 223 -2.76 -17.85 3.26
C GLU F 223 -1.83 -17.48 4.41
N ASP F 224 -1.69 -16.19 4.68
CA ASP F 224 -0.92 -15.72 5.81
C ASP F 224 -1.66 -14.61 6.56
N ILE F 225 -2.48 -15.02 7.52
CA ILE F 225 -3.24 -14.08 8.33
C ILE F 225 -2.31 -13.31 9.27
N LYS F 226 -1.38 -14.04 9.89
CA LYS F 226 -0.45 -13.44 10.84
C LYS F 226 0.41 -12.35 10.19
N ALA F 227 0.51 -12.39 8.87
CA ALA F 227 1.33 -11.44 8.14
C ALA F 227 0.51 -10.25 7.62
N ALA F 228 -0.79 -10.46 7.45
CA ALA F 228 -1.67 -9.41 6.93
C ALA F 228 -2.21 -8.52 8.05
N THR F 229 -2.05 -8.99 9.28
CA THR F 229 -2.53 -8.28 10.46
C THR F 229 -1.36 -7.65 11.22
N HIS F 230 -0.15 -8.12 10.93
CA HIS F 230 1.08 -7.66 11.58
C HIS F 230 1.06 -7.89 13.09
N GLY F 231 0.52 -9.05 13.49
CA GLY F 231 0.43 -9.44 14.89
C GLY F 231 -0.30 -8.42 15.75
N GLU F 232 -1.42 -7.94 15.23
CA GLU F 232 -2.07 -6.75 15.77
C GLU F 232 -3.56 -6.92 15.63
N PRO F 233 -4.34 -6.22 16.48
CA PRO F 233 -5.78 -6.14 16.26
C PRO F 233 -6.09 -5.71 14.84
N ILE F 234 -7.08 -6.35 14.25
CA ILE F 234 -7.64 -5.92 12.98
C ILE F 234 -8.76 -4.95 13.28
N SER F 235 -9.22 -4.25 12.25
CA SER F 235 -10.41 -3.41 12.34
C SER F 235 -11.59 -4.12 11.67
N PHE F 236 -12.78 -3.54 11.75
CA PHE F 236 -13.94 -4.13 11.09
C PHE F 236 -13.80 -4.00 9.58
N GLU F 237 -13.01 -3.03 9.14
CA GLU F 237 -12.75 -2.83 7.72
C GLU F 237 -12.03 -4.06 7.18
N PHE F 238 -11.23 -4.69 8.04
CA PHE F 238 -10.53 -5.91 7.69
C PHE F 238 -11.52 -7.04 7.40
N LEU F 239 -12.57 -7.10 8.22
CA LEU F 239 -13.61 -8.11 8.04
C LEU F 239 -14.29 -7.94 6.70
N LEU F 240 -14.45 -6.69 6.29
CA LEU F 240 -15.18 -6.33 5.09
C LEU F 240 -14.36 -6.64 3.85
N GLU F 241 -13.09 -6.27 3.89
CA GLU F 241 -12.17 -6.39 2.75
C GLU F 241 -11.89 -7.84 2.34
N HIS F 242 -11.57 -8.69 3.31
CA HIS F 242 -11.24 -10.08 3.04
C HIS F 242 -12.48 -10.95 3.05
N ASP F 243 -13.41 -10.61 3.95
CA ASP F 243 -14.80 -11.00 3.78
C ASP F 243 -15.03 -12.50 3.69
N PRO F 244 -14.85 -13.21 4.81
CA PRO F 244 -14.89 -14.66 4.77
C PRO F 244 -16.32 -15.17 4.83
N GLN F 245 -16.53 -16.40 4.34
N GLN F 245 -16.53 -16.40 4.35
CA GLN F 245 -17.85 -17.00 4.29
CA GLN F 245 -17.87 -16.97 4.30
C GLN F 245 -18.34 -17.35 5.68
C GLN F 245 -18.35 -17.43 5.67
N TRP F 246 -17.40 -17.60 6.59
CA TRP F 246 -17.71 -18.04 7.95
C TRP F 246 -16.87 -17.27 8.96
N LEU F 247 -17.54 -16.76 9.99
CA LEU F 247 -16.84 -16.04 11.05
C LEU F 247 -16.96 -16.79 12.37
N TRP F 248 -15.82 -17.26 12.88
CA TRP F 248 -15.80 -17.99 14.15
C TRP F 248 -15.33 -17.06 15.25
N VAL F 249 -16.14 -16.92 16.30
CA VAL F 249 -15.88 -15.90 17.32
C VAL F 249 -15.77 -16.46 18.74
N VAL F 250 -14.64 -16.19 19.39
CA VAL F 250 -14.51 -16.45 20.82
C VAL F 250 -14.43 -15.12 21.56
N ASP F 251 -15.41 -14.90 22.45
CA ASP F 251 -15.49 -13.67 23.24
C ASP F 251 -14.59 -13.75 24.47
N ARG F 252 -13.35 -13.25 24.35
CA ARG F 252 -12.36 -13.38 25.43
C ARG F 252 -12.80 -12.74 26.73
N ASP F 253 -13.39 -11.54 26.62
CA ASP F 253 -13.79 -10.81 27.80
C ASP F 253 -14.86 -11.57 28.61
N ALA F 254 -15.65 -12.38 27.93
CA ALA F 254 -16.63 -13.24 28.61
C ALA F 254 -15.92 -14.22 29.54
N ALA F 255 -14.84 -14.80 29.04
CA ALA F 255 -14.09 -15.85 29.73
C ALA F 255 -13.18 -15.33 30.85
N THR F 256 -12.67 -14.11 30.70
CA THR F 256 -11.74 -13.56 31.67
C THR F 256 -12.44 -12.75 32.75
N GLY F 257 -13.77 -12.66 32.68
CA GLY F 257 -14.52 -11.90 33.66
C GLY F 257 -14.17 -10.43 33.62
N ALA F 258 -13.89 -9.93 32.43
CA ALA F 258 -13.48 -8.56 32.22
C ALA F 258 -14.60 -7.58 32.57
N GLU F 259 -14.30 -6.67 33.50
CA GLU F 259 -15.28 -5.70 33.99
C GLU F 259 -15.73 -4.70 32.90
N GLY F 260 -17.03 -4.47 32.81
CA GLY F 260 -17.57 -3.39 32.00
C GLY F 260 -17.45 -3.56 30.49
N ALA F 261 -17.25 -4.80 30.05
CA ALA F 261 -17.17 -5.11 28.62
C ALA F 261 -18.56 -5.40 28.05
N GLN F 262 -18.72 -5.23 26.74
CA GLN F 262 -19.95 -5.62 26.07
C GLN F 262 -19.75 -6.94 25.35
N ALA F 263 -20.84 -7.71 25.20
CA ALA F 263 -20.76 -9.03 24.60
C ALA F 263 -20.31 -8.95 23.15
N ALA F 264 -19.59 -9.98 22.69
CA ALA F 264 -19.09 -9.98 21.33
C ALA F 264 -20.24 -9.85 20.31
N LYS F 265 -21.41 -10.40 20.63
CA LYS F 265 -22.58 -10.27 19.75
C LYS F 265 -22.89 -8.79 19.46
N VAL F 266 -22.83 -7.96 20.48
CA VAL F 266 -23.19 -6.56 20.27
C VAL F 266 -21.99 -5.74 19.77
N VAL F 267 -20.79 -6.22 20.03
CA VAL F 267 -19.61 -5.52 19.55
C VAL F 267 -19.48 -5.70 18.03
N LEU F 268 -20.09 -6.78 17.52
CA LEU F 268 -20.07 -7.09 16.08
C LEU F 268 -21.36 -6.64 15.39
N ASP F 269 -22.24 -6.01 16.17
CA ASP F 269 -23.44 -5.41 15.58
C ASP F 269 -23.11 -3.98 15.15
N ASN F 270 -22.33 -3.84 14.09
CA ASN F 270 -22.01 -2.53 13.54
C ASN F 270 -22.22 -2.43 12.04
N GLU F 271 -22.09 -1.22 11.51
CA GLU F 271 -22.46 -0.92 10.14
C GLU F 271 -21.51 -1.58 9.13
N ILE F 272 -20.27 -1.79 9.54
CA ILE F 272 -19.28 -2.38 8.65
C ILE F 272 -19.44 -3.89 8.62
N VAL F 273 -19.60 -4.49 9.78
CA VAL F 273 -19.71 -5.95 9.89
C VAL F 273 -21.05 -6.48 9.37
N ASN F 274 -22.11 -5.66 9.45
CA ASN F 274 -23.39 -6.10 8.94
C ASN F 274 -23.42 -6.20 7.43
N ARG F 275 -22.45 -5.56 6.78
CA ARG F 275 -22.31 -5.59 5.30
C ARG F 275 -21.41 -6.72 4.80
N THR F 276 -20.93 -7.57 5.70
CA THR F 276 -20.08 -8.68 5.29
C THR F 276 -20.94 -9.87 4.85
N THR F 277 -20.38 -10.77 4.04
CA THR F 277 -21.11 -11.95 3.61
C THR F 277 -21.41 -12.84 4.81
N ALA F 278 -20.42 -13.00 5.69
CA ALA F 278 -20.56 -13.89 6.83
C ALA F 278 -21.76 -13.48 7.67
N ALA F 279 -21.89 -12.18 7.89
CA ALA F 279 -23.01 -11.64 8.66
C ALA F 279 -24.33 -11.74 7.90
N THR F 280 -24.35 -11.30 6.64
CA THR F 280 -25.60 -11.27 5.88
C THR F 280 -26.19 -12.67 5.70
N GLU F 281 -25.30 -13.67 5.66
CA GLU F 281 -25.71 -15.04 5.34
C GLU F 281 -25.96 -15.93 6.56
N ASP F 282 -25.83 -15.36 7.76
CA ASP F 282 -26.03 -16.07 9.02
C ASP F 282 -24.92 -17.09 9.29
N HIS F 283 -23.69 -16.68 9.03
CA HIS F 283 -22.57 -17.58 9.21
C HIS F 283 -21.63 -17.14 10.32
N VAL F 284 -22.17 -16.49 11.36
CA VAL F 284 -21.36 -16.16 12.54
C VAL F 284 -21.60 -17.14 13.67
N LEU F 285 -20.61 -17.99 13.93
CA LEU F 285 -20.71 -18.93 15.05
C LEU F 285 -19.89 -18.48 16.27
N TYR F 286 -20.51 -18.56 17.44
CA TYR F 286 -19.82 -18.24 18.67
C TYR F 286 -19.30 -19.48 19.39
N LEU F 287 -18.01 -19.46 19.71
CA LEU F 287 -17.41 -20.55 20.49
C LEU F 287 -17.48 -20.26 22.00
N ASN F 288 -17.64 -21.33 22.79
CA ASN F 288 -17.64 -21.28 24.25
C ASN F 288 -16.33 -20.68 24.78
N PRO F 289 -16.38 -19.42 25.25
CA PRO F 289 -15.15 -18.71 25.64
C PRO F 289 -14.36 -19.45 26.73
N THR F 290 -15.01 -19.93 27.78
CA THR F 290 -14.29 -20.69 28.81
C THR F 290 -13.58 -21.91 28.22
N ALA F 291 -14.30 -22.69 27.41
CA ALA F 291 -13.72 -23.87 26.82
C ALA F 291 -12.53 -23.55 25.89
N TRP F 292 -12.76 -22.64 24.96
CA TRP F 292 -11.78 -22.35 23.91
C TRP F 292 -10.65 -21.44 24.36
N TYR F 293 -10.90 -20.58 25.34
CA TYR F 293 -9.87 -19.65 25.78
C TYR F 293 -9.20 -19.99 27.12
N ILE F 294 -9.99 -20.38 28.14
CA ILE F 294 -9.43 -20.66 29.47
C ILE F 294 -8.84 -22.07 29.58
N VAL F 295 -9.58 -23.06 29.10
CA VAL F 295 -9.22 -24.46 29.28
C VAL F 295 -8.41 -25.07 28.13
N PHE F 296 -8.89 -24.89 26.89
CA PHE F 296 -8.28 -25.44 25.65
C PHE F 296 -7.55 -26.78 25.82
N GLY F 297 -8.32 -27.84 26.01
CA GLY F 297 -7.76 -29.16 26.23
C GLY F 297 -8.59 -29.88 27.26
N GLY F 298 -8.38 -31.19 27.37
CA GLY F 298 -9.16 -31.98 28.29
C GLY F 298 -10.32 -32.64 27.60
N VAL F 299 -10.82 -33.72 28.18
CA VAL F 299 -11.85 -34.55 27.57
C VAL F 299 -13.19 -33.84 27.45
N GLU F 300 -13.76 -33.42 28.58
CA GLU F 300 -15.06 -32.78 28.58
C GLU F 300 -15.05 -31.49 27.75
N THR F 301 -13.94 -30.78 27.79
CA THR F 301 -13.79 -29.53 27.04
C THR F 301 -13.79 -29.76 25.53
N THR F 302 -13.08 -30.80 25.08
CA THR F 302 -13.05 -31.15 23.67
C THR F 302 -14.44 -31.49 23.17
N ARG F 303 -15.19 -32.21 24.01
CA ARG F 303 -16.60 -32.51 23.72
C ARG F 303 -17.34 -31.22 23.47
N ILE F 304 -17.06 -30.21 24.29
CA ILE F 304 -17.72 -28.92 24.15
C ILE F 304 -17.33 -28.28 22.82
N MSE F 305 -16.03 -28.32 22.51
CA MSE F 305 -15.53 -27.80 21.24
C MSE F 305 -16.16 -28.48 20.03
O MSE F 305 -16.44 -27.82 19.03
CB MSE F 305 -14.00 -27.91 21.17
CG MSE F 305 -13.24 -26.90 22.01
SE MSE F 305 -11.41 -27.47 22.36
CE MSE F 305 -10.81 -27.67 20.52
N ILE F 306 -16.38 -29.80 20.10
CA ILE F 306 -17.06 -30.54 19.05
C ILE F 306 -18.40 -29.89 18.74
N ASP F 307 -19.28 -29.86 19.74
CA ASP F 307 -20.64 -29.33 19.57
C ASP F 307 -20.65 -27.89 19.06
N ASP F 308 -19.70 -27.10 19.52
CA ASP F 308 -19.55 -25.73 19.04
C ASP F 308 -19.27 -25.70 17.54
N VAL F 309 -18.36 -26.56 17.09
CA VAL F 309 -17.99 -26.62 15.67
C VAL F 309 -19.12 -27.18 14.81
N LEU F 310 -19.82 -28.21 15.30
CA LEU F 310 -20.95 -28.82 14.57
C LEU F 310 -22.12 -27.87 14.30
N GLN F 311 -22.07 -26.67 14.89
CA GLN F 311 -23.10 -25.67 14.65
C GLN F 311 -23.18 -25.28 13.16
N VAL F 312 -22.08 -25.42 12.40
CA VAL F 312 -22.13 -25.10 10.96
C VAL F 312 -23.14 -25.96 10.25
N ALA F 313 -23.26 -27.21 10.70
CA ALA F 313 -24.13 -28.18 10.04
C ALA F 313 -25.58 -27.66 10.00
N ALA F 314 -25.95 -26.88 11.00
CA ALA F 314 -27.30 -26.35 11.09
C ALA F 314 -27.37 -24.91 10.59
N ARG F 315 -26.83 -24.68 9.39
CA ARG F 315 -26.69 -23.33 8.87
C ARG F 315 -26.90 -23.29 7.36
#